data_4D4W
#
_entry.id   4D4W
#
_cell.length_a   1.000
_cell.length_b   1.000
_cell.length_c   1.000
_cell.angle_alpha   90.00
_cell.angle_beta   90.00
_cell.angle_gamma   90.00
#
_symmetry.space_group_name_H-M   'P 1'
#
_entity_poly.entity_id   1
_entity_poly.type   'polypeptide(L)'
_entity_poly.pdbx_seq_one_letter_code
;GPLGSEQRMFKRVGCGECAACQVTEDCGACSTCLLQLPHDVASGLFCKCERRRCLRIVERS
;
_entity_poly.pdbx_strand_id   A
#
# COMPACT_ATOMS: atom_id res chain seq x y z
N GLY A 1 -18.32 -4.97 -11.59
CA GLY A 1 -18.66 -4.26 -12.85
C GLY A 1 -19.54 -5.10 -13.74
N PRO A 2 -20.07 -4.52 -14.84
CA PRO A 2 -20.98 -5.21 -15.75
C PRO A 2 -20.33 -6.40 -16.45
N LEU A 3 -19.01 -6.35 -16.57
CA LEU A 3 -18.27 -7.44 -17.20
C LEU A 3 -17.60 -8.31 -16.14
N GLY A 4 -18.00 -8.12 -14.89
CA GLY A 4 -17.44 -8.90 -13.80
C GLY A 4 -16.68 -8.04 -12.81
N SER A 5 -16.00 -8.70 -11.90
CA SER A 5 -15.21 -8.01 -10.90
C SER A 5 -13.76 -8.50 -10.93
N GLU A 6 -13.41 -9.16 -12.04
CA GLU A 6 -12.07 -9.69 -12.22
C GLU A 6 -11.22 -8.74 -13.04
N GLN A 7 -9.94 -8.66 -12.71
CA GLN A 7 -9.03 -7.77 -13.41
C GLN A 7 -8.06 -8.58 -14.27
N ARG A 8 -7.86 -8.13 -15.51
CA ARG A 8 -6.96 -8.82 -16.43
C ARG A 8 -5.57 -8.20 -16.36
N MET A 9 -5.47 -7.05 -15.72
CA MET A 9 -4.21 -6.32 -15.61
C MET A 9 -4.28 -5.34 -14.46
N PHE A 10 -3.54 -5.60 -13.40
CA PHE A 10 -3.53 -4.73 -12.24
C PHE A 10 -2.59 -3.56 -12.49
N LYS A 11 -3.16 -2.43 -12.91
CA LYS A 11 -2.39 -1.25 -13.25
C LYS A 11 -2.07 -0.43 -12.00
N ARG A 12 -1.10 -0.92 -11.22
CA ARG A 12 -0.69 -0.28 -9.98
C ARG A 12 -1.88 -0.13 -9.05
N VAL A 13 -2.52 -1.26 -8.78
CA VAL A 13 -3.71 -1.29 -7.93
C VAL A 13 -3.69 -2.58 -7.11
N GLY A 14 -4.37 -2.56 -5.98
CA GLY A 14 -4.33 -3.70 -5.07
C GLY A 14 -5.25 -4.82 -5.48
N CYS A 15 -5.15 -5.95 -4.78
CA CYS A 15 -5.96 -7.12 -5.03
C CYS A 15 -7.46 -6.82 -4.95
N GLY A 16 -7.79 -5.77 -4.19
CA GLY A 16 -9.19 -5.40 -4.01
C GLY A 16 -9.89 -6.26 -2.98
N GLU A 17 -9.13 -7.14 -2.35
CA GLU A 17 -9.69 -8.07 -1.38
C GLU A 17 -9.19 -7.79 0.04
N CYS A 18 -7.88 -7.73 0.20
CA CYS A 18 -7.30 -7.67 1.54
C CYS A 18 -7.37 -6.27 2.12
N ALA A 19 -7.37 -6.18 3.45
CA ALA A 19 -7.49 -4.92 4.19
C ALA A 19 -6.57 -3.84 3.61
N ALA A 20 -5.29 -4.14 3.48
CA ALA A 20 -4.29 -3.19 3.01
C ALA A 20 -4.68 -2.53 1.69
N CYS A 21 -5.27 -3.30 0.78
CA CYS A 21 -5.68 -2.76 -0.51
C CYS A 21 -6.98 -1.96 -0.40
N GLN A 22 -7.64 -2.06 0.75
CA GLN A 22 -8.82 -1.23 1.03
C GLN A 22 -8.35 0.09 1.65
N VAL A 23 -7.25 0.00 2.38
CA VAL A 23 -6.64 1.14 3.04
C VAL A 23 -5.95 2.02 1.99
N THR A 24 -6.07 3.33 2.13
CA THR A 24 -5.45 4.23 1.17
C THR A 24 -4.38 5.11 1.80
N GLU A 25 -4.55 5.41 3.08
CA GLU A 25 -3.59 6.26 3.80
C GLU A 25 -2.91 5.47 4.90
N ASP A 26 -2.06 6.15 5.65
CA ASP A 26 -1.43 5.54 6.81
C ASP A 26 -2.47 5.25 7.89
N CYS A 27 -2.58 3.97 8.25
CA CYS A 27 -3.56 3.53 9.25
C CYS A 27 -3.31 4.19 10.60
N GLY A 28 -2.08 4.63 10.84
CA GLY A 28 -1.74 5.30 12.08
C GLY A 28 -1.48 4.35 13.23
N ALA A 29 -1.33 3.05 12.94
CA ALA A 29 -1.07 2.08 14.00
C ALA A 29 0.07 1.11 13.66
N CYS A 30 1.00 1.50 12.80
CA CYS A 30 2.19 0.68 12.57
C CYS A 30 3.39 1.39 13.16
N SER A 31 4.32 0.63 13.72
CA SER A 31 5.58 1.20 14.20
C SER A 31 6.18 2.12 13.15
N THR A 32 5.99 1.75 11.88
CA THR A 32 6.49 2.52 10.76
C THR A 32 5.61 3.73 10.45
N CYS A 33 4.29 3.53 10.29
CA CYS A 33 3.41 4.63 9.87
C CYS A 33 3.16 5.63 11.01
N LEU A 34 3.73 5.37 12.17
CA LEU A 34 3.76 6.38 13.22
C LEU A 34 4.88 7.38 12.94
N LEU A 35 5.85 6.94 12.13
CA LEU A 35 6.98 7.76 11.74
C LEU A 35 6.70 8.51 10.44
N GLN A 36 5.43 8.77 10.16
CA GLN A 36 5.06 9.49 8.96
C GLN A 36 5.27 10.98 9.16
N LEU A 37 6.38 11.48 8.66
CA LEU A 37 6.68 12.90 8.72
C LEU A 37 5.92 13.64 7.62
N PRO A 38 4.95 14.48 8.01
CA PRO A 38 4.11 15.21 7.05
C PRO A 38 4.90 16.24 6.26
N HIS A 39 6.01 16.69 6.83
CA HIS A 39 6.89 17.63 6.16
C HIS A 39 7.89 16.85 5.30
N ASP A 40 7.36 16.12 4.33
CA ASP A 40 8.19 15.32 3.44
C ASP A 40 8.79 16.19 2.36
N VAL A 41 10.09 16.07 2.16
CA VAL A 41 10.80 16.91 1.20
C VAL A 41 11.52 16.05 0.16
N ALA A 42 11.01 14.85 -0.07
CA ALA A 42 11.64 13.94 -1.00
C ALA A 42 10.59 13.23 -1.85
N SER A 43 11.00 12.23 -2.60
CA SER A 43 10.08 11.46 -3.43
C SER A 43 10.44 9.99 -3.36
N GLY A 44 10.22 9.40 -2.20
CA GLY A 44 10.53 8.00 -1.99
C GLY A 44 10.26 7.59 -0.57
N LEU A 45 11.29 7.04 0.08
CA LEU A 45 11.21 6.60 1.48
C LEU A 45 10.30 5.39 1.64
N PHE A 46 10.89 4.24 1.95
CA PHE A 46 10.13 3.01 2.13
C PHE A 46 9.58 2.91 3.55
N CYS A 47 9.69 4.01 4.29
CA CYS A 47 9.16 4.08 5.64
C CYS A 47 7.70 4.51 5.60
N LYS A 48 6.81 3.55 5.36
CA LYS A 48 5.40 3.83 5.23
C LYS A 48 4.56 2.73 5.89
N CYS A 49 3.28 3.02 6.02
CA CYS A 49 2.33 2.08 6.59
C CYS A 49 2.39 0.72 5.91
N GLU A 50 2.71 -0.30 6.68
CA GLU A 50 2.83 -1.65 6.16
C GLU A 50 1.46 -2.27 5.93
N ARG A 51 0.42 -1.48 6.15
CA ARG A 51 -0.93 -1.89 5.79
C ARG A 51 -1.31 -1.26 4.46
N ARG A 52 -0.29 -0.89 3.70
CA ARG A 52 -0.47 -0.50 2.31
C ARG A 52 0.07 -1.60 1.41
N ARG A 53 0.82 -2.49 2.05
CA ARG A 53 1.39 -3.64 1.39
C ARG A 53 0.41 -4.80 1.47
N CYS A 54 0.04 -5.33 0.30
CA CYS A 54 -0.93 -6.41 0.19
C CYS A 54 -0.58 -7.58 1.11
N LEU A 55 -1.57 -8.03 1.88
CA LEU A 55 -1.40 -9.15 2.80
C LEU A 55 -1.35 -10.47 2.04
N ARG A 56 -1.86 -10.45 0.81
CA ARG A 56 -1.86 -11.60 -0.06
C ARG A 56 -1.50 -11.13 -1.46
N ILE A 57 -0.26 -10.69 -1.60
CA ILE A 57 0.23 -10.10 -2.86
C ILE A 57 -0.10 -11.01 -4.05
N VAL A 58 -1.14 -10.63 -4.78
CA VAL A 58 -1.58 -11.39 -5.95
C VAL A 58 -1.95 -10.46 -7.10
N GLU A 59 -1.64 -9.17 -6.94
CA GLU A 59 -1.95 -8.19 -7.96
C GLU A 59 -0.68 -7.77 -8.70
N ARG A 60 0.12 -8.76 -9.08
CA ARG A 60 1.40 -8.50 -9.72
C ARG A 60 1.22 -8.20 -11.20
N SER A 61 0.57 -7.08 -11.49
CA SER A 61 0.34 -6.61 -12.85
C SER A 61 -0.47 -7.63 -13.66
N GLY A 1 -12.00 16.13 -13.73
CA GLY A 1 -12.32 15.10 -14.75
C GLY A 1 -12.54 13.73 -14.13
N PRO A 2 -12.29 12.65 -14.89
CA PRO A 2 -12.46 11.27 -14.40
C PRO A 2 -11.38 10.87 -13.40
N LEU A 3 -10.24 11.55 -13.48
CA LEU A 3 -9.11 11.32 -12.58
C LEU A 3 -8.51 9.92 -12.76
N GLY A 4 -9.11 8.94 -12.09
CA GLY A 4 -8.61 7.58 -12.18
C GLY A 4 -9.72 6.59 -12.41
N SER A 5 -10.71 6.99 -13.21
CA SER A 5 -11.86 6.13 -13.51
C SER A 5 -11.42 4.90 -14.32
N GLU A 6 -10.45 5.09 -15.20
CA GLU A 6 -9.93 3.99 -16.00
C GLU A 6 -8.96 3.14 -15.19
N GLN A 7 -9.48 2.52 -14.14
CA GLN A 7 -8.70 1.61 -13.30
C GLN A 7 -8.78 0.20 -13.87
N ARG A 8 -8.43 0.09 -15.14
CA ARG A 8 -8.53 -1.18 -15.87
C ARG A 8 -7.36 -2.09 -15.51
N MET A 9 -7.67 -3.33 -15.12
CA MET A 9 -6.67 -4.28 -14.64
C MET A 9 -6.06 -3.82 -13.32
N PHE A 10 -6.42 -4.51 -12.25
CA PHE A 10 -6.01 -4.12 -10.91
C PHE A 10 -4.58 -4.56 -10.59
N LYS A 11 -3.67 -4.30 -11.52
CA LYS A 11 -2.25 -4.54 -11.29
C LYS A 11 -1.64 -3.31 -10.61
N ARG A 12 -2.42 -2.23 -10.59
CA ARG A 12 -1.99 -0.99 -9.97
C ARG A 12 -2.23 -1.03 -8.47
N VAL A 13 -2.80 -2.13 -8.01
CA VAL A 13 -3.04 -2.37 -6.61
C VAL A 13 -2.76 -3.84 -6.29
N GLY A 14 -3.03 -4.26 -5.07
CA GLY A 14 -2.85 -5.66 -4.72
C GLY A 14 -4.05 -6.50 -5.10
N CYS A 15 -4.37 -7.46 -4.24
CA CYS A 15 -5.50 -8.36 -4.47
C CYS A 15 -6.82 -7.61 -4.59
N GLY A 16 -6.90 -6.44 -3.95
CA GLY A 16 -8.13 -5.68 -3.93
C GLY A 16 -9.12 -6.17 -2.89
N GLU A 17 -8.71 -7.17 -2.11
CA GLU A 17 -9.59 -7.76 -1.12
C GLU A 17 -9.10 -7.51 0.32
N CYS A 18 -7.80 -7.60 0.52
CA CYS A 18 -7.23 -7.54 1.86
C CYS A 18 -7.27 -6.13 2.42
N ALA A 19 -7.17 -6.01 3.74
CA ALA A 19 -7.21 -4.72 4.43
C ALA A 19 -6.31 -3.70 3.74
N ALA A 20 -5.05 -4.06 3.56
CA ALA A 20 -4.06 -3.17 2.95
C ALA A 20 -4.52 -2.61 1.61
N CYS A 21 -5.28 -3.41 0.86
CA CYS A 21 -5.79 -2.98 -0.43
C CYS A 21 -6.91 -1.97 -0.28
N GLN A 22 -7.64 -2.05 0.83
CA GLN A 22 -8.76 -1.16 1.08
C GLN A 22 -8.28 0.12 1.77
N VAL A 23 -7.12 0.03 2.42
CA VAL A 23 -6.51 1.16 3.10
C VAL A 23 -5.96 2.15 2.08
N THR A 24 -6.23 3.43 2.29
CA THR A 24 -5.79 4.45 1.36
C THR A 24 -4.65 5.29 1.92
N GLU A 25 -4.68 5.53 3.24
CA GLU A 25 -3.69 6.37 3.88
C GLU A 25 -3.02 5.63 5.04
N ASP A 26 -2.11 6.31 5.71
CA ASP A 26 -1.44 5.73 6.88
C ASP A 26 -2.46 5.42 7.98
N CYS A 27 -2.55 4.14 8.32
CA CYS A 27 -3.55 3.66 9.28
C CYS A 27 -3.35 4.26 10.67
N GLY A 28 -2.13 4.69 10.97
CA GLY A 28 -1.82 5.27 12.26
C GLY A 28 -1.60 4.25 13.36
N ALA A 29 -1.45 2.98 12.99
CA ALA A 29 -1.24 1.93 13.99
C ALA A 29 0.01 1.07 13.73
N CYS A 30 0.89 1.49 12.81
CA CYS A 30 2.14 0.78 12.62
C CYS A 30 3.27 1.64 13.16
N SER A 31 4.17 1.04 13.93
CA SER A 31 5.37 1.74 14.40
C SER A 31 6.10 2.40 13.23
N THR A 32 5.87 1.88 12.03
CA THR A 32 6.43 2.43 10.81
C THR A 32 5.64 3.66 10.33
N CYS A 33 4.32 3.51 10.13
CA CYS A 33 3.52 4.62 9.62
C CYS A 33 3.35 5.72 10.66
N LEU A 34 3.79 5.45 11.89
CA LEU A 34 3.84 6.46 12.94
C LEU A 34 5.05 7.38 12.75
N LEU A 35 6.02 6.92 11.98
CA LEU A 35 7.23 7.69 11.74
C LEU A 35 6.96 8.80 10.73
N GLN A 36 6.63 8.41 9.51
CA GLN A 36 6.42 9.34 8.41
C GLN A 36 7.64 10.25 8.25
N LEU A 37 8.76 9.65 7.89
CA LEU A 37 10.02 10.38 7.75
C LEU A 37 10.07 11.13 6.42
N PRO A 38 10.25 12.45 6.46
CA PRO A 38 10.38 13.25 5.25
C PRO A 38 11.72 13.03 4.57
N HIS A 39 11.69 12.35 3.41
CA HIS A 39 12.89 12.01 2.66
C HIS A 39 13.66 10.88 3.33
N ASP A 40 14.05 9.89 2.53
CA ASP A 40 14.80 8.74 3.05
C ASP A 40 16.16 9.16 3.56
N VAL A 41 16.29 9.24 4.89
CA VAL A 41 17.56 9.56 5.50
C VAL A 41 18.37 8.29 5.71
N ALA A 42 17.67 7.19 5.86
CA ALA A 42 18.30 5.88 6.03
C ALA A 42 17.79 4.93 4.97
N SER A 43 18.46 4.93 3.83
CA SER A 43 18.08 4.08 2.71
C SER A 43 18.14 2.61 3.12
N GLY A 44 16.99 1.98 3.13
CA GLY A 44 16.88 0.61 3.59
C GLY A 44 15.74 0.46 4.57
N LEU A 45 15.47 1.53 5.31
CA LEU A 45 14.35 1.57 6.23
C LEU A 45 13.09 1.94 5.45
N PHE A 46 12.18 1.00 5.31
CA PHE A 46 10.97 1.24 4.55
C PHE A 46 9.92 1.92 5.42
N CYS A 47 9.88 3.25 5.36
CA CYS A 47 8.92 4.00 6.16
C CYS A 47 7.58 4.07 5.45
N LYS A 48 6.86 2.95 5.48
CA LYS A 48 5.56 2.84 4.85
C LYS A 48 4.64 1.99 5.70
N CYS A 49 3.39 2.42 5.83
CA CYS A 49 2.37 1.71 6.57
C CYS A 49 2.27 0.26 6.10
N GLU A 50 2.26 -0.67 7.07
CA GLU A 50 2.18 -2.10 6.78
C GLU A 50 0.86 -2.45 6.10
N ARG A 51 -0.11 -1.54 6.16
CA ARG A 51 -1.38 -1.76 5.50
C ARG A 51 -1.40 -1.08 4.14
N ARG A 52 -0.26 -1.07 3.49
CA ARG A 52 -0.17 -0.61 2.12
C ARG A 52 0.35 -1.72 1.23
N ARG A 53 1.17 -2.56 1.83
CA ARG A 53 1.67 -3.75 1.15
C ARG A 53 0.65 -4.86 1.25
N CYS A 54 0.13 -5.26 0.10
CA CYS A 54 -0.88 -6.30 0.01
C CYS A 54 -0.43 -7.57 0.75
N LEU A 55 -1.29 -8.08 1.62
CA LEU A 55 -1.00 -9.31 2.36
C LEU A 55 -1.28 -10.54 1.49
N ARG A 56 -1.82 -10.30 0.31
CA ARG A 56 -2.16 -11.38 -0.62
C ARG A 56 -1.87 -10.95 -2.04
N ILE A 57 -0.60 -10.79 -2.36
CA ILE A 57 -0.19 -10.41 -3.70
C ILE A 57 -0.49 -11.54 -4.68
N VAL A 58 -1.61 -11.42 -5.37
CA VAL A 58 -2.00 -12.39 -6.38
C VAL A 58 -1.53 -11.92 -7.75
N GLU A 59 -0.24 -12.04 -7.96
CA GLU A 59 0.37 -11.57 -9.20
C GLU A 59 1.12 -12.70 -9.88
N ARG A 60 0.48 -13.29 -10.89
CA ARG A 60 1.06 -14.40 -11.61
C ARG A 60 1.80 -13.92 -12.84
N SER A 61 2.80 -14.67 -13.24
CA SER A 61 3.58 -14.36 -14.42
C SER A 61 3.84 -15.64 -15.20
N GLY A 1 -15.12 -13.83 -21.10
CA GLY A 1 -16.43 -14.35 -20.63
C GLY A 1 -16.59 -14.20 -19.13
N PRO A 2 -17.83 -14.16 -18.62
CA PRO A 2 -18.11 -14.04 -17.19
C PRO A 2 -17.64 -15.26 -16.40
N LEU A 3 -16.40 -15.24 -15.96
CA LEU A 3 -15.87 -16.32 -15.13
C LEU A 3 -15.42 -15.78 -13.78
N GLY A 4 -15.04 -14.52 -13.75
CA GLY A 4 -14.65 -13.88 -12.50
C GLY A 4 -13.16 -13.89 -12.28
N SER A 5 -12.43 -14.62 -13.11
CA SER A 5 -10.98 -14.70 -12.98
C SER A 5 -10.29 -13.79 -13.98
N GLU A 6 -10.71 -13.88 -15.24
CA GLU A 6 -10.11 -13.08 -16.31
C GLU A 6 -10.31 -11.59 -16.07
N GLN A 7 -9.28 -10.80 -16.38
CA GLN A 7 -9.31 -9.34 -16.27
C GLN A 7 -9.48 -8.89 -14.81
N ARG A 8 -9.25 -9.81 -13.89
CA ARG A 8 -9.31 -9.49 -12.47
C ARG A 8 -8.02 -9.95 -11.79
N MET A 9 -7.18 -8.99 -11.43
CA MET A 9 -5.93 -9.31 -10.72
C MET A 9 -5.39 -8.07 -10.02
N PHE A 10 -5.77 -6.89 -10.54
CA PHE A 10 -5.36 -5.59 -9.99
C PHE A 10 -3.87 -5.32 -10.21
N LYS A 11 -3.03 -6.19 -9.64
CA LYS A 11 -1.57 -6.11 -9.76
C LYS A 11 -0.99 -4.92 -8.99
N ARG A 12 -1.59 -3.75 -9.18
CA ARG A 12 -1.12 -2.53 -8.53
C ARG A 12 -1.63 -2.46 -7.10
N VAL A 13 -2.84 -2.93 -6.89
CA VAL A 13 -3.45 -2.89 -5.58
C VAL A 13 -3.19 -4.21 -4.84
N GLY A 14 -3.26 -5.30 -5.58
CA GLY A 14 -3.12 -6.61 -5.01
C GLY A 14 -4.38 -7.42 -5.19
N CYS A 15 -4.79 -8.14 -4.15
CA CYS A 15 -6.02 -8.92 -4.20
C CYS A 15 -7.25 -8.01 -4.40
N GLY A 16 -7.15 -6.78 -3.91
CA GLY A 16 -8.25 -5.84 -4.01
C GLY A 16 -9.29 -5.98 -2.91
N GLU A 17 -9.14 -7.02 -2.07
CA GLU A 17 -10.17 -7.32 -1.07
C GLU A 17 -9.68 -7.12 0.36
N CYS A 18 -8.38 -7.32 0.60
CA CYS A 18 -7.86 -7.30 1.97
C CYS A 18 -7.76 -5.87 2.49
N ALA A 19 -7.58 -5.74 3.81
CA ALA A 19 -7.45 -4.44 4.46
C ALA A 19 -6.48 -3.53 3.72
N ALA A 20 -5.23 -3.97 3.62
CA ALA A 20 -4.17 -3.19 2.97
C ALA A 20 -4.56 -2.70 1.59
N CYS A 21 -5.36 -3.48 0.87
CA CYS A 21 -5.80 -3.09 -0.47
C CYS A 21 -6.77 -1.91 -0.41
N GLN A 22 -7.55 -1.84 0.66
CA GLN A 22 -8.51 -0.76 0.84
C GLN A 22 -7.88 0.43 1.55
N VAL A 23 -6.75 0.19 2.21
CA VAL A 23 -6.05 1.26 2.91
C VAL A 23 -5.34 2.16 1.90
N THR A 24 -5.57 3.46 2.02
CA THR A 24 -4.91 4.43 1.18
C THR A 24 -4.10 5.43 2.01
N GLU A 25 -4.35 5.41 3.31
CA GLU A 25 -3.72 6.36 4.22
C GLU A 25 -2.90 5.62 5.28
N ASP A 26 -2.24 6.38 6.13
CA ASP A 26 -1.56 5.81 7.29
C ASP A 26 -2.60 5.28 8.28
N CYS A 27 -2.65 3.96 8.40
CA CYS A 27 -3.65 3.31 9.24
C CYS A 27 -3.55 3.76 10.71
N GLY A 28 -2.34 4.14 11.12
CA GLY A 28 -2.13 4.57 12.49
C GLY A 28 -1.82 3.44 13.44
N ALA A 29 -1.51 2.25 12.89
CA ALA A 29 -1.18 1.10 13.73
C ALA A 29 0.16 0.44 13.35
N CYS A 30 1.02 1.16 12.61
CA CYS A 30 2.35 0.64 12.34
C CYS A 30 3.37 1.65 12.83
N SER A 31 4.39 1.18 13.54
CA SER A 31 5.49 2.04 14.00
C SER A 31 6.09 2.81 12.82
N THR A 32 5.85 2.32 11.61
CA THR A 32 6.26 2.97 10.40
C THR A 32 5.34 4.15 10.07
N CYS A 33 4.04 3.87 9.92
CA CYS A 33 3.08 4.92 9.58
C CYS A 33 2.89 5.91 10.73
N LEU A 34 3.32 5.53 11.92
CA LEU A 34 3.27 6.40 13.09
C LEU A 34 4.34 7.48 13.03
N LEU A 35 5.27 7.33 12.09
CA LEU A 35 6.34 8.31 11.92
C LEU A 35 5.80 9.55 11.21
N GLN A 36 4.70 9.38 10.47
CA GLN A 36 4.09 10.48 9.73
C GLN A 36 5.11 11.12 8.81
N LEU A 37 5.45 10.44 7.73
CA LEU A 37 6.48 10.91 6.81
C LEU A 37 5.94 12.00 5.90
N PRO A 38 6.43 13.24 6.07
CA PRO A 38 5.95 14.39 5.32
C PRO A 38 6.57 14.49 3.94
N HIS A 39 6.37 13.46 3.13
CA HIS A 39 6.89 13.43 1.78
C HIS A 39 5.80 13.08 0.78
N ASP A 40 5.14 14.10 0.25
CA ASP A 40 4.19 13.90 -0.85
C ASP A 40 4.97 13.93 -2.15
N VAL A 41 6.10 14.61 -2.12
CA VAL A 41 7.04 14.62 -3.23
C VAL A 41 8.30 13.88 -2.83
N ALA A 42 8.85 13.09 -3.75
CA ALA A 42 10.02 12.27 -3.47
C ALA A 42 9.75 11.36 -2.29
N SER A 43 8.78 10.48 -2.45
CA SER A 43 8.34 9.60 -1.37
C SER A 43 8.78 8.16 -1.64
N GLY A 44 10.05 7.89 -1.38
CA GLY A 44 10.57 6.55 -1.59
C GLY A 44 10.64 5.76 -0.29
N LEU A 45 11.27 4.59 -0.36
CA LEU A 45 11.44 3.70 0.79
C LEU A 45 10.11 3.09 1.24
N PHE A 46 10.11 1.77 1.43
CA PHE A 46 8.91 1.08 1.88
C PHE A 46 8.83 1.09 3.41
N CYS A 47 9.32 2.17 4.01
CA CYS A 47 9.28 2.33 5.45
C CYS A 47 7.99 3.01 5.88
N LYS A 48 6.98 2.89 5.01
CA LYS A 48 5.69 3.49 5.25
C LYS A 48 4.76 2.48 5.91
N CYS A 49 3.49 2.84 6.05
CA CYS A 49 2.47 1.96 6.62
C CYS A 49 2.57 0.54 6.04
N GLU A 50 2.82 -0.43 6.91
CA GLU A 50 2.94 -1.83 6.50
C GLU A 50 1.61 -2.37 5.98
N ARG A 51 0.51 -1.72 6.35
CA ARG A 51 -0.80 -2.17 5.92
C ARG A 51 -1.20 -1.49 4.61
N ARG A 52 -0.21 -1.29 3.75
CA ARG A 52 -0.44 -0.82 2.40
C ARG A 52 -0.15 -1.92 1.41
N ARG A 53 0.79 -2.77 1.78
CA ARG A 53 1.16 -3.91 0.96
C ARG A 53 0.17 -5.05 1.16
N CYS A 54 -0.37 -5.55 0.06
CA CYS A 54 -1.33 -6.64 0.10
C CYS A 54 -0.78 -7.83 0.88
N LEU A 55 -1.56 -8.30 1.85
CA LEU A 55 -1.16 -9.45 2.66
C LEU A 55 -1.32 -10.75 1.88
N ARG A 56 -2.13 -10.70 0.83
CA ARG A 56 -2.38 -11.88 0.00
C ARG A 56 -1.75 -11.68 -1.38
N ILE A 57 -1.06 -10.55 -1.53
CA ILE A 57 -0.43 -10.13 -2.77
C ILE A 57 -1.32 -10.44 -3.99
N VAL A 58 -0.72 -10.90 -5.07
CA VAL A 58 -1.47 -11.19 -6.28
C VAL A 58 -1.88 -12.67 -6.30
N GLU A 59 -1.43 -13.41 -5.29
CA GLU A 59 -1.80 -14.81 -5.12
C GLU A 59 -3.31 -14.91 -5.02
N ARG A 60 -3.88 -14.20 -4.06
CA ARG A 60 -5.32 -14.10 -3.88
C ARG A 60 -5.98 -15.49 -3.87
N SER A 61 -5.50 -16.34 -2.98
CA SER A 61 -6.05 -17.67 -2.83
C SER A 61 -6.05 -18.04 -1.35
N GLY A 1 -21.94 -4.75 -17.63
CA GLY A 1 -20.81 -3.88 -17.22
C GLY A 1 -19.86 -4.61 -16.29
N PRO A 2 -18.54 -4.37 -16.40
CA PRO A 2 -17.53 -5.01 -15.56
C PRO A 2 -17.79 -4.75 -14.07
N LEU A 3 -18.08 -3.50 -13.73
CA LEU A 3 -18.40 -3.13 -12.36
C LEU A 3 -19.75 -3.75 -11.96
N GLY A 4 -19.68 -4.91 -11.34
CA GLY A 4 -20.88 -5.65 -11.02
C GLY A 4 -20.67 -7.13 -11.23
N SER A 5 -20.06 -7.47 -12.36
CA SER A 5 -19.66 -8.84 -12.62
C SER A 5 -18.44 -9.17 -11.75
N GLU A 6 -17.59 -8.17 -11.59
CA GLU A 6 -16.44 -8.25 -10.72
C GLU A 6 -16.20 -6.88 -10.12
N GLN A 7 -15.06 -6.69 -9.46
CA GLN A 7 -14.71 -5.39 -8.93
C GLN A 7 -14.46 -4.41 -10.08
N ARG A 8 -13.35 -4.64 -10.78
CA ARG A 8 -12.95 -3.84 -11.93
C ARG A 8 -13.10 -2.33 -11.67
N MET A 9 -12.28 -1.84 -10.76
CA MET A 9 -12.32 -0.44 -10.36
C MET A 9 -11.01 -0.06 -9.69
N PHE A 10 -10.60 -0.88 -8.74
CA PHE A 10 -9.38 -0.63 -7.98
C PHE A 10 -8.16 -1.05 -8.79
N LYS A 11 -7.20 -0.17 -8.91
CA LYS A 11 -5.99 -0.44 -9.68
C LYS A 11 -4.83 0.42 -9.17
N ARG A 12 -5.16 1.54 -8.53
CA ARG A 12 -4.15 2.39 -7.93
C ARG A 12 -3.87 1.94 -6.51
N VAL A 13 -4.90 1.40 -5.86
CA VAL A 13 -4.76 0.86 -4.51
C VAL A 13 -4.69 -0.67 -4.54
N GLY A 14 -4.11 -1.20 -5.60
CA GLY A 14 -4.01 -2.64 -5.75
C GLY A 14 -5.35 -3.28 -6.02
N CYS A 15 -5.60 -4.41 -5.37
CA CYS A 15 -6.85 -5.13 -5.53
C CYS A 15 -8.03 -4.35 -4.95
N GLY A 16 -7.74 -3.54 -3.93
CA GLY A 16 -8.77 -2.76 -3.27
C GLY A 16 -9.71 -3.59 -2.40
N GLU A 17 -9.49 -4.89 -2.36
CA GLU A 17 -10.39 -5.79 -1.62
C GLU A 17 -9.73 -6.33 -0.35
N CYS A 18 -8.41 -6.40 -0.34
CA CYS A 18 -7.69 -6.93 0.81
C CYS A 18 -7.64 -5.89 1.92
N ALA A 19 -7.45 -6.32 3.15
CA ALA A 19 -7.38 -5.41 4.29
C ALA A 19 -6.49 -4.21 4.00
N ALA A 20 -5.22 -4.47 3.75
CA ALA A 20 -4.25 -3.44 3.41
C ALA A 20 -4.58 -2.77 2.07
N CYS A 21 -5.21 -3.51 1.17
CA CYS A 21 -5.58 -2.97 -0.13
C CYS A 21 -6.79 -2.03 -0.03
N GLN A 22 -7.51 -2.10 1.08
CA GLN A 22 -8.59 -1.17 1.35
C GLN A 22 -8.05 0.04 2.11
N VAL A 23 -6.87 -0.12 2.67
CA VAL A 23 -6.15 0.97 3.31
C VAL A 23 -5.52 1.84 2.23
N THR A 24 -5.62 3.15 2.38
CA THR A 24 -5.10 4.05 1.36
C THR A 24 -4.26 5.18 1.97
N GLU A 25 -4.37 5.37 3.28
CA GLU A 25 -3.63 6.44 3.95
C GLU A 25 -2.95 5.91 5.20
N ASP A 26 -2.22 6.79 5.87
CA ASP A 26 -1.56 6.44 7.12
C ASP A 26 -2.60 6.16 8.20
N CYS A 27 -2.70 4.88 8.56
CA CYS A 27 -3.68 4.39 9.50
C CYS A 27 -3.48 4.99 10.89
N GLY A 28 -2.24 5.38 11.20
CA GLY A 28 -1.95 6.01 12.47
C GLY A 28 -1.76 5.02 13.61
N ALA A 29 -1.68 3.73 13.29
CA ALA A 29 -1.53 2.71 14.32
C ALA A 29 -0.53 1.64 13.92
N CYS A 30 0.51 2.02 13.19
CA CYS A 30 1.52 1.09 12.73
C CYS A 30 2.91 1.63 13.01
N SER A 31 3.89 0.75 13.17
CA SER A 31 5.26 1.18 13.44
C SER A 31 5.70 2.26 12.44
N THR A 32 5.49 2.01 11.16
CA THR A 32 5.91 2.93 10.12
C THR A 32 4.97 4.14 10.04
N CYS A 33 3.69 3.91 10.29
CA CYS A 33 2.71 4.99 10.27
C CYS A 33 2.98 6.00 11.40
N LEU A 34 3.52 5.52 12.50
CA LEU A 34 3.82 6.36 13.65
C LEU A 34 5.11 7.16 13.46
N LEU A 35 5.74 7.00 12.30
CA LEU A 35 6.95 7.75 11.99
C LEU A 35 6.59 9.17 11.58
N GLN A 36 5.39 9.35 11.06
CA GLN A 36 4.91 10.69 10.68
C GLN A 36 5.88 11.37 9.74
N LEU A 37 6.24 10.66 8.68
CA LEU A 37 7.20 11.16 7.70
C LEU A 37 6.52 12.08 6.71
N PRO A 38 6.97 13.35 6.62
CA PRO A 38 6.44 14.32 5.66
C PRO A 38 6.85 13.97 4.22
N HIS A 39 7.85 13.10 4.10
CA HIS A 39 8.28 12.59 2.80
C HIS A 39 8.40 11.08 2.89
N ASP A 40 8.34 10.40 1.75
CA ASP A 40 8.47 8.95 1.76
C ASP A 40 9.90 8.54 2.08
N VAL A 41 10.85 9.01 1.27
CA VAL A 41 12.27 8.73 1.47
C VAL A 41 12.50 7.23 1.71
N ALA A 42 11.95 6.42 0.83
CA ALA A 42 12.02 4.97 0.96
C ALA A 42 12.92 4.37 -0.12
N SER A 43 13.97 5.09 -0.48
CA SER A 43 14.93 4.59 -1.46
C SER A 43 15.78 3.50 -0.84
N GLY A 44 16.32 3.78 0.34
CA GLY A 44 17.10 2.79 1.06
C GLY A 44 16.33 2.21 2.23
N LEU A 45 15.54 3.06 2.86
CA LEU A 45 14.71 2.64 3.99
C LEU A 45 13.44 1.97 3.49
N PHE A 46 13.08 0.83 4.10
CA PHE A 46 11.80 0.19 3.78
C PHE A 46 10.69 0.79 4.62
N CYS A 47 10.62 2.11 4.58
CA CYS A 47 9.71 2.86 5.43
C CYS A 47 8.34 3.03 4.77
N LYS A 48 7.63 1.92 4.64
CA LYS A 48 6.27 1.93 4.14
C LYS A 48 5.40 1.07 5.04
N CYS A 49 4.23 1.59 5.39
CA CYS A 49 3.29 0.90 6.26
C CYS A 49 2.99 -0.50 5.75
N GLU A 50 2.99 -1.45 6.68
CA GLU A 50 2.71 -2.84 6.38
C GLU A 50 1.28 -3.02 5.88
N ARG A 51 0.43 -2.04 6.14
CA ARG A 51 -0.94 -2.08 5.69
C ARG A 51 -1.13 -1.25 4.42
N ARG A 52 -0.03 -0.92 3.77
CA ARG A 52 -0.06 -0.24 2.49
C ARG A 52 0.54 -1.12 1.42
N ARG A 53 0.47 -2.42 1.66
CA ARG A 53 1.04 -3.42 0.78
C ARG A 53 0.20 -4.69 0.85
N CYS A 54 -0.16 -5.22 -0.31
CA CYS A 54 -1.01 -6.40 -0.42
C CYS A 54 -0.48 -7.56 0.41
N LEU A 55 -1.39 -8.34 0.97
CA LEU A 55 -1.04 -9.48 1.81
C LEU A 55 -0.67 -10.68 0.93
N ARG A 56 -0.82 -10.52 -0.37
CA ARG A 56 -0.49 -11.57 -1.32
C ARG A 56 0.49 -11.05 -2.36
N ILE A 57 0.18 -9.89 -2.93
CA ILE A 57 1.01 -9.29 -3.96
C ILE A 57 2.14 -8.48 -3.35
N VAL A 58 3.37 -8.87 -3.63
CA VAL A 58 4.52 -8.10 -3.18
C VAL A 58 4.75 -6.92 -4.12
N GLU A 59 3.92 -5.89 -3.95
CA GLU A 59 3.98 -4.70 -4.77
C GLU A 59 5.05 -3.75 -4.25
N ARG A 60 5.33 -3.85 -2.96
CA ARG A 60 6.27 -2.96 -2.32
C ARG A 60 7.38 -3.77 -1.67
N SER A 61 8.59 -3.25 -1.69
CA SER A 61 9.73 -3.92 -1.09
C SER A 61 10.77 -2.90 -0.65
N GLY A 1 -20.03 4.83 -9.61
CA GLY A 1 -20.40 4.74 -11.04
C GLY A 1 -21.27 3.53 -11.33
N PRO A 2 -20.94 2.74 -12.36
CA PRO A 2 -21.70 1.54 -12.70
C PRO A 2 -21.49 0.42 -11.69
N LEU A 3 -22.54 -0.32 -11.40
CA LEU A 3 -22.44 -1.47 -10.51
C LEU A 3 -21.92 -2.65 -11.31
N GLY A 4 -20.69 -3.04 -11.03
CA GLY A 4 -20.06 -4.10 -11.78
C GLY A 4 -18.78 -3.62 -12.44
N SER A 5 -17.82 -3.25 -11.62
CA SER A 5 -16.53 -2.77 -12.10
C SER A 5 -15.40 -3.44 -11.34
N GLU A 6 -15.42 -4.77 -11.32
CA GLU A 6 -14.41 -5.53 -10.61
C GLU A 6 -13.24 -5.87 -11.54
N GLN A 7 -12.08 -5.33 -11.22
CA GLN A 7 -10.89 -5.55 -12.03
C GLN A 7 -10.09 -6.70 -11.42
N ARG A 8 -10.78 -7.83 -11.25
CA ARG A 8 -10.24 -9.01 -10.58
C ARG A 8 -8.98 -9.52 -11.27
N MET A 9 -8.03 -9.99 -10.45
CA MET A 9 -6.76 -10.53 -10.94
C MET A 9 -5.99 -9.46 -11.73
N PHE A 10 -5.28 -8.59 -11.01
CA PHE A 10 -4.62 -7.45 -11.62
C PHE A 10 -3.31 -7.85 -12.31
N LYS A 11 -2.82 -9.05 -11.99
CA LYS A 11 -1.52 -9.55 -12.49
C LYS A 11 -0.35 -8.77 -11.88
N ARG A 12 -0.68 -7.68 -11.19
CA ARG A 12 0.30 -6.84 -10.53
C ARG A 12 -0.34 -6.21 -9.30
N VAL A 13 0.44 -5.44 -8.56
CA VAL A 13 -0.03 -4.66 -7.40
C VAL A 13 -0.87 -5.49 -6.42
N GLY A 14 -1.76 -4.84 -5.67
CA GLY A 14 -2.53 -5.52 -4.64
C GLY A 14 -3.74 -6.26 -5.18
N CYS A 15 -4.20 -7.24 -4.40
CA CYS A 15 -5.36 -8.05 -4.73
C CYS A 15 -6.64 -7.23 -4.91
N GLY A 16 -6.75 -6.11 -4.18
CA GLY A 16 -7.97 -5.32 -4.21
C GLY A 16 -9.00 -5.77 -3.20
N GLU A 17 -8.73 -6.87 -2.50
CA GLU A 17 -9.70 -7.42 -1.55
C GLU A 17 -9.25 -7.27 -0.10
N CYS A 18 -7.95 -7.36 0.16
CA CYS A 18 -7.45 -7.39 1.53
C CYS A 18 -7.46 -6.00 2.17
N ALA A 19 -7.29 -5.97 3.50
CA ALA A 19 -7.29 -4.72 4.25
C ALA A 19 -6.38 -3.68 3.62
N ALA A 20 -5.12 -4.04 3.42
CA ALA A 20 -4.11 -3.14 2.85
C ALA A 20 -4.56 -2.54 1.52
N CYS A 21 -5.36 -3.28 0.78
CA CYS A 21 -5.89 -2.80 -0.49
C CYS A 21 -7.04 -1.81 -0.28
N GLN A 22 -7.73 -1.94 0.84
CA GLN A 22 -8.84 -1.06 1.18
C GLN A 22 -8.31 0.18 1.89
N VAL A 23 -7.21 0.02 2.60
CA VAL A 23 -6.54 1.14 3.26
C VAL A 23 -5.87 2.00 2.21
N THR A 24 -6.02 3.31 2.30
CA THR A 24 -5.48 4.21 1.29
C THR A 24 -4.28 5.00 1.83
N GLU A 25 -4.28 5.29 3.12
CA GLU A 25 -3.20 6.06 3.72
C GLU A 25 -2.64 5.35 4.93
N ASP A 26 -1.83 6.07 5.69
CA ASP A 26 -1.30 5.57 6.95
C ASP A 26 -2.43 5.27 7.92
N CYS A 27 -2.54 4.00 8.31
CA CYS A 27 -3.58 3.55 9.22
C CYS A 27 -3.46 4.23 10.59
N GLY A 28 -2.24 4.65 10.94
CA GLY A 28 -2.01 5.28 12.23
C GLY A 28 -1.76 4.27 13.34
N ALA A 29 -1.52 3.01 12.97
CA ALA A 29 -1.31 1.97 13.98
C ALA A 29 -0.01 1.17 13.76
N CYS A 30 0.83 1.56 12.81
CA CYS A 30 2.11 0.88 12.64
C CYS A 30 3.22 1.74 13.21
N SER A 31 4.16 1.12 13.92
CA SER A 31 5.35 1.81 14.37
C SER A 31 6.03 2.51 13.19
N THR A 32 5.81 1.97 12.00
CA THR A 32 6.37 2.52 10.78
C THR A 32 5.58 3.73 10.26
N CYS A 33 4.26 3.57 10.05
CA CYS A 33 3.46 4.64 9.46
C CYS A 33 3.29 5.82 10.43
N LEU A 34 3.69 5.64 11.68
CA LEU A 34 3.61 6.70 12.68
C LEU A 34 4.76 7.71 12.54
N LEU A 35 5.72 7.41 11.67
CA LEU A 35 6.87 8.28 11.48
C LEU A 35 6.50 9.48 10.63
N GLN A 36 5.48 9.31 9.79
CA GLN A 36 4.94 10.37 8.94
C GLN A 36 5.99 10.96 8.01
N LEU A 37 7.00 10.19 7.71
CA LEU A 37 8.04 10.62 6.79
C LEU A 37 7.57 10.42 5.36
N PRO A 38 7.83 11.41 4.49
CA PRO A 38 7.36 11.40 3.10
C PRO A 38 7.78 10.15 2.35
N HIS A 39 6.81 9.28 2.10
CA HIS A 39 7.06 8.03 1.39
C HIS A 39 6.25 8.00 0.10
N ASP A 40 6.34 9.09 -0.65
CA ASP A 40 5.51 9.30 -1.85
C ASP A 40 5.84 8.29 -2.94
N VAL A 41 7.12 8.02 -3.15
CA VAL A 41 7.54 7.10 -4.21
C VAL A 41 7.76 5.69 -3.66
N ALA A 42 7.54 5.53 -2.36
CA ALA A 42 7.64 4.24 -1.68
C ALA A 42 9.08 3.71 -1.68
N SER A 43 10.04 4.59 -1.92
CA SER A 43 11.44 4.23 -1.93
C SER A 43 12.24 5.21 -1.08
N GLY A 44 13.41 4.79 -0.61
CA GLY A 44 14.22 5.62 0.25
C GLY A 44 13.65 5.71 1.66
N LEU A 45 12.55 6.44 1.79
CA LEU A 45 11.84 6.52 3.05
C LEU A 45 10.88 5.35 3.17
N PHE A 46 11.36 4.26 3.74
CA PHE A 46 10.55 3.05 3.89
C PHE A 46 9.65 3.15 5.12
N CYS A 47 9.13 4.35 5.35
CA CYS A 47 8.21 4.58 6.44
C CYS A 47 6.78 4.34 5.96
N LYS A 48 6.62 3.25 5.23
CA LYS A 48 5.35 2.90 4.63
C LYS A 48 4.51 2.09 5.60
N CYS A 49 3.23 2.44 5.68
CA CYS A 49 2.28 1.70 6.48
C CYS A 49 2.29 0.23 6.07
N GLU A 50 2.55 -0.62 7.05
CA GLU A 50 2.70 -2.04 6.81
C GLU A 50 1.40 -2.68 6.32
N ARG A 51 0.29 -2.02 6.57
CA ARG A 51 -0.99 -2.45 6.04
C ARG A 51 -1.39 -1.60 4.85
N ARG A 52 -0.41 -1.20 4.06
CA ARG A 52 -0.64 -0.60 2.76
C ARG A 52 -0.15 -1.53 1.67
N ARG A 53 0.87 -2.31 2.01
CA ARG A 53 1.38 -3.33 1.11
C ARG A 53 0.49 -4.57 1.20
N CYS A 54 -0.05 -4.96 0.05
CA CYS A 54 -0.96 -6.07 -0.06
C CYS A 54 -0.40 -7.34 0.57
N LEU A 55 -1.22 -8.00 1.38
CA LEU A 55 -0.85 -9.28 1.99
C LEU A 55 -1.01 -10.42 0.98
N ARG A 56 -1.51 -10.07 -0.19
CA ARG A 56 -1.76 -11.02 -1.26
C ARG A 56 -1.39 -10.41 -2.60
N ILE A 57 -0.14 -9.98 -2.75
CA ILE A 57 0.31 -9.35 -3.98
C ILE A 57 0.05 -10.28 -5.16
N VAL A 58 -0.86 -9.87 -6.03
CA VAL A 58 -1.37 -10.73 -7.08
C VAL A 58 -0.51 -10.64 -8.34
N GLU A 59 0.78 -10.40 -8.15
CA GLU A 59 1.73 -10.39 -9.24
C GLU A 59 1.97 -11.82 -9.72
N ARG A 60 2.71 -11.98 -10.80
CA ARG A 60 2.95 -13.31 -11.35
C ARG A 60 4.23 -13.33 -12.16
N SER A 61 5.04 -14.35 -11.93
CA SER A 61 6.24 -14.56 -12.71
C SER A 61 5.93 -15.47 -13.90
N GLY A 1 -6.52 -9.37 -23.92
CA GLY A 1 -5.61 -10.46 -23.47
C GLY A 1 -5.56 -10.56 -21.96
N PRO A 2 -4.80 -11.53 -21.42
CA PRO A 2 -4.68 -11.74 -19.98
C PRO A 2 -3.66 -10.79 -19.35
N LEU A 3 -3.90 -9.49 -19.46
CA LEU A 3 -3.00 -8.49 -18.91
C LEU A 3 -3.80 -7.32 -18.34
N GLY A 4 -3.10 -6.28 -17.91
CA GLY A 4 -3.77 -5.09 -17.42
C GLY A 4 -3.50 -4.85 -15.95
N SER A 5 -2.83 -5.80 -15.32
CA SER A 5 -2.52 -5.70 -13.90
C SER A 5 -1.28 -6.53 -13.59
N GLU A 6 -0.17 -6.16 -14.22
CA GLU A 6 1.06 -6.90 -14.09
C GLU A 6 2.21 -5.99 -13.65
N GLN A 7 3.14 -6.54 -12.88
CA GLN A 7 4.31 -5.80 -12.40
C GLN A 7 3.90 -4.51 -11.69
N ARG A 8 3.34 -4.68 -10.48
CA ARG A 8 2.89 -3.56 -9.65
C ARG A 8 1.70 -2.83 -10.29
N MET A 9 1.28 -1.75 -9.63
CA MET A 9 0.11 -0.97 -10.05
C MET A 9 -1.11 -1.88 -10.14
N PHE A 10 -1.45 -2.49 -9.02
CA PHE A 10 -2.59 -3.38 -8.95
C PHE A 10 -3.87 -2.58 -8.82
N LYS A 11 -4.48 -2.28 -9.97
CA LYS A 11 -5.67 -1.43 -10.07
C LYS A 11 -5.32 0.00 -9.70
N ARG A 12 -5.16 0.24 -8.41
CA ARG A 12 -4.78 1.54 -7.89
C ARG A 12 -3.88 1.34 -6.68
N VAL A 13 -2.92 0.43 -6.84
CA VAL A 13 -2.06 0.01 -5.73
C VAL A 13 -2.92 -0.60 -4.62
N GLY A 14 -3.95 -1.32 -5.04
CA GLY A 14 -4.88 -1.90 -4.10
C GLY A 14 -6.04 -2.58 -4.81
N CYS A 15 -6.21 -3.87 -4.54
CA CYS A 15 -7.29 -4.65 -5.13
C CYS A 15 -8.66 -4.18 -4.64
N GLY A 16 -8.67 -3.44 -3.54
CA GLY A 16 -9.92 -3.01 -2.93
C GLY A 16 -10.55 -4.10 -2.09
N GLU A 17 -9.98 -5.28 -2.12
CA GLU A 17 -10.52 -6.43 -1.40
C GLU A 17 -9.72 -6.71 -0.13
N CYS A 18 -8.40 -6.71 -0.25
CA CYS A 18 -7.54 -7.05 0.86
C CYS A 18 -7.50 -5.92 1.88
N ALA A 19 -7.25 -6.24 3.15
CA ALA A 19 -7.21 -5.24 4.21
C ALA A 19 -6.40 -4.01 3.81
N ALA A 20 -5.11 -4.20 3.57
CA ALA A 20 -4.22 -3.13 3.15
C ALA A 20 -4.65 -2.51 1.83
N CYS A 21 -5.35 -3.28 1.02
CA CYS A 21 -5.84 -2.80 -0.26
C CYS A 21 -7.14 -2.00 -0.11
N GLN A 22 -7.71 -2.03 1.08
CA GLN A 22 -8.83 -1.16 1.42
C GLN A 22 -8.29 0.15 1.96
N VAL A 23 -7.11 0.04 2.54
CA VAL A 23 -6.41 1.17 3.12
C VAL A 23 -5.75 1.99 2.01
N THR A 24 -5.72 3.30 2.17
CA THR A 24 -5.13 4.18 1.17
C THR A 24 -4.10 5.12 1.82
N GLU A 25 -4.26 5.36 3.12
CA GLU A 25 -3.35 6.23 3.85
C GLU A 25 -2.67 5.46 4.98
N ASP A 26 -1.86 6.16 5.74
CA ASP A 26 -1.24 5.58 6.94
C ASP A 26 -2.32 5.25 7.96
N CYS A 27 -2.44 3.95 8.26
CA CYS A 27 -3.46 3.47 9.18
C CYS A 27 -3.35 4.09 10.57
N GLY A 28 -2.14 4.50 10.94
CA GLY A 28 -1.91 5.08 12.25
C GLY A 28 -1.71 4.02 13.33
N ALA A 29 -1.44 2.79 12.92
CA ALA A 29 -1.23 1.70 13.88
C ALA A 29 0.13 1.01 13.71
N CYS A 30 0.91 1.41 12.69
CA CYS A 30 2.24 0.84 12.53
C CYS A 30 3.24 1.77 13.17
N SER A 31 4.18 1.22 13.93
CA SER A 31 5.27 2.00 14.50
C SER A 31 5.97 2.82 13.42
N THR A 32 5.89 2.32 12.19
CA THR A 32 6.47 2.98 11.04
C THR A 32 5.59 4.14 10.55
N CYS A 33 4.31 3.87 10.28
CA CYS A 33 3.42 4.91 9.73
C CYS A 33 3.12 5.99 10.77
N LEU A 34 3.41 5.70 12.04
CA LEU A 34 3.27 6.66 13.12
C LEU A 34 4.40 7.69 13.10
N LEU A 35 5.43 7.41 12.31
CA LEU A 35 6.58 8.31 12.21
C LEU A 35 6.24 9.50 11.30
N GLN A 36 5.34 9.29 10.35
CA GLN A 36 4.91 10.36 9.45
C GLN A 36 6.09 11.03 8.76
N LEU A 37 6.90 10.22 8.09
CA LEU A 37 8.10 10.73 7.43
C LEU A 37 7.77 11.33 6.08
N PRO A 38 8.28 12.54 5.80
CA PRO A 38 8.06 13.21 4.52
C PRO A 38 8.94 12.64 3.40
N HIS A 39 8.94 11.33 3.27
CA HIS A 39 9.80 10.67 2.30
C HIS A 39 8.97 9.72 1.43
N ASP A 40 7.69 10.05 1.28
CA ASP A 40 6.79 9.22 0.48
C ASP A 40 6.96 9.54 -1.00
N VAL A 41 8.07 9.10 -1.57
CA VAL A 41 8.35 9.36 -2.97
C VAL A 41 8.05 8.12 -3.84
N ALA A 42 8.68 7.00 -3.52
CA ALA A 42 8.53 5.77 -4.31
C ALA A 42 9.39 4.65 -3.74
N SER A 43 10.70 4.78 -3.91
CA SER A 43 11.63 3.76 -3.49
C SER A 43 12.75 4.38 -2.63
N GLY A 44 13.77 3.59 -2.33
CA GLY A 44 14.84 4.06 -1.47
C GLY A 44 14.44 4.01 -0.02
N LEU A 45 14.16 5.18 0.54
CA LEU A 45 13.69 5.26 1.91
C LEU A 45 12.17 5.14 1.90
N PHE A 46 11.68 3.96 2.25
CA PHE A 46 10.26 3.68 2.23
C PHE A 46 9.58 4.18 3.51
N CYS A 47 9.71 3.39 4.57
CA CYS A 47 9.07 3.71 5.85
C CYS A 47 7.57 3.92 5.65
N LYS A 48 6.97 3.02 4.88
CA LYS A 48 5.56 3.10 4.56
C LYS A 48 4.73 2.37 5.59
N CYS A 49 3.46 2.72 5.68
CA CYS A 49 2.51 1.98 6.48
C CYS A 49 2.48 0.51 6.05
N GLU A 50 2.73 -0.38 7.01
CA GLU A 50 2.78 -1.82 6.74
C GLU A 50 1.43 -2.34 6.28
N ARG A 51 0.39 -1.54 6.48
CA ARG A 51 -0.94 -1.89 6.03
C ARG A 51 -1.23 -1.26 4.67
N ARG A 52 -0.19 -1.23 3.84
CA ARG A 52 -0.34 -0.78 2.46
C ARG A 52 0.12 -1.88 1.49
N ARG A 53 0.74 -2.90 2.04
CA ARG A 53 1.22 -4.03 1.26
C ARG A 53 0.11 -5.07 1.08
N CYS A 54 -0.24 -5.33 -0.18
CA CYS A 54 -1.25 -6.32 -0.53
C CYS A 54 -0.97 -7.68 0.12
N LEU A 55 -1.95 -8.18 0.86
CA LEU A 55 -1.82 -9.48 1.52
C LEU A 55 -2.07 -10.63 0.54
N ARG A 56 -2.84 -10.35 -0.51
CA ARG A 56 -3.30 -11.35 -1.44
C ARG A 56 -3.34 -10.74 -2.83
N ILE A 57 -2.18 -10.68 -3.45
CA ILE A 57 -2.05 -10.12 -4.80
C ILE A 57 -2.69 -11.04 -5.83
N VAL A 58 -4.01 -11.08 -5.82
CA VAL A 58 -4.78 -11.86 -6.77
C VAL A 58 -5.34 -10.94 -7.87
N GLU A 59 -4.99 -9.66 -7.76
CA GLU A 59 -5.43 -8.64 -8.71
C GLU A 59 -4.68 -8.76 -10.03
N ARG A 60 -4.96 -9.83 -10.74
CA ARG A 60 -4.38 -10.09 -12.05
C ARG A 60 -5.15 -11.23 -12.71
N SER A 61 -6.41 -11.35 -12.31
CA SER A 61 -7.24 -12.44 -12.77
C SER A 61 -8.52 -11.86 -13.38
N GLY A 1 -2.43 10.15 -13.59
CA GLY A 1 -2.32 11.44 -12.88
C GLY A 1 -1.25 12.33 -13.48
N PRO A 2 -0.98 13.49 -12.86
CA PRO A 2 0.02 14.44 -13.37
C PRO A 2 1.43 13.87 -13.38
N LEU A 3 1.73 13.03 -12.40
CA LEU A 3 3.06 12.42 -12.29
C LEU A 3 3.07 11.04 -12.95
N GLY A 4 2.13 10.83 -13.85
CA GLY A 4 2.09 9.58 -14.59
C GLY A 4 1.10 8.60 -14.03
N SER A 5 1.39 7.32 -14.22
CA SER A 5 0.54 6.24 -13.73
C SER A 5 1.39 5.01 -13.44
N GLU A 6 2.40 5.19 -12.62
CA GLU A 6 3.38 4.15 -12.34
C GLU A 6 2.83 3.11 -11.38
N GLN A 7 2.16 2.11 -11.92
CA GLN A 7 1.65 0.99 -11.15
C GLN A 7 2.67 -0.14 -11.20
N ARG A 8 3.86 0.13 -10.69
CA ARG A 8 4.96 -0.82 -10.78
C ARG A 8 4.86 -1.87 -9.68
N MET A 9 4.61 -3.12 -10.10
CA MET A 9 4.50 -4.25 -9.17
C MET A 9 3.39 -4.00 -8.16
N PHE A 10 2.20 -3.70 -8.67
CA PHE A 10 1.03 -3.37 -7.86
C PHE A 10 1.28 -2.08 -7.08
N LYS A 11 1.87 -2.19 -5.89
CA LYS A 11 2.30 -1.03 -5.09
C LYS A 11 1.12 -0.20 -4.58
N ARG A 12 0.42 0.46 -5.50
CA ARG A 12 -0.65 1.38 -5.14
C ARG A 12 -1.97 0.64 -4.98
N VAL A 13 -2.05 -0.53 -5.60
CA VAL A 13 -3.28 -1.32 -5.61
C VAL A 13 -2.94 -2.80 -5.46
N GLY A 14 -3.89 -3.59 -5.01
CA GLY A 14 -3.65 -5.01 -4.84
C GLY A 14 -4.89 -5.85 -5.11
N CYS A 15 -5.06 -6.90 -4.31
CA CYS A 15 -6.19 -7.81 -4.44
C CYS A 15 -7.55 -7.11 -4.27
N GLY A 16 -7.55 -5.96 -3.60
CA GLY A 16 -8.79 -5.26 -3.34
C GLY A 16 -9.63 -5.89 -2.24
N GLU A 17 -9.11 -6.95 -1.62
CA GLU A 17 -9.85 -7.67 -0.58
C GLU A 17 -9.18 -7.56 0.79
N CYS A 18 -7.85 -7.54 0.81
CA CYS A 18 -7.13 -7.56 2.09
C CYS A 18 -7.15 -6.17 2.74
N ALA A 19 -6.95 -6.13 4.05
CA ALA A 19 -6.99 -4.88 4.82
C ALA A 19 -6.20 -3.76 4.15
N ALA A 20 -4.94 -4.06 3.81
CA ALA A 20 -4.07 -3.10 3.16
C ALA A 20 -4.67 -2.51 1.88
N CYS A 21 -5.47 -3.30 1.19
CA CYS A 21 -6.13 -2.85 -0.03
C CYS A 21 -7.30 -1.92 0.28
N GLN A 22 -7.84 -2.03 1.48
CA GLN A 22 -8.95 -1.17 1.90
C GLN A 22 -8.40 0.13 2.47
N VAL A 23 -7.18 0.05 2.97
CA VAL A 23 -6.45 1.22 3.42
C VAL A 23 -5.87 1.96 2.22
N THR A 24 -5.73 3.27 2.33
CA THR A 24 -5.19 4.05 1.22
C THR A 24 -4.06 4.98 1.69
N GLU A 25 -4.14 5.43 2.94
CA GLU A 25 -3.11 6.30 3.51
C GLU A 25 -2.46 5.61 4.68
N ASP A 26 -1.69 6.36 5.45
CA ASP A 26 -1.12 5.84 6.68
C ASP A 26 -2.26 5.45 7.62
N CYS A 27 -2.44 4.15 7.81
CA CYS A 27 -3.54 3.62 8.59
C CYS A 27 -3.55 4.15 10.03
N GLY A 28 -2.39 4.49 10.55
CA GLY A 28 -2.28 4.97 11.91
C GLY A 28 -2.22 3.84 12.93
N ALA A 29 -1.81 2.65 12.49
CA ALA A 29 -1.71 1.50 13.39
C ALA A 29 -0.34 0.79 13.31
N CYS A 30 0.53 1.18 12.38
CA CYS A 30 1.83 0.54 12.28
C CYS A 30 2.87 1.39 12.97
N SER A 31 3.72 0.77 13.77
CA SER A 31 4.81 1.47 14.44
C SER A 31 5.60 2.35 13.45
N THR A 32 5.63 1.91 12.20
CA THR A 32 6.31 2.64 11.15
C THR A 32 5.47 3.83 10.64
N CYS A 33 4.21 3.61 10.29
CA CYS A 33 3.40 4.69 9.75
C CYS A 33 3.06 5.73 10.83
N LEU A 34 3.28 5.35 12.09
CA LEU A 34 3.13 6.27 13.22
C LEU A 34 4.33 7.22 13.33
N LEU A 35 5.38 6.93 12.59
CA LEU A 35 6.60 7.74 12.64
C LEU A 35 6.40 9.04 11.87
N GLN A 36 5.88 8.93 10.65
CA GLN A 36 5.64 10.12 9.81
C GLN A 36 6.93 10.91 9.61
N LEU A 37 8.00 10.20 9.29
CA LEU A 37 9.30 10.84 9.07
C LEU A 37 9.41 11.37 7.65
N PRO A 38 9.63 12.68 7.49
CA PRO A 38 9.86 13.29 6.19
C PRO A 38 11.16 12.77 5.56
N HIS A 39 11.03 12.02 4.48
CA HIS A 39 12.19 11.40 3.84
C HIS A 39 11.97 11.21 2.35
N ASP A 40 13.00 10.72 1.68
CA ASP A 40 12.89 10.32 0.29
C ASP A 40 13.47 8.91 0.14
N VAL A 41 12.81 8.08 -0.64
CA VAL A 41 13.19 6.69 -0.77
C VAL A 41 14.45 6.53 -1.63
N ALA A 42 14.90 5.29 -1.77
CA ALA A 42 16.13 4.94 -2.50
C ALA A 42 17.38 5.34 -1.73
N SER A 43 17.45 6.59 -1.30
CA SER A 43 18.61 7.08 -0.56
C SER A 43 18.69 6.42 0.81
N GLY A 44 17.53 6.23 1.44
CA GLY A 44 17.47 5.60 2.74
C GLY A 44 16.12 5.76 3.39
N LEU A 45 15.81 4.86 4.32
CA LEU A 45 14.53 4.87 5.04
C LEU A 45 13.36 4.58 4.10
N PHE A 46 12.78 3.40 4.26
CA PHE A 46 11.57 3.07 3.52
C PHE A 46 10.38 3.68 4.24
N CYS A 47 10.18 3.24 5.48
CA CYS A 47 9.17 3.81 6.37
C CYS A 47 7.78 3.83 5.73
N LYS A 48 7.31 2.67 5.31
CA LYS A 48 5.99 2.54 4.72
C LYS A 48 5.01 1.94 5.71
N CYS A 49 3.77 2.46 5.71
CA CYS A 49 2.67 1.83 6.38
C CYS A 49 2.53 0.40 5.85
N GLU A 50 2.76 -0.58 6.73
CA GLU A 50 2.75 -1.98 6.34
C GLU A 50 1.39 -2.39 5.79
N ARG A 51 0.36 -1.66 6.17
CA ARG A 51 -1.00 -1.94 5.72
C ARG A 51 -1.30 -1.17 4.44
N ARG A 52 -0.26 -0.91 3.66
CA ARG A 52 -0.41 -0.41 2.31
C ARG A 52 0.16 -1.43 1.33
N ARG A 53 0.84 -2.40 1.90
CA ARG A 53 1.40 -3.51 1.15
C ARG A 53 0.41 -4.66 1.12
N CYS A 54 -0.17 -4.91 -0.04
CA CYS A 54 -1.15 -5.98 -0.21
C CYS A 54 -0.61 -7.31 0.35
N LEU A 55 -1.32 -7.87 1.32
CA LEU A 55 -0.95 -9.13 1.93
C LEU A 55 -1.35 -10.30 1.04
N ARG A 56 -2.02 -10.00 -0.06
CA ARG A 56 -2.53 -11.02 -0.96
C ARG A 56 -2.31 -10.60 -2.40
N ILE A 57 -1.04 -10.49 -2.78
CA ILE A 57 -0.68 -10.07 -4.12
C ILE A 57 -1.00 -11.19 -5.12
N VAL A 58 -2.16 -11.09 -5.74
CA VAL A 58 -2.59 -12.07 -6.72
C VAL A 58 -1.91 -11.81 -8.06
N GLU A 59 -0.60 -12.00 -8.09
CA GLU A 59 0.17 -11.85 -9.31
C GLU A 59 0.17 -13.20 -10.04
N ARG A 60 0.54 -14.25 -9.31
CA ARG A 60 0.41 -15.62 -9.82
C ARG A 60 -0.07 -16.53 -8.71
N SER A 61 -0.59 -15.91 -7.65
CA SER A 61 -1.08 -16.61 -6.48
C SER A 61 0.02 -17.47 -5.87
N GLY A 1 -12.42 -15.28 -14.03
CA GLY A 1 -12.09 -13.99 -13.38
C GLY A 1 -11.45 -13.01 -14.36
N PRO A 2 -10.42 -12.27 -13.94
CA PRO A 2 -9.77 -11.28 -14.80
C PRO A 2 -8.97 -11.92 -15.93
N LEU A 3 -8.55 -13.16 -15.72
CA LEU A 3 -7.80 -13.89 -16.73
C LEU A 3 -8.77 -14.41 -17.78
N GLY A 4 -8.74 -13.79 -18.94
CA GLY A 4 -9.69 -14.11 -19.99
C GLY A 4 -10.54 -12.91 -20.34
N SER A 5 -10.89 -12.13 -19.33
CA SER A 5 -11.59 -10.88 -19.56
C SER A 5 -10.59 -9.76 -19.79
N GLU A 6 -9.39 -9.97 -19.24
CA GLU A 6 -8.26 -9.06 -19.39
C GLU A 6 -8.58 -7.68 -18.83
N GLN A 7 -9.42 -7.67 -17.81
CA GLN A 7 -9.83 -6.43 -17.17
C GLN A 7 -10.01 -6.65 -15.67
N ARG A 8 -9.25 -5.92 -14.88
CA ARG A 8 -9.39 -5.95 -13.44
C ARG A 8 -9.91 -4.61 -12.95
N MET A 9 -10.98 -4.64 -12.17
CA MET A 9 -11.65 -3.43 -11.74
C MET A 9 -10.82 -2.73 -10.67
N PHE A 10 -10.06 -3.51 -9.92
CA PHE A 10 -9.10 -2.97 -8.99
C PHE A 10 -7.78 -2.68 -9.69
N LYS A 11 -7.43 -1.41 -9.78
CA LYS A 11 -6.17 -1.01 -10.40
C LYS A 11 -5.62 0.24 -9.75
N ARG A 12 -6.32 0.75 -8.75
CA ARG A 12 -5.79 1.81 -7.91
C ARG A 12 -5.07 1.16 -6.74
N VAL A 13 -5.39 -0.11 -6.51
CA VAL A 13 -4.79 -0.91 -5.46
C VAL A 13 -4.46 -2.29 -6.01
N GLY A 14 -4.04 -3.20 -5.15
CA GLY A 14 -3.73 -4.55 -5.59
C GLY A 14 -4.96 -5.41 -5.80
N CYS A 15 -5.13 -6.41 -4.95
CA CYS A 15 -6.28 -7.31 -5.05
C CYS A 15 -7.60 -6.58 -4.79
N GLY A 16 -7.52 -5.49 -4.03
CA GLY A 16 -8.71 -4.73 -3.70
C GLY A 16 -9.54 -5.36 -2.59
N GLU A 17 -9.16 -6.57 -2.17
CA GLU A 17 -9.96 -7.31 -1.22
C GLU A 17 -9.31 -7.37 0.16
N CYS A 18 -7.99 -7.42 0.21
CA CYS A 18 -7.29 -7.55 1.49
C CYS A 18 -7.25 -6.20 2.22
N ALA A 19 -7.08 -6.26 3.53
CA ALA A 19 -7.10 -5.07 4.39
C ALA A 19 -6.29 -3.91 3.80
N ALA A 20 -5.01 -4.16 3.55
CA ALA A 20 -4.11 -3.13 3.02
C ALA A 20 -4.63 -2.48 1.73
N CYS A 21 -5.35 -3.24 0.92
CA CYS A 21 -5.92 -2.70 -0.31
C CYS A 21 -7.08 -1.76 -0.03
N GLN A 22 -7.70 -1.94 1.13
CA GLN A 22 -8.82 -1.10 1.54
C GLN A 22 -8.30 0.15 2.23
N VAL A 23 -7.12 0.03 2.81
CA VAL A 23 -6.46 1.15 3.46
C VAL A 23 -5.89 2.08 2.40
N THR A 24 -6.30 3.34 2.43
CA THR A 24 -5.90 4.28 1.40
C THR A 24 -4.74 5.16 1.84
N GLU A 25 -4.61 5.35 3.14
CA GLU A 25 -3.55 6.19 3.70
C GLU A 25 -2.76 5.42 4.75
N ASP A 26 -1.87 6.13 5.42
CA ASP A 26 -1.20 5.58 6.58
C ASP A 26 -2.23 5.29 7.68
N CYS A 27 -2.36 4.01 8.00
CA CYS A 27 -3.42 3.55 8.90
C CYS A 27 -3.39 4.21 10.27
N GLY A 28 -2.20 4.65 10.69
CA GLY A 28 -2.06 5.27 12.00
C GLY A 28 -1.96 4.24 13.12
N ALA A 29 -1.62 3.00 12.77
CA ALA A 29 -1.49 1.95 13.77
C ALA A 29 -0.17 1.17 13.67
N CYS A 30 0.72 1.56 12.75
CA CYS A 30 2.02 0.89 12.65
C CYS A 30 3.05 1.76 13.35
N SER A 31 3.89 1.14 14.17
CA SER A 31 5.04 1.83 14.76
C SER A 31 5.87 2.50 13.65
N THR A 32 5.72 1.98 12.44
CA THR A 32 6.38 2.51 11.26
C THR A 32 5.65 3.75 10.71
N CYS A 33 4.36 3.63 10.40
CA CYS A 33 3.62 4.74 9.78
C CYS A 33 3.40 5.89 10.78
N LEU A 34 3.65 5.63 12.05
CA LEU A 34 3.56 6.67 13.07
C LEU A 34 4.82 7.53 13.10
N LEU A 35 5.81 7.16 12.29
CA LEU A 35 7.06 7.92 12.22
C LEU A 35 6.84 9.22 11.46
N GLN A 36 6.30 9.13 10.24
CA GLN A 36 5.97 10.32 9.45
C GLN A 36 7.20 11.22 9.27
N LEU A 37 8.34 10.60 9.01
CA LEU A 37 9.60 11.32 8.87
C LEU A 37 9.77 11.86 7.45
N PRO A 38 10.08 13.15 7.31
CA PRO A 38 10.40 13.74 6.01
C PRO A 38 11.84 13.42 5.59
N HIS A 39 12.04 13.14 4.31
CA HIS A 39 13.36 12.77 3.82
C HIS A 39 13.57 13.23 2.38
N ASP A 40 14.77 13.70 2.10
CA ASP A 40 15.15 14.09 0.75
C ASP A 40 16.29 13.20 0.27
N VAL A 41 16.28 12.90 -1.04
CA VAL A 41 17.29 12.02 -1.64
C VAL A 41 17.34 10.69 -0.89
N ALA A 42 16.18 10.06 -0.77
CA ALA A 42 16.05 8.80 -0.06
C ALA A 42 14.68 8.19 -0.33
N SER A 43 14.40 7.91 -1.59
CA SER A 43 13.12 7.35 -1.98
C SER A 43 13.16 5.83 -1.88
N GLY A 44 12.24 5.27 -1.11
CA GLY A 44 12.20 3.83 -0.94
C GLY A 44 12.62 3.40 0.45
N LEU A 45 12.37 4.24 1.43
CA LEU A 45 12.70 3.93 2.82
C LEU A 45 11.62 3.06 3.44
N PHE A 46 12.00 2.29 4.44
CA PHE A 46 11.08 1.34 5.07
C PHE A 46 10.25 2.03 6.15
N CYS A 47 9.89 3.28 5.90
CA CYS A 47 9.05 4.04 6.81
C CYS A 47 7.61 4.04 6.32
N LYS A 48 7.28 3.01 5.56
CA LYS A 48 5.97 2.89 4.93
C LYS A 48 5.00 2.14 5.82
N CYS A 49 3.76 2.62 5.89
CA CYS A 49 2.69 1.92 6.57
C CYS A 49 2.59 0.50 6.05
N GLU A 50 2.74 -0.46 6.96
CA GLU A 50 2.74 -1.87 6.60
C GLU A 50 1.35 -2.36 6.19
N ARG A 51 0.38 -1.46 6.21
CA ARG A 51 -0.96 -1.77 5.76
C ARG A 51 -1.20 -1.20 4.36
N ARG A 52 -0.15 -1.18 3.56
CA ARG A 52 -0.26 -0.74 2.17
C ARG A 52 0.16 -1.86 1.23
N ARG A 53 0.91 -2.79 1.78
CA ARG A 53 1.37 -3.95 1.04
C ARG A 53 0.27 -5.01 0.98
N CYS A 54 -0.16 -5.30 -0.23
CA CYS A 54 -1.20 -6.31 -0.46
C CYS A 54 -0.84 -7.63 0.22
N LEU A 55 -1.71 -8.07 1.12
CA LEU A 55 -1.48 -9.33 1.84
C LEU A 55 -1.84 -10.52 0.97
N ARG A 56 -2.33 -10.23 -0.23
CA ARG A 56 -2.76 -11.24 -1.18
C ARG A 56 -2.31 -10.82 -2.56
N ILE A 57 -0.99 -10.76 -2.74
CA ILE A 57 -0.39 -10.22 -3.97
C ILE A 57 -0.76 -11.04 -5.21
N VAL A 58 -1.90 -10.70 -5.80
CA VAL A 58 -2.30 -11.24 -7.08
C VAL A 58 -2.48 -10.10 -8.07
N GLU A 59 -1.91 -8.95 -7.71
CA GLU A 59 -2.00 -7.75 -8.51
C GLU A 59 -1.01 -7.76 -9.66
N ARG A 60 0.03 -8.58 -9.51
CA ARG A 60 1.08 -8.68 -10.52
C ARG A 60 1.00 -10.03 -11.24
N SER A 61 1.77 -10.18 -12.29
CA SER A 61 1.80 -11.40 -13.06
C SER A 61 2.74 -12.41 -12.42
N GLY A 1 -3.78 15.13 -20.55
CA GLY A 1 -3.42 14.36 -19.34
C GLY A 1 -4.13 14.89 -18.11
N PRO A 2 -5.17 14.19 -17.63
CA PRO A 2 -5.93 14.60 -16.45
C PRO A 2 -5.13 14.44 -15.17
N LEU A 3 -4.87 15.55 -14.49
CA LEU A 3 -4.21 15.51 -13.20
C LEU A 3 -5.24 15.30 -12.10
N GLY A 4 -4.78 15.12 -10.87
CA GLY A 4 -5.68 14.85 -9.78
C GLY A 4 -6.04 13.38 -9.69
N SER A 5 -6.51 12.83 -10.79
CA SER A 5 -6.77 11.40 -10.89
C SER A 5 -5.57 10.72 -11.56
N GLU A 6 -4.38 11.10 -11.11
CA GLU A 6 -3.14 10.65 -11.72
C GLU A 6 -2.47 9.56 -10.88
N GLN A 7 -3.17 9.10 -9.85
CA GLN A 7 -2.64 8.07 -8.98
C GLN A 7 -3.31 6.75 -9.26
N ARG A 8 -2.87 5.71 -8.56
CA ARG A 8 -3.47 4.40 -8.70
C ARG A 8 -3.84 3.89 -7.31
N MET A 9 -5.03 3.31 -7.19
CA MET A 9 -5.55 2.88 -5.89
C MET A 9 -4.93 1.56 -5.43
N PHE A 10 -3.60 1.46 -5.55
CA PHE A 10 -2.84 0.31 -5.07
C PHE A 10 -3.29 -1.01 -5.69
N LYS A 11 -3.97 -0.92 -6.84
CA LYS A 11 -4.42 -2.12 -7.54
C LYS A 11 -3.35 -2.64 -8.48
N ARG A 12 -2.23 -1.93 -8.53
CA ARG A 12 -1.09 -2.38 -9.31
C ARG A 12 -0.08 -3.09 -8.40
N VAL A 13 0.12 -2.55 -7.21
CA VAL A 13 1.08 -3.10 -6.26
C VAL A 13 0.41 -4.15 -5.37
N GLY A 14 -0.92 -4.15 -5.36
CA GLY A 14 -1.65 -5.07 -4.52
C GLY A 14 -2.83 -5.70 -5.25
N CYS A 15 -3.40 -6.73 -4.64
CA CYS A 15 -4.54 -7.43 -5.23
C CYS A 15 -5.76 -6.52 -5.42
N GLY A 16 -5.87 -5.50 -4.57
CA GLY A 16 -7.01 -4.61 -4.64
C GLY A 16 -8.22 -5.11 -3.86
N GLU A 17 -8.16 -6.36 -3.41
CA GLU A 17 -9.32 -7.00 -2.79
C GLU A 17 -9.16 -7.14 -1.27
N CYS A 18 -7.93 -7.33 -0.79
CA CYS A 18 -7.72 -7.54 0.64
C CYS A 18 -7.74 -6.21 1.39
N ALA A 19 -7.85 -6.31 2.71
CA ALA A 19 -7.95 -5.15 3.61
C ALA A 19 -6.96 -4.05 3.25
N ALA A 20 -5.67 -4.33 3.43
CA ALA A 20 -4.61 -3.33 3.20
C ALA A 20 -4.68 -2.71 1.80
N CYS A 21 -5.20 -3.46 0.83
CA CYS A 21 -5.33 -2.95 -0.53
C CYS A 21 -6.47 -1.92 -0.64
N GLN A 22 -7.51 -2.11 0.15
CA GLN A 22 -8.68 -1.24 0.08
C GLN A 22 -8.50 -0.01 0.97
N VAL A 23 -7.35 0.07 1.62
CA VAL A 23 -7.00 1.20 2.45
C VAL A 23 -6.49 2.35 1.57
N THR A 24 -6.49 3.57 2.09
CA THR A 24 -6.02 4.72 1.33
C THR A 24 -4.92 5.47 2.07
N GLU A 25 -5.13 5.70 3.37
CA GLU A 25 -4.19 6.46 4.17
C GLU A 25 -3.42 5.55 5.12
N ASP A 26 -2.40 6.10 5.76
CA ASP A 26 -1.66 5.36 6.77
C ASP A 26 -2.56 5.11 7.98
N CYS A 27 -2.54 3.88 8.49
CA CYS A 27 -3.42 3.48 9.57
C CYS A 27 -3.12 4.24 10.87
N GLY A 28 -1.89 4.72 11.02
CA GLY A 28 -1.48 5.41 12.23
C GLY A 28 -1.22 4.48 13.40
N ALA A 29 -1.00 3.19 13.13
CA ALA A 29 -0.74 2.22 14.19
C ALA A 29 0.44 1.28 13.91
N CYS A 30 1.34 1.64 12.99
CA CYS A 30 2.54 0.84 12.77
C CYS A 30 3.76 1.60 13.25
N SER A 31 4.79 0.88 13.68
CA SER A 31 6.06 1.51 13.99
C SER A 31 6.54 2.37 12.81
N THR A 32 6.19 1.93 11.61
CA THR A 32 6.56 2.58 10.39
C THR A 32 5.74 3.84 10.13
N CYS A 33 4.42 3.71 10.09
CA CYS A 33 3.56 4.85 9.77
C CYS A 33 3.56 5.89 10.90
N LEU A 34 4.10 5.52 12.06
CA LEU A 34 4.29 6.47 13.16
C LEU A 34 5.52 7.34 12.97
N LEU A 35 6.29 7.07 11.91
CA LEU A 35 7.47 7.87 11.62
C LEU A 35 7.08 9.20 11.01
N GLN A 36 5.99 9.21 10.24
CA GLN A 36 5.43 10.43 9.69
C GLN A 36 6.46 11.24 8.90
N LEU A 37 6.74 10.78 7.69
CA LEU A 37 7.70 11.45 6.82
C LEU A 37 7.04 12.65 6.14
N PRO A 38 7.69 13.83 6.21
CA PRO A 38 7.16 15.07 5.63
C PRO A 38 7.34 15.14 4.12
N HIS A 39 7.27 13.99 3.48
CA HIS A 39 7.42 13.91 2.03
C HIS A 39 6.38 12.96 1.47
N ASP A 40 5.45 13.51 0.69
CA ASP A 40 4.33 12.73 0.18
C ASP A 40 4.52 12.37 -1.29
N VAL A 41 5.78 12.34 -1.72
CA VAL A 41 6.11 11.97 -3.10
C VAL A 41 6.01 10.45 -3.26
N ALA A 42 6.51 9.72 -2.27
CA ALA A 42 6.44 8.26 -2.24
C ALA A 42 7.00 7.64 -3.52
N SER A 43 8.29 7.83 -3.74
CA SER A 43 8.97 7.21 -4.87
C SER A 43 9.87 6.08 -4.37
N GLY A 44 10.23 6.16 -3.11
CA GLY A 44 11.02 5.13 -2.47
C GLY A 44 10.67 5.02 -1.00
N LEU A 45 11.61 4.49 -0.20
CA LEU A 45 11.42 4.36 1.25
C LEU A 45 10.26 3.44 1.56
N PHE A 46 10.54 2.15 1.69
CA PHE A 46 9.51 1.15 1.98
C PHE A 46 9.22 1.07 3.48
N CYS A 47 9.55 2.13 4.19
CA CYS A 47 9.33 2.20 5.63
C CYS A 47 7.99 2.87 5.95
N LYS A 48 6.99 2.62 5.11
CA LYS A 48 5.68 3.21 5.29
C LYS A 48 4.76 2.28 6.07
N CYS A 49 3.53 2.71 6.28
CA CYS A 49 2.51 1.91 6.94
C CYS A 49 2.47 0.50 6.37
N GLU A 50 2.61 -0.50 7.25
CA GLU A 50 2.62 -1.89 6.84
C GLU A 50 1.28 -2.32 6.27
N ARG A 51 0.25 -1.53 6.56
CA ARG A 51 -1.10 -1.80 6.05
C ARG A 51 -1.28 -1.16 4.68
N ARG A 52 -0.17 -1.00 3.97
CA ARG A 52 -0.20 -0.55 2.59
C ARG A 52 0.33 -1.66 1.69
N ARG A 53 0.95 -2.65 2.31
CA ARG A 53 1.44 -3.82 1.61
C ARG A 53 0.37 -4.89 1.58
N CYS A 54 0.05 -5.36 0.39
CA CYS A 54 -0.87 -6.47 0.21
C CYS A 54 -0.46 -7.64 1.10
N LEU A 55 -1.45 -8.28 1.73
CA LEU A 55 -1.19 -9.32 2.71
C LEU A 55 -0.69 -10.61 2.04
N ARG A 56 -1.12 -10.83 0.81
CA ARG A 56 -0.65 -12.00 0.05
C ARG A 56 0.37 -11.59 -1.00
N ILE A 57 0.58 -10.28 -1.10
CA ILE A 57 1.42 -9.68 -2.14
C ILE A 57 1.17 -10.32 -3.50
N VAL A 58 -0.10 -10.37 -3.89
CA VAL A 58 -0.48 -10.91 -5.17
C VAL A 58 -1.12 -9.83 -6.03
N GLU A 59 -0.73 -9.77 -7.29
CA GLU A 59 -1.26 -8.77 -8.20
C GLU A 59 -2.18 -9.43 -9.22
N ARG A 60 -3.10 -8.65 -9.77
CA ARG A 60 -4.02 -9.17 -10.79
C ARG A 60 -3.66 -8.59 -12.14
N SER A 61 -2.37 -8.39 -12.36
CA SER A 61 -1.88 -7.83 -13.60
C SER A 61 -1.29 -8.94 -14.48
N GLY A 1 -25.42 -10.06 -2.47
CA GLY A 1 -26.69 -9.98 -3.22
C GLY A 1 -26.53 -9.14 -4.48
N PRO A 2 -27.59 -9.02 -5.30
CA PRO A 2 -27.53 -8.23 -6.54
C PRO A 2 -27.31 -6.74 -6.26
N LEU A 3 -28.18 -6.18 -5.44
CA LEU A 3 -28.06 -4.78 -5.07
C LEU A 3 -26.99 -4.61 -3.99
N GLY A 4 -26.36 -3.45 -3.96
CA GLY A 4 -25.32 -3.21 -2.98
C GLY A 4 -23.94 -3.56 -3.51
N SER A 5 -23.64 -3.09 -4.70
CA SER A 5 -22.33 -3.31 -5.31
C SER A 5 -21.27 -2.51 -4.58
N GLU A 6 -20.66 -3.12 -3.58
CA GLU A 6 -19.63 -2.46 -2.79
C GLU A 6 -18.28 -2.58 -3.47
N GLN A 7 -18.08 -1.76 -4.49
CA GLN A 7 -16.84 -1.77 -5.26
C GLN A 7 -15.76 -1.00 -4.51
N ARG A 8 -15.04 -1.71 -3.65
CA ARG A 8 -13.99 -1.11 -2.83
C ARG A 8 -12.74 -0.84 -3.67
N MET A 9 -12.71 -1.42 -4.87
CA MET A 9 -11.64 -1.20 -5.84
C MET A 9 -10.31 -1.75 -5.33
N PHE A 10 -9.22 -1.32 -5.98
CA PHE A 10 -7.86 -1.74 -5.60
C PHE A 10 -7.67 -3.24 -5.79
N LYS A 11 -8.51 -3.84 -6.63
CA LYS A 11 -8.42 -5.27 -6.91
C LYS A 11 -7.45 -5.55 -8.04
N ARG A 12 -6.96 -4.48 -8.66
CA ARG A 12 -5.93 -4.62 -9.70
C ARG A 12 -4.54 -4.47 -9.09
N VAL A 13 -4.41 -3.54 -8.15
CA VAL A 13 -3.14 -3.29 -7.50
C VAL A 13 -3.00 -4.09 -6.22
N GLY A 14 -3.85 -5.11 -6.10
CA GLY A 14 -3.84 -5.96 -4.95
C GLY A 14 -5.00 -6.92 -4.98
N CYS A 15 -5.15 -7.73 -3.94
CA CYS A 15 -6.27 -8.66 -3.87
C CYS A 15 -7.61 -7.94 -3.82
N GLY A 16 -7.59 -6.70 -3.31
CA GLY A 16 -8.82 -5.93 -3.18
C GLY A 16 -9.69 -6.36 -2.01
N GLU A 17 -9.20 -7.34 -1.25
CA GLU A 17 -9.98 -7.90 -0.15
C GLU A 17 -9.35 -7.61 1.21
N CYS A 18 -8.02 -7.62 1.28
CA CYS A 18 -7.32 -7.46 2.56
C CYS A 18 -7.32 -6.00 2.99
N ALA A 19 -7.12 -5.77 4.28
CA ALA A 19 -7.08 -4.43 4.85
C ALA A 19 -6.21 -3.48 4.03
N ALA A 20 -4.95 -3.88 3.81
CA ALA A 20 -3.97 -3.08 3.10
C ALA A 20 -4.47 -2.59 1.74
N CYS A 21 -5.27 -3.42 1.07
CA CYS A 21 -5.81 -3.05 -0.23
C CYS A 21 -6.89 -1.99 -0.10
N GLN A 22 -7.58 -1.98 1.03
CA GLN A 22 -8.67 -1.04 1.25
C GLN A 22 -8.17 0.25 1.89
N VAL A 23 -7.01 0.17 2.52
CA VAL A 23 -6.39 1.33 3.15
C VAL A 23 -5.83 2.27 2.09
N THR A 24 -6.17 3.55 2.18
CA THR A 24 -5.75 4.52 1.20
C THR A 24 -4.78 5.54 1.80
N GLU A 25 -4.85 5.73 3.12
CA GLU A 25 -3.99 6.68 3.81
C GLU A 25 -3.03 5.94 4.72
N ASP A 26 -2.21 6.68 5.45
CA ASP A 26 -1.42 6.09 6.52
C ASP A 26 -2.37 5.66 7.64
N CYS A 27 -2.49 4.35 7.81
CA CYS A 27 -3.54 3.78 8.66
C CYS A 27 -3.45 4.23 10.12
N GLY A 28 -2.24 4.56 10.57
CA GLY A 28 -2.06 5.00 11.95
C GLY A 28 -2.02 3.88 12.96
N ALA A 29 -1.78 2.66 12.50
CA ALA A 29 -1.73 1.50 13.40
C ALA A 29 -0.60 0.52 13.08
N CYS A 30 0.53 1.02 12.56
CA CYS A 30 1.70 0.17 12.40
C CYS A 30 2.94 0.86 12.95
N SER A 31 3.95 0.09 13.31
CA SER A 31 5.20 0.63 13.82
C SER A 31 5.72 1.77 12.93
N THR A 32 5.74 1.54 11.62
CA THR A 32 6.35 2.49 10.70
C THR A 32 5.41 3.67 10.38
N CYS A 33 4.12 3.41 10.13
CA CYS A 33 3.21 4.51 9.81
C CYS A 33 2.97 5.42 11.03
N LEU A 34 3.37 4.97 12.21
CA LEU A 34 3.34 5.81 13.40
C LEU A 34 4.50 6.80 13.40
N LEU A 35 5.47 6.56 12.53
CA LEU A 35 6.63 7.44 12.40
C LEU A 35 6.33 8.60 11.45
N GLN A 36 5.05 8.80 11.16
CA GLN A 36 4.65 9.89 10.27
C GLN A 36 4.58 11.19 11.03
N LEU A 37 5.74 11.77 11.26
CA LEU A 37 5.84 13.04 11.96
C LEU A 37 5.53 14.19 10.99
N PRO A 38 4.60 15.08 11.39
CA PRO A 38 4.14 16.20 10.55
C PRO A 38 5.28 17.09 10.07
N HIS A 39 6.34 17.17 10.85
CA HIS A 39 7.53 17.90 10.44
C HIS A 39 8.43 16.99 9.63
N ASP A 40 8.95 17.49 8.51
CA ASP A 40 9.77 16.68 7.63
C ASP A 40 11.16 16.48 8.21
N VAL A 41 11.27 15.54 9.14
CA VAL A 41 12.53 15.21 9.76
C VAL A 41 13.04 13.88 9.21
N ALA A 42 12.14 13.10 8.64
CA ALA A 42 12.47 11.80 8.09
C ALA A 42 12.88 11.92 6.62
N SER A 43 14.11 12.35 6.39
CA SER A 43 14.63 12.44 5.04
C SER A 43 15.13 11.09 4.56
N GLY A 44 14.86 10.77 3.30
CA GLY A 44 15.27 9.50 2.76
C GLY A 44 14.26 8.42 3.08
N LEU A 45 14.35 7.87 4.28
CA LEU A 45 13.38 6.90 4.74
C LEU A 45 12.21 7.65 5.37
N PHE A 46 11.27 8.05 4.53
CA PHE A 46 10.14 8.89 4.94
C PHE A 46 9.03 8.07 5.59
N CYS A 47 9.26 6.75 5.68
CA CYS A 47 8.35 5.81 6.34
C CYS A 47 7.07 5.57 5.53
N LYS A 48 6.67 4.31 5.46
CA LYS A 48 5.44 3.92 4.76
C LYS A 48 4.71 2.82 5.53
N CYS A 49 3.41 3.03 5.70
CA CYS A 49 2.53 2.12 6.42
C CYS A 49 2.63 0.69 5.88
N GLU A 50 3.00 -0.22 6.79
CA GLU A 50 3.17 -1.63 6.47
C GLU A 50 1.86 -2.29 6.06
N ARG A 51 0.75 -1.64 6.39
CA ARG A 51 -0.56 -2.15 5.99
C ARG A 51 -1.02 -1.45 4.73
N ARG A 52 -0.09 -1.26 3.82
CA ARG A 52 -0.40 -0.77 2.49
C ARG A 52 -0.07 -1.83 1.46
N ARG A 53 0.97 -2.58 1.73
CA ARG A 53 1.37 -3.71 0.91
C ARG A 53 0.43 -4.88 1.17
N CYS A 54 -0.16 -5.39 0.10
CA CYS A 54 -1.09 -6.50 0.18
C CYS A 54 -0.48 -7.67 0.97
N LEU A 55 -1.17 -8.09 2.02
CA LEU A 55 -0.70 -9.19 2.86
C LEU A 55 -0.89 -10.53 2.14
N ARG A 56 -1.63 -10.50 1.04
CA ARG A 56 -1.94 -11.70 0.29
C ARG A 56 -1.70 -11.47 -1.19
N ILE A 57 -0.48 -11.06 -1.53
CA ILE A 57 -0.11 -10.79 -2.92
C ILE A 57 -0.33 -12.03 -3.79
N VAL A 58 -1.34 -11.95 -4.65
CA VAL A 58 -1.71 -13.04 -5.55
C VAL A 58 -1.90 -14.35 -4.78
N GLU A 59 -2.82 -14.33 -3.83
CA GLU A 59 -3.11 -15.51 -3.02
C GLU A 59 -4.21 -16.33 -3.68
N ARG A 60 -5.28 -15.66 -4.07
CA ARG A 60 -6.42 -16.33 -4.70
C ARG A 60 -6.80 -15.61 -5.98
N SER A 61 -5.82 -14.99 -6.61
CA SER A 61 -6.02 -14.26 -7.85
C SER A 61 -6.26 -15.23 -9.01
N GLY A 1 -18.42 -22.81 -14.85
CA GLY A 1 -17.50 -21.80 -15.44
C GLY A 1 -16.83 -20.97 -14.38
N PRO A 2 -15.56 -20.56 -14.63
CA PRO A 2 -14.82 -19.71 -13.69
C PRO A 2 -15.36 -18.28 -13.68
N LEU A 3 -15.96 -17.86 -14.79
CA LEU A 3 -16.51 -16.50 -14.92
C LEU A 3 -15.44 -15.47 -14.61
N GLY A 4 -14.45 -15.38 -15.49
CA GLY A 4 -13.35 -14.46 -15.29
C GLY A 4 -13.24 -13.45 -16.42
N SER A 5 -13.19 -12.19 -16.05
CA SER A 5 -13.02 -11.12 -17.03
C SER A 5 -11.60 -11.13 -17.58
N GLU A 6 -11.48 -10.95 -18.88
CA GLU A 6 -10.18 -10.96 -19.56
C GLU A 6 -9.31 -9.82 -19.04
N GLN A 7 -9.95 -8.73 -18.67
CA GLN A 7 -9.28 -7.62 -18.03
C GLN A 7 -9.29 -7.87 -16.52
N ARG A 8 -8.13 -7.83 -15.90
CA ARG A 8 -8.01 -8.11 -14.49
C ARG A 8 -7.91 -6.81 -13.69
N MET A 9 -8.75 -6.69 -12.68
CA MET A 9 -8.85 -5.47 -11.88
C MET A 9 -7.72 -5.39 -10.87
N PHE A 10 -6.90 -4.36 -10.99
CA PHE A 10 -5.78 -4.14 -10.07
C PHE A 10 -5.51 -2.65 -9.89
N LYS A 11 -4.65 -2.09 -10.75
CA LYS A 11 -4.22 -0.69 -10.65
C LYS A 11 -3.66 -0.38 -9.25
N ARG A 12 -2.44 -0.86 -9.00
CA ARG A 12 -1.75 -0.67 -7.71
C ARG A 12 -2.37 -1.51 -6.60
N VAL A 13 -3.53 -2.07 -6.86
CA VAL A 13 -4.20 -2.93 -5.91
C VAL A 13 -3.77 -4.38 -6.15
N GLY A 14 -3.61 -5.12 -5.05
CA GLY A 14 -3.26 -6.52 -5.15
C GLY A 14 -4.49 -7.40 -5.19
N CYS A 15 -4.70 -8.15 -4.12
CA CYS A 15 -5.84 -9.06 -4.04
C CYS A 15 -7.18 -8.31 -4.10
N GLY A 16 -7.19 -7.06 -3.66
CA GLY A 16 -8.41 -6.26 -3.67
C GLY A 16 -9.33 -6.56 -2.50
N GLU A 17 -8.95 -7.52 -1.65
CA GLU A 17 -9.81 -7.92 -0.55
C GLU A 17 -9.20 -7.63 0.82
N CYS A 18 -7.87 -7.68 0.92
CA CYS A 18 -7.22 -7.54 2.23
C CYS A 18 -7.26 -6.10 2.70
N ALA A 19 -7.14 -5.91 4.01
CA ALA A 19 -7.14 -4.59 4.62
C ALA A 19 -6.27 -3.61 3.84
N ALA A 20 -5.00 -3.97 3.67
CA ALA A 20 -4.02 -3.13 2.99
C ALA A 20 -4.49 -2.69 1.59
N CYS A 21 -5.28 -3.53 0.93
CA CYS A 21 -5.81 -3.18 -0.39
C CYS A 21 -6.88 -2.10 -0.28
N GLN A 22 -7.61 -2.11 0.83
CA GLN A 22 -8.71 -1.18 1.03
C GLN A 22 -8.24 0.10 1.71
N VAL A 23 -7.11 0.03 2.39
CA VAL A 23 -6.54 1.19 3.06
C VAL A 23 -5.93 2.14 2.03
N THR A 24 -6.21 3.42 2.16
CA THR A 24 -5.73 4.41 1.19
C THR A 24 -4.58 5.24 1.76
N GLU A 25 -4.67 5.57 3.05
CA GLU A 25 -3.67 6.38 3.72
C GLU A 25 -2.98 5.60 4.81
N ASP A 26 -2.15 6.27 5.58
CA ASP A 26 -1.53 5.64 6.74
C ASP A 26 -2.60 5.28 7.76
N CYS A 27 -2.62 4.01 8.14
CA CYS A 27 -3.61 3.52 9.09
C CYS A 27 -3.44 4.17 10.47
N GLY A 28 -2.22 4.61 10.77
CA GLY A 28 -1.94 5.21 12.07
C GLY A 28 -1.70 4.18 13.16
N ALA A 29 -1.54 2.92 12.78
CA ALA A 29 -1.34 1.85 13.77
C ALA A 29 -0.18 0.90 13.41
N CYS A 30 0.81 1.39 12.68
CA CYS A 30 2.04 0.61 12.48
C CYS A 30 3.18 1.34 13.15
N SER A 31 4.09 0.60 13.76
CA SER A 31 5.31 1.20 14.28
C SER A 31 5.99 2.01 13.17
N THR A 32 5.80 1.57 11.92
CA THR A 32 6.39 2.22 10.77
C THR A 32 5.64 3.49 10.37
N CYS A 33 4.31 3.42 10.21
CA CYS A 33 3.54 4.61 9.82
C CYS A 33 3.43 5.61 10.98
N LEU A 34 3.91 5.22 12.15
CA LEU A 34 4.04 6.15 13.27
C LEU A 34 5.34 6.95 13.14
N LEU A 35 6.28 6.37 12.40
CA LEU A 35 7.54 7.04 12.10
C LEU A 35 7.36 8.00 10.95
N GLN A 36 6.89 7.47 9.82
CA GLN A 36 6.69 8.23 8.60
C GLN A 36 8.00 8.92 8.18
N LEU A 37 8.92 8.14 7.65
CA LEU A 37 10.18 8.70 7.16
C LEU A 37 9.95 9.30 5.78
N PRO A 38 10.22 10.61 5.62
CA PRO A 38 10.03 11.32 4.35
C PRO A 38 11.08 10.95 3.31
N HIS A 39 11.29 9.66 3.13
CA HIS A 39 12.24 9.14 2.15
C HIS A 39 11.68 7.87 1.53
N ASP A 40 10.37 7.74 1.57
CA ASP A 40 9.67 6.54 1.10
C ASP A 40 9.52 6.56 -0.42
N VAL A 41 10.62 6.74 -1.11
CA VAL A 41 10.61 6.77 -2.56
C VAL A 41 10.38 5.36 -3.12
N ALA A 42 9.85 5.30 -4.33
CA ALA A 42 9.56 4.02 -4.97
C ALA A 42 10.84 3.37 -5.51
N SER A 43 11.74 3.06 -4.60
CA SER A 43 12.99 2.42 -4.95
C SER A 43 13.33 1.33 -3.94
N GLY A 44 12.28 0.71 -3.41
CA GLY A 44 12.47 -0.35 -2.43
C GLY A 44 12.53 0.17 -1.01
N LEU A 45 12.00 1.36 -0.80
CA LEU A 45 11.96 1.97 0.52
C LEU A 45 10.60 1.75 1.15
N PHE A 46 10.45 0.63 1.85
CA PHE A 46 9.18 0.28 2.47
C PHE A 46 9.05 0.91 3.86
N CYS A 47 9.55 2.13 4.00
CA CYS A 47 9.45 2.86 5.25
C CYS A 47 8.15 3.64 5.29
N LYS A 48 7.04 2.91 5.23
CA LYS A 48 5.72 3.50 5.15
C LYS A 48 4.72 2.57 5.85
N CYS A 49 3.46 2.99 5.94
CA CYS A 49 2.42 2.17 6.55
C CYS A 49 2.40 0.76 5.95
N GLU A 50 2.58 -0.22 6.83
CA GLU A 50 2.64 -1.61 6.45
C GLU A 50 1.29 -2.11 5.92
N ARG A 51 0.24 -1.34 6.20
CA ARG A 51 -1.09 -1.70 5.73
C ARG A 51 -1.36 -1.08 4.37
N ARG A 52 -0.28 -0.88 3.62
CA ARG A 52 -0.37 -0.47 2.23
C ARG A 52 0.21 -1.56 1.35
N ARG A 53 0.75 -2.56 2.03
CA ARG A 53 1.34 -3.71 1.37
C ARG A 53 0.37 -4.89 1.39
N CYS A 54 -0.15 -5.25 0.23
CA CYS A 54 -1.08 -6.36 0.12
C CYS A 54 -0.54 -7.62 0.80
N LEU A 55 -1.31 -8.17 1.72
CA LEU A 55 -0.91 -9.37 2.46
C LEU A 55 -1.04 -10.62 1.59
N ARG A 56 -1.66 -10.46 0.43
CA ARG A 56 -1.85 -11.56 -0.50
C ARG A 56 -1.59 -11.06 -1.91
N ILE A 57 -0.34 -10.70 -2.20
CA ILE A 57 0.03 -10.23 -3.53
C ILE A 57 -0.16 -11.35 -4.55
N VAL A 58 -1.32 -11.35 -5.19
CA VAL A 58 -1.69 -12.40 -6.13
C VAL A 58 -2.03 -11.82 -7.49
N GLU A 59 -1.24 -10.85 -7.93
CA GLU A 59 -1.46 -10.20 -9.21
C GLU A 59 -1.34 -11.23 -10.34
N ARG A 60 -0.32 -12.08 -10.26
CA ARG A 60 -0.09 -13.08 -11.28
C ARG A 60 -0.07 -14.47 -10.66
N SER A 61 -0.97 -14.70 -9.73
CA SER A 61 -1.07 -15.98 -9.05
C SER A 61 -1.45 -17.08 -10.04
N GLY A 1 -2.91 13.92 -4.67
CA GLY A 1 -1.77 14.06 -5.61
C GLY A 1 -2.04 15.08 -6.70
N PRO A 2 -1.09 15.30 -7.61
CA PRO A 2 -1.23 16.27 -8.70
C PRO A 2 -2.22 15.79 -9.76
N LEU A 3 -2.91 16.74 -10.39
CA LEU A 3 -3.86 16.42 -11.44
C LEU A 3 -3.14 15.77 -12.63
N GLY A 4 -3.80 14.82 -13.27
CA GLY A 4 -3.17 14.11 -14.37
C GLY A 4 -2.38 12.91 -13.89
N SER A 5 -1.62 13.12 -12.82
CA SER A 5 -0.83 12.06 -12.23
C SER A 5 -1.69 11.22 -11.28
N GLU A 6 -2.70 10.56 -11.84
CA GLU A 6 -3.61 9.75 -11.05
C GLU A 6 -3.06 8.34 -10.86
N GLN A 7 -3.21 7.81 -9.67
CA GLN A 7 -2.81 6.45 -9.38
C GLN A 7 -4.05 5.58 -9.19
N ARG A 8 -4.40 4.83 -10.22
CA ARG A 8 -5.57 3.97 -10.18
C ARG A 8 -5.28 2.73 -9.34
N MET A 9 -4.03 2.31 -9.34
CA MET A 9 -3.60 1.19 -8.52
C MET A 9 -3.39 1.68 -7.08
N PHE A 10 -3.12 0.75 -6.18
CA PHE A 10 -2.85 1.12 -4.80
C PHE A 10 -1.42 1.64 -4.66
N LYS A 11 -0.47 0.82 -5.05
CA LYS A 11 0.93 1.24 -5.08
C LYS A 11 1.71 0.41 -6.08
N ARG A 12 1.44 -0.90 -6.11
CA ARG A 12 2.04 -1.80 -7.08
C ARG A 12 1.07 -2.92 -7.43
N VAL A 13 -0.17 -2.53 -7.74
CA VAL A 13 -1.26 -3.47 -7.97
C VAL A 13 -1.68 -4.17 -6.68
N GLY A 14 -2.97 -4.39 -6.49
CA GLY A 14 -3.45 -5.04 -5.29
C GLY A 14 -4.68 -5.88 -5.54
N CYS A 15 -4.89 -6.85 -4.66
CA CYS A 15 -6.03 -7.76 -4.76
C CYS A 15 -7.37 -7.03 -4.67
N GLY A 16 -7.40 -5.92 -3.92
CA GLY A 16 -8.63 -5.19 -3.72
C GLY A 16 -9.47 -5.75 -2.57
N GLU A 17 -9.02 -6.84 -1.97
CA GLU A 17 -9.79 -7.52 -0.93
C GLU A 17 -9.14 -7.39 0.45
N CYS A 18 -7.82 -7.42 0.50
CA CYS A 18 -7.12 -7.43 1.80
C CYS A 18 -7.15 -6.05 2.44
N ALA A 19 -6.97 -6.02 3.76
CA ALA A 19 -7.02 -4.78 4.54
C ALA A 19 -6.25 -3.64 3.88
N ALA A 20 -4.97 -3.88 3.61
CA ALA A 20 -4.09 -2.91 2.97
C ALA A 20 -4.66 -2.35 1.67
N CYS A 21 -5.48 -3.14 0.97
CA CYS A 21 -6.12 -2.68 -0.25
C CYS A 21 -7.30 -1.76 0.03
N GLN A 22 -7.85 -1.86 1.23
CA GLN A 22 -8.97 -1.01 1.62
C GLN A 22 -8.45 0.29 2.24
N VAL A 23 -7.26 0.20 2.84
CA VAL A 23 -6.61 1.34 3.43
C VAL A 23 -5.99 2.21 2.33
N THR A 24 -6.37 3.48 2.27
CA THR A 24 -5.92 4.36 1.21
C THR A 24 -4.84 5.33 1.67
N GLU A 25 -4.68 5.44 2.99
CA GLU A 25 -3.66 6.33 3.56
C GLU A 25 -2.88 5.58 4.60
N ASP A 26 -2.02 6.30 5.32
CA ASP A 26 -1.34 5.72 6.46
C ASP A 26 -2.37 5.35 7.52
N CYS A 27 -2.47 4.06 7.81
CA CYS A 27 -3.51 3.53 8.68
C CYS A 27 -3.44 4.11 10.09
N GLY A 28 -2.26 4.58 10.48
CA GLY A 28 -2.08 5.15 11.80
C GLY A 28 -1.97 4.10 12.88
N ALA A 29 -1.75 2.84 12.50
CA ALA A 29 -1.63 1.75 13.47
C ALA A 29 -0.39 0.88 13.24
N CYS A 30 0.63 1.41 12.57
CA CYS A 30 1.91 0.72 12.48
C CYS A 30 2.98 1.60 13.11
N SER A 31 3.85 1.00 13.91
CA SER A 31 5.01 1.70 14.44
C SER A 31 5.80 2.37 13.31
N THR A 32 5.60 1.88 12.09
CA THR A 32 6.20 2.43 10.91
C THR A 32 5.46 3.69 10.43
N CYS A 33 4.17 3.55 10.14
CA CYS A 33 3.40 4.68 9.60
C CYS A 33 3.19 5.77 10.65
N LEU A 34 3.47 5.45 11.91
CA LEU A 34 3.43 6.44 12.99
C LEU A 34 4.65 7.35 12.95
N LEU A 35 5.64 6.95 12.16
CA LEU A 35 6.82 7.78 11.96
C LEU A 35 6.48 8.91 11.00
N GLN A 36 5.43 8.70 10.20
CA GLN A 36 4.94 9.72 9.28
C GLN A 36 6.06 10.22 8.37
N LEU A 37 6.49 9.36 7.46
CA LEU A 37 7.55 9.69 6.53
C LEU A 37 6.97 10.48 5.36
N PRO A 38 7.49 11.70 5.14
CA PRO A 38 7.03 12.57 4.05
C PRO A 38 7.20 11.95 2.67
N HIS A 39 8.41 11.43 2.41
CA HIS A 39 8.71 10.79 1.13
C HIS A 39 10.02 10.03 1.21
N ASP A 40 10.25 9.38 2.33
CA ASP A 40 11.50 8.68 2.58
C ASP A 40 11.60 7.38 1.79
N VAL A 41 12.67 7.28 1.01
CA VAL A 41 12.96 6.07 0.25
C VAL A 41 14.31 6.23 -0.45
N ALA A 42 15.30 5.48 0.01
CA ALA A 42 16.65 5.57 -0.53
C ALA A 42 17.37 4.25 -0.36
N SER A 43 17.60 3.55 -1.48
CA SER A 43 18.21 2.23 -1.46
C SER A 43 17.35 1.27 -0.67
N GLY A 44 16.04 1.49 -0.71
CA GLY A 44 15.12 0.70 0.06
C GLY A 44 14.41 1.56 1.09
N LEU A 45 14.59 1.22 2.37
CA LEU A 45 13.95 1.95 3.47
C LEU A 45 12.44 1.94 3.30
N PHE A 46 11.89 0.75 3.24
CA PHE A 46 10.46 0.55 3.09
C PHE A 46 9.76 0.62 4.44
N CYS A 47 10.12 1.63 5.22
CA CYS A 47 9.63 1.79 6.58
C CYS A 47 8.30 2.53 6.59
N LYS A 48 7.45 2.20 5.65
CA LYS A 48 6.14 2.84 5.52
C LYS A 48 5.09 2.03 6.24
N CYS A 49 3.84 2.47 6.14
CA CYS A 49 2.71 1.72 6.65
C CYS A 49 2.75 0.30 6.09
N GLU A 50 3.12 -0.66 6.95
CA GLU A 50 3.24 -2.05 6.54
C GLU A 50 1.91 -2.60 6.06
N ARG A 51 0.82 -2.03 6.58
CA ARG A 51 -0.51 -2.44 6.17
C ARG A 51 -0.97 -1.63 4.95
N ARG A 52 -0.01 -1.30 4.09
CA ARG A 52 -0.32 -0.76 2.77
C ARG A 52 0.15 -1.74 1.72
N ARG A 53 0.92 -2.72 2.18
CA ARG A 53 1.41 -3.78 1.33
C ARG A 53 0.33 -4.84 1.17
N CYS A 54 -0.16 -5.00 -0.05
CA CYS A 54 -1.14 -6.04 -0.34
C CYS A 54 -0.64 -7.39 0.16
N LEU A 55 -1.36 -7.97 1.13
CA LEU A 55 -0.93 -9.20 1.78
C LEU A 55 -1.13 -10.40 0.85
N ARG A 56 -1.95 -10.21 -0.17
CA ARG A 56 -2.26 -11.27 -1.12
C ARG A 56 -2.32 -10.68 -2.51
N ILE A 57 -1.17 -10.32 -3.04
CA ILE A 57 -1.08 -9.77 -4.39
C ILE A 57 -1.48 -10.82 -5.43
N VAL A 58 -2.76 -10.82 -5.78
CA VAL A 58 -3.28 -11.72 -6.79
C VAL A 58 -3.74 -10.92 -8.01
N GLU A 59 -4.07 -11.62 -9.09
CA GLU A 59 -4.47 -10.99 -10.34
C GLU A 59 -3.40 -9.99 -10.78
N ARG A 60 -2.20 -10.49 -11.01
CA ARG A 60 -1.06 -9.65 -11.33
C ARG A 60 -0.99 -9.34 -12.82
N SER A 61 -2.10 -8.85 -13.35
CA SER A 61 -2.17 -8.49 -14.77
C SER A 61 -1.63 -7.09 -14.97
N GLY A 1 11.94 -2.25 -27.77
CA GLY A 1 12.22 -3.68 -27.99
C GLY A 1 11.19 -4.57 -27.32
N PRO A 2 11.46 -5.88 -27.22
CA PRO A 2 10.56 -6.82 -26.56
C PRO A 2 10.51 -6.62 -25.05
N LEU A 3 9.40 -6.06 -24.58
CA LEU A 3 9.18 -5.85 -23.16
C LEU A 3 7.89 -6.55 -22.73
N GLY A 4 7.96 -7.28 -21.63
CA GLY A 4 6.80 -8.01 -21.15
C GLY A 4 6.14 -7.32 -19.97
N SER A 5 6.84 -6.37 -19.37
CA SER A 5 6.32 -5.63 -18.24
C SER A 5 6.76 -4.17 -18.31
N GLU A 6 6.18 -3.45 -19.26
CA GLU A 6 6.53 -2.05 -19.48
C GLU A 6 5.41 -1.12 -19.00
N GLN A 7 4.17 -1.59 -19.10
CA GLN A 7 3.01 -0.78 -18.73
C GLN A 7 2.13 -1.55 -17.75
N ARG A 8 1.35 -0.81 -16.97
CA ARG A 8 0.41 -1.38 -16.00
C ARG A 8 1.17 -2.03 -14.84
N MET A 9 0.79 -1.67 -13.62
CA MET A 9 1.52 -2.12 -12.45
C MET A 9 0.66 -2.01 -11.20
N PHE A 10 1.23 -2.44 -10.07
CA PHE A 10 0.55 -2.40 -8.79
C PHE A 10 1.56 -2.08 -7.70
N LYS A 11 1.28 -1.04 -6.92
CA LYS A 11 2.15 -0.64 -5.82
C LYS A 11 1.34 0.10 -4.75
N ARG A 12 0.39 0.91 -5.18
CA ARG A 12 -0.53 1.56 -4.25
C ARG A 12 -1.74 0.65 -4.05
N VAL A 13 -2.25 0.11 -5.14
CA VAL A 13 -3.32 -0.88 -5.09
C VAL A 13 -2.75 -2.28 -5.24
N GLY A 14 -3.59 -3.29 -5.03
CA GLY A 14 -3.15 -4.66 -5.15
C GLY A 14 -4.29 -5.61 -5.38
N CYS A 15 -4.45 -6.58 -4.48
CA CYS A 15 -5.49 -7.59 -4.60
C CYS A 15 -6.90 -6.99 -4.54
N GLY A 16 -7.04 -5.88 -3.81
CA GLY A 16 -8.34 -5.28 -3.62
C GLY A 16 -9.14 -5.93 -2.50
N GLU A 17 -8.60 -6.99 -1.91
CA GLU A 17 -9.33 -7.75 -0.90
C GLU A 17 -8.74 -7.59 0.50
N CYS A 18 -7.41 -7.50 0.59
CA CYS A 18 -6.75 -7.46 1.89
C CYS A 18 -6.92 -6.10 2.56
N ALA A 19 -6.79 -6.06 3.88
CA ALA A 19 -6.96 -4.85 4.67
C ALA A 19 -6.22 -3.67 4.04
N ALA A 20 -4.94 -3.87 3.76
CA ALA A 20 -4.09 -2.84 3.18
C ALA A 20 -4.72 -2.22 1.93
N CYS A 21 -5.37 -3.03 1.13
CA CYS A 21 -6.02 -2.56 -0.10
C CYS A 21 -7.27 -1.74 0.21
N GLN A 22 -7.87 -1.98 1.37
CA GLN A 22 -9.07 -1.26 1.77
C GLN A 22 -8.71 0.01 2.54
N VAL A 23 -7.50 0.03 3.08
CA VAL A 23 -7.03 1.16 3.87
C VAL A 23 -6.73 2.34 2.97
N THR A 24 -6.06 2.05 1.86
CA THR A 24 -5.74 3.01 0.78
C THR A 24 -4.83 4.19 1.23
N GLU A 25 -4.73 4.42 2.53
CA GLU A 25 -4.00 5.57 3.05
C GLU A 25 -3.07 5.13 4.18
N ASP A 26 -2.25 6.06 4.67
CA ASP A 26 -1.42 5.79 5.84
C ASP A 26 -2.29 5.67 7.07
N CYS A 27 -2.47 4.44 7.53
CA CYS A 27 -3.40 4.14 8.60
C CYS A 27 -3.03 4.83 9.92
N GLY A 28 -1.75 5.17 10.07
CA GLY A 28 -1.27 5.80 11.30
C GLY A 28 -1.24 4.86 12.49
N ALA A 29 -1.41 3.57 12.25
CA ALA A 29 -1.43 2.59 13.34
C ALA A 29 -0.51 1.38 13.07
N CYS A 30 0.56 1.58 12.32
CA CYS A 30 1.59 0.52 12.20
C CYS A 30 2.78 0.91 13.04
N SER A 31 3.58 -0.06 13.45
CA SER A 31 4.84 0.22 14.13
C SER A 31 5.65 1.23 13.31
N THR A 32 5.60 1.07 11.99
CA THR A 32 6.37 1.93 11.10
C THR A 32 5.68 3.27 10.82
N CYS A 33 4.41 3.26 10.41
CA CYS A 33 3.74 4.52 10.00
C CYS A 33 3.53 5.45 11.20
N LEU A 34 3.81 4.96 12.41
CA LEU A 34 3.77 5.78 13.61
C LEU A 34 4.98 6.72 13.68
N LEU A 35 5.98 6.46 12.86
CA LEU A 35 7.22 7.24 12.89
C LEU A 35 7.06 8.58 12.18
N GLN A 36 5.87 8.81 11.61
CA GLN A 36 5.60 10.00 10.81
C GLN A 36 6.56 10.08 9.64
N LEU A 37 6.28 9.31 8.61
CA LEU A 37 7.18 9.21 7.47
C LEU A 37 6.99 10.39 6.52
N PRO A 38 8.09 11.08 6.20
CA PRO A 38 8.06 12.19 5.24
C PRO A 38 7.94 11.68 3.82
N HIS A 39 7.40 12.49 2.92
CA HIS A 39 7.21 12.10 1.54
C HIS A 39 8.49 12.33 0.75
N ASP A 40 9.60 11.85 1.30
CA ASP A 40 10.91 12.01 0.71
C ASP A 40 11.31 10.74 -0.03
N VAL A 41 11.75 10.90 -1.28
CA VAL A 41 12.15 9.75 -2.09
C VAL A 41 13.53 9.25 -1.69
N ALA A 42 13.97 8.17 -2.35
CA ALA A 42 15.26 7.54 -2.06
C ALA A 42 15.27 6.94 -0.66
N SER A 43 14.08 6.62 -0.17
CA SER A 43 13.92 6.03 1.14
C SER A 43 13.44 4.59 1.03
N GLY A 44 14.12 3.81 0.18
CA GLY A 44 13.72 2.44 -0.08
C GLY A 44 14.12 1.49 1.03
N LEU A 45 13.80 1.85 2.26
CA LEU A 45 14.10 1.01 3.42
C LEU A 45 12.94 0.07 3.71
N PHE A 46 11.90 0.17 2.89
CA PHE A 46 10.67 -0.64 3.07
C PHE A 46 9.99 -0.26 4.37
N CYS A 47 10.31 0.91 4.88
CA CYS A 47 9.69 1.43 6.07
C CYS A 47 8.52 2.32 5.71
N LYS A 48 7.34 1.72 5.63
CA LYS A 48 6.12 2.45 5.31
C LYS A 48 4.96 1.89 6.12
N CYS A 49 3.79 2.49 5.98
CA CYS A 49 2.57 1.96 6.56
C CYS A 49 2.40 0.50 6.12
N GLU A 50 2.59 -0.40 7.06
CA GLU A 50 2.57 -1.84 6.80
C GLU A 50 1.24 -2.29 6.21
N ARG A 51 0.18 -1.59 6.58
CA ARG A 51 -1.13 -1.88 6.02
C ARG A 51 -1.39 -1.02 4.78
N ARG A 52 -0.33 -0.73 4.04
CA ARG A 52 -0.43 -0.14 2.73
C ARG A 52 0.15 -1.08 1.69
N ARG A 53 1.05 -1.92 2.17
CA ARG A 53 1.66 -2.95 1.34
C ARG A 53 0.73 -4.15 1.29
N CYS A 54 0.17 -4.39 0.13
CA CYS A 54 -0.75 -5.50 -0.10
C CYS A 54 -0.16 -6.82 0.42
N LEU A 55 -0.92 -7.51 1.27
CA LEU A 55 -0.48 -8.79 1.84
C LEU A 55 -0.64 -9.91 0.82
N ARG A 56 -1.31 -9.62 -0.29
CA ARG A 56 -1.54 -10.59 -1.33
C ARG A 56 -1.37 -9.92 -2.69
N ILE A 57 -0.14 -9.49 -2.97
CA ILE A 57 0.16 -8.80 -4.22
C ILE A 57 -0.08 -9.71 -5.41
N VAL A 58 -1.27 -9.63 -5.97
CA VAL A 58 -1.65 -10.43 -7.11
C VAL A 58 -2.17 -9.54 -8.23
N GLU A 59 -1.71 -9.81 -9.44
CA GLU A 59 -2.10 -9.02 -10.59
C GLU A 59 -2.30 -9.92 -11.80
N ARG A 60 -3.11 -10.95 -11.62
CA ARG A 60 -3.39 -11.91 -12.68
C ARG A 60 -4.40 -11.31 -13.66
N SER A 61 -4.24 -11.66 -14.94
CA SER A 61 -5.04 -11.09 -16.02
C SER A 61 -4.87 -9.56 -16.06
N GLY A 1 -6.23 12.72 -3.43
CA GLY A 1 -7.47 12.55 -4.22
C GLY A 1 -8.31 11.41 -3.70
N PRO A 2 -9.17 10.81 -4.54
CA PRO A 2 -10.01 9.68 -4.15
C PRO A 2 -9.18 8.40 -4.01
N LEU A 3 -9.85 7.28 -3.73
CA LEU A 3 -9.17 6.01 -3.53
C LEU A 3 -8.38 5.62 -4.77
N GLY A 4 -9.08 5.43 -5.88
CA GLY A 4 -8.43 5.06 -7.12
C GLY A 4 -9.11 5.66 -8.33
N SER A 5 -9.30 6.98 -8.28
CA SER A 5 -10.00 7.72 -9.34
C SER A 5 -11.49 7.38 -9.38
N GLU A 6 -11.81 6.19 -9.86
CA GLU A 6 -13.19 5.74 -9.90
C GLU A 6 -13.33 4.45 -9.11
N GLN A 7 -12.43 3.51 -9.36
CA GLN A 7 -12.43 2.24 -8.68
C GLN A 7 -11.01 1.72 -8.53
N ARG A 8 -10.76 1.02 -7.45
CA ARG A 8 -9.44 0.46 -7.18
C ARG A 8 -9.25 -0.85 -7.93
N MET A 9 -8.97 -0.73 -9.22
CA MET A 9 -8.73 -1.88 -10.05
C MET A 9 -7.34 -2.44 -9.80
N PHE A 10 -6.38 -1.52 -9.61
CA PHE A 10 -4.98 -1.86 -9.34
C PHE A 10 -4.36 -2.67 -10.47
N LYS A 11 -4.61 -3.98 -10.46
CA LYS A 11 -4.04 -4.92 -11.44
C LYS A 11 -2.53 -5.05 -11.25
N ARG A 12 -2.01 -4.39 -10.22
CA ARG A 12 -0.61 -4.46 -9.86
C ARG A 12 -0.43 -4.08 -8.40
N VAL A 13 0.57 -4.68 -7.76
CA VAL A 13 0.90 -4.40 -6.35
C VAL A 13 -0.16 -4.97 -5.41
N GLY A 14 -1.36 -4.45 -5.52
CA GLY A 14 -2.42 -4.85 -4.63
C GLY A 14 -3.61 -5.42 -5.36
N CYS A 15 -4.30 -6.34 -4.69
CA CYS A 15 -5.53 -6.89 -5.21
C CYS A 15 -6.62 -5.82 -5.31
N GLY A 16 -6.56 -4.84 -4.41
CA GLY A 16 -7.58 -3.81 -4.36
C GLY A 16 -8.77 -4.21 -3.50
N GLU A 17 -8.69 -5.39 -2.90
CA GLU A 17 -9.82 -5.96 -2.17
C GLU A 17 -9.51 -6.22 -0.70
N CYS A 18 -8.29 -6.65 -0.38
CA CYS A 18 -7.96 -7.00 1.01
C CYS A 18 -7.72 -5.75 1.85
N ALA A 19 -7.65 -5.94 3.18
CA ALA A 19 -7.55 -4.86 4.15
C ALA A 19 -6.57 -3.75 3.74
N ALA A 20 -5.30 -4.11 3.58
CA ALA A 20 -4.27 -3.14 3.21
C ALA A 20 -4.57 -2.46 1.88
N CYS A 21 -5.25 -3.18 0.99
CA CYS A 21 -5.65 -2.61 -0.29
C CYS A 21 -6.88 -1.71 -0.13
N GLN A 22 -7.53 -1.79 1.03
CA GLN A 22 -8.62 -0.89 1.37
C GLN A 22 -8.04 0.37 1.97
N VAL A 23 -6.88 0.21 2.58
CA VAL A 23 -6.15 1.30 3.19
C VAL A 23 -5.44 2.12 2.11
N THR A 24 -5.57 3.43 2.17
CA THR A 24 -4.92 4.31 1.20
C THR A 24 -4.02 5.33 1.88
N GLU A 25 -4.03 5.32 3.22
CA GLU A 25 -3.23 6.25 4.00
C GLU A 25 -2.56 5.54 5.15
N ASP A 26 -1.98 6.31 6.06
CA ASP A 26 -1.42 5.77 7.28
C ASP A 26 -2.54 5.17 8.13
N CYS A 27 -2.53 3.84 8.24
CA CYS A 27 -3.54 3.14 9.02
C CYS A 27 -3.49 3.55 10.50
N GLY A 28 -2.35 4.09 10.92
CA GLY A 28 -2.20 4.55 12.28
C GLY A 28 -1.89 3.42 13.26
N ALA A 29 -1.44 2.29 12.74
CA ALA A 29 -1.16 1.15 13.59
C ALA A 29 0.31 0.68 13.48
N CYS A 30 1.01 1.11 12.43
CA CYS A 30 2.39 0.67 12.25
C CYS A 30 3.33 1.73 12.81
N SER A 31 4.38 1.29 13.51
CA SER A 31 5.41 2.19 14.01
C SER A 31 5.95 3.09 12.91
N THR A 32 5.82 2.63 11.67
CA THR A 32 6.21 3.38 10.51
C THR A 32 5.21 4.49 10.19
N CYS A 33 3.95 4.11 9.95
CA CYS A 33 2.93 5.07 9.57
C CYS A 33 2.54 5.98 10.73
N LEU A 34 2.95 5.60 11.94
CA LEU A 34 2.71 6.42 13.13
C LEU A 34 3.64 7.62 13.16
N LEU A 35 4.60 7.65 12.23
CA LEU A 35 5.51 8.78 12.12
C LEU A 35 4.84 9.94 11.39
N GLN A 36 3.56 9.76 11.07
CA GLN A 36 2.77 10.77 10.38
C GLN A 36 3.34 11.03 8.99
N LEU A 37 3.57 9.93 8.26
CA LEU A 37 4.23 9.95 6.95
C LEU A 37 5.68 10.43 7.06
N PRO A 38 6.64 9.55 6.71
CA PRO A 38 8.08 9.83 6.82
C PRO A 38 8.45 11.14 6.13
N HIS A 39 9.01 12.07 6.89
CA HIS A 39 9.34 13.38 6.38
C HIS A 39 10.79 13.44 5.90
N ASP A 40 11.73 13.36 6.85
CA ASP A 40 13.15 13.47 6.50
C ASP A 40 13.67 12.12 6.03
N VAL A 41 13.09 11.05 6.53
CA VAL A 41 13.49 9.70 6.12
C VAL A 41 12.71 9.26 4.89
N ALA A 42 12.18 10.23 4.15
CA ALA A 42 11.46 9.96 2.91
C ALA A 42 12.45 9.89 1.74
N SER A 43 13.66 10.37 1.98
CA SER A 43 14.73 10.28 0.99
C SER A 43 15.33 8.88 1.02
N GLY A 44 14.67 7.94 0.36
CA GLY A 44 15.08 6.56 0.42
C GLY A 44 14.30 5.83 1.50
N LEU A 45 14.96 4.89 2.17
CA LEU A 45 14.35 4.14 3.28
C LEU A 45 13.16 3.31 2.82
N PHE A 46 12.47 2.71 3.77
CA PHE A 46 11.28 1.94 3.50
C PHE A 46 10.39 1.92 4.75
N CYS A 47 10.25 3.10 5.34
CA CYS A 47 9.46 3.24 6.56
C CYS A 47 8.01 3.54 6.22
N LYS A 48 7.42 2.67 5.40
CA LYS A 48 6.05 2.83 4.95
C LYS A 48 5.08 2.02 5.81
N CYS A 49 3.83 2.45 5.83
CA CYS A 49 2.75 1.72 6.48
C CYS A 49 2.72 0.28 5.97
N GLU A 50 3.06 -0.66 6.84
CA GLU A 50 3.06 -2.08 6.48
C GLU A 50 1.66 -2.56 6.11
N ARG A 51 0.65 -1.78 6.49
CA ARG A 51 -0.72 -2.10 6.17
C ARG A 51 -1.15 -1.43 4.87
N ARG A 52 -0.22 -1.27 3.95
CA ARG A 52 -0.51 -0.77 2.62
C ARG A 52 -0.25 -1.83 1.58
N ARG A 53 0.63 -2.75 1.92
CA ARG A 53 1.03 -3.82 1.03
C ARG A 53 0.03 -4.97 1.10
N CYS A 54 -0.34 -5.48 -0.06
CA CYS A 54 -1.27 -6.59 -0.17
C CYS A 54 -0.84 -7.75 0.72
N LEU A 55 -1.74 -8.21 1.58
CA LEU A 55 -1.38 -9.21 2.58
C LEU A 55 -1.20 -10.59 1.97
N ARG A 56 -1.99 -10.90 0.95
CA ARG A 56 -1.89 -12.18 0.27
C ARG A 56 -1.13 -12.05 -1.04
N ILE A 57 -0.79 -10.80 -1.36
CA ILE A 57 -0.11 -10.43 -2.60
C ILE A 57 -0.77 -11.10 -3.82
N VAL A 58 -2.10 -11.13 -3.80
CA VAL A 58 -2.85 -11.70 -4.91
C VAL A 58 -3.19 -10.61 -5.93
N GLU A 59 -2.15 -10.07 -6.56
CA GLU A 59 -2.30 -9.03 -7.56
C GLU A 59 -2.55 -9.63 -8.94
N ARG A 60 -3.12 -10.83 -8.96
CA ARG A 60 -3.36 -11.57 -10.19
C ARG A 60 -2.04 -11.86 -10.90
N SER A 61 -1.02 -12.18 -10.12
CA SER A 61 0.28 -12.51 -10.65
C SER A 61 1.00 -13.47 -9.70
N GLY A 1 -26.96 7.08 -18.54
CA GLY A 1 -26.56 5.67 -18.31
C GLY A 1 -26.37 5.37 -16.83
N PRO A 2 -26.23 4.10 -16.47
CA PRO A 2 -26.05 3.71 -15.07
C PRO A 2 -24.64 4.02 -14.55
N LEU A 3 -24.58 4.58 -13.36
CA LEU A 3 -23.30 4.93 -12.75
C LEU A 3 -22.81 3.78 -11.89
N GLY A 4 -21.55 3.40 -12.09
CA GLY A 4 -20.99 2.30 -11.34
C GLY A 4 -20.67 2.69 -9.91
N SER A 5 -21.12 1.88 -8.96
CA SER A 5 -20.86 2.13 -7.56
C SER A 5 -19.91 1.08 -6.99
N GLU A 6 -19.08 0.52 -7.87
CA GLU A 6 -18.09 -0.47 -7.46
C GLU A 6 -17.02 0.19 -6.61
N GLN A 7 -16.47 1.28 -7.13
CA GLN A 7 -15.38 2.01 -6.49
C GLN A 7 -14.29 1.06 -6.02
N ARG A 8 -13.62 0.45 -6.98
CA ARG A 8 -12.53 -0.45 -6.70
C ARG A 8 -11.38 -0.15 -7.65
N MET A 9 -10.66 0.93 -7.36
CA MET A 9 -9.58 1.37 -8.21
C MET A 9 -8.36 0.49 -8.02
N PHE A 10 -8.28 -0.14 -6.85
CA PHE A 10 -7.22 -1.08 -6.56
C PHE A 10 -7.58 -2.43 -7.16
N LYS A 11 -6.88 -2.78 -8.23
CA LYS A 11 -7.17 -4.00 -8.97
C LYS A 11 -5.89 -4.46 -9.69
N ARG A 12 -5.14 -3.49 -10.17
CA ARG A 12 -3.86 -3.76 -10.81
C ARG A 12 -2.75 -3.75 -9.77
N VAL A 13 -2.62 -2.63 -9.06
CA VAL A 13 -1.64 -2.50 -8.00
C VAL A 13 -2.28 -2.84 -6.67
N GLY A 14 -2.59 -4.12 -6.51
CA GLY A 14 -3.25 -4.58 -5.30
C GLY A 14 -4.47 -5.42 -5.62
N CYS A 15 -4.78 -6.38 -4.75
CA CYS A 15 -5.93 -7.24 -4.97
C CYS A 15 -7.24 -6.48 -4.86
N GLY A 16 -7.23 -5.40 -4.07
CA GLY A 16 -8.42 -4.60 -3.87
C GLY A 16 -9.39 -5.22 -2.88
N GLU A 17 -9.08 -6.42 -2.42
CA GLU A 17 -9.99 -7.15 -1.55
C GLU A 17 -9.51 -7.17 -0.10
N CYS A 18 -8.20 -7.27 0.11
CA CYS A 18 -7.68 -7.35 1.47
C CYS A 18 -7.59 -5.97 2.10
N ALA A 19 -7.61 -5.93 3.43
CA ALA A 19 -7.61 -4.68 4.18
C ALA A 19 -6.58 -3.68 3.66
N ALA A 20 -5.32 -4.12 3.60
CA ALA A 20 -4.22 -3.26 3.13
C ALA A 20 -4.51 -2.60 1.78
N CYS A 21 -5.18 -3.32 0.89
CA CYS A 21 -5.52 -2.77 -0.42
C CYS A 21 -6.68 -1.77 -0.32
N GLN A 22 -7.46 -1.88 0.75
CA GLN A 22 -8.57 -0.96 0.98
C GLN A 22 -8.08 0.27 1.74
N VAL A 23 -6.97 0.11 2.44
CA VAL A 23 -6.32 1.20 3.14
C VAL A 23 -5.63 2.12 2.15
N THR A 24 -5.85 3.41 2.27
CA THR A 24 -5.25 4.36 1.35
C THR A 24 -4.19 5.22 2.03
N GLU A 25 -4.36 5.45 3.32
CA GLU A 25 -3.47 6.33 4.05
C GLU A 25 -2.80 5.60 5.19
N ASP A 26 -2.05 6.36 5.98
CA ASP A 26 -1.42 5.84 7.18
C ASP A 26 -2.48 5.39 8.19
N CYS A 27 -2.59 4.07 8.35
CA CYS A 27 -3.60 3.47 9.21
C CYS A 27 -3.49 3.94 10.67
N GLY A 28 -2.28 4.35 11.07
CA GLY A 28 -2.07 4.79 12.43
C GLY A 28 -1.83 3.66 13.41
N ALA A 29 -1.47 2.47 12.90
CA ALA A 29 -1.21 1.33 13.77
C ALA A 29 0.15 0.67 13.51
N CYS A 30 0.92 1.17 12.54
CA CYS A 30 2.24 0.59 12.28
C CYS A 30 3.32 1.47 12.91
N SER A 31 4.27 0.86 13.60
CA SER A 31 5.43 1.58 14.12
C SER A 31 6.10 2.41 13.02
N THR A 32 5.86 2.03 11.77
CA THR A 32 6.36 2.77 10.62
C THR A 32 5.48 3.99 10.31
N CYS A 33 4.18 3.77 10.09
CA CYS A 33 3.30 4.87 9.68
C CYS A 33 3.05 5.86 10.82
N LEU A 34 3.44 5.49 12.03
CA LEU A 34 3.31 6.38 13.19
C LEU A 34 4.36 7.48 13.17
N LEU A 35 5.32 7.37 12.26
CA LEU A 35 6.36 8.38 12.11
C LEU A 35 5.79 9.60 11.39
N GLN A 36 4.89 9.36 10.44
CA GLN A 36 4.15 10.42 9.77
C GLN A 36 5.07 11.49 9.20
N LEU A 37 5.80 11.15 8.15
CA LEU A 37 6.68 12.10 7.49
C LEU A 37 5.88 12.99 6.55
N PRO A 38 6.18 14.31 6.54
CA PRO A 38 5.41 15.30 5.77
C PRO A 38 5.57 15.12 4.26
N HIS A 39 4.87 14.13 3.71
CA HIS A 39 4.86 13.86 2.27
C HIS A 39 6.28 13.65 1.74
N ASP A 40 7.07 12.89 2.49
CA ASP A 40 8.44 12.60 2.11
C ASP A 40 8.45 11.71 0.88
N VAL A 41 9.12 12.16 -0.18
CA VAL A 41 9.23 11.36 -1.39
C VAL A 41 10.14 10.15 -1.12
N ALA A 42 9.52 9.04 -0.78
CA ALA A 42 10.25 7.84 -0.40
C ALA A 42 10.14 6.78 -1.48
N SER A 43 11.27 6.19 -1.81
CA SER A 43 11.32 5.09 -2.76
C SER A 43 12.38 4.08 -2.32
N GLY A 44 13.45 4.57 -1.71
CA GLY A 44 14.47 3.71 -1.17
C GLY A 44 14.20 3.32 0.27
N LEU A 45 13.70 4.28 1.04
CA LEU A 45 13.36 4.03 2.43
C LEU A 45 11.89 3.66 2.55
N PHE A 46 11.63 2.49 3.11
CA PHE A 46 10.27 1.98 3.22
C PHE A 46 9.60 2.49 4.49
N CYS A 47 9.40 3.80 4.53
CA CYS A 47 8.73 4.44 5.66
C CYS A 47 7.23 4.55 5.42
N LYS A 48 6.72 3.61 4.62
CA LYS A 48 5.31 3.58 4.27
C LYS A 48 4.53 2.73 5.26
N CYS A 49 3.26 3.07 5.45
CA CYS A 49 2.36 2.28 6.28
C CYS A 49 2.36 0.83 5.81
N GLU A 50 2.65 -0.06 6.75
CA GLU A 50 2.78 -1.49 6.47
C GLU A 50 1.45 -2.10 6.02
N ARG A 51 0.36 -1.38 6.24
CA ARG A 51 -0.95 -1.83 5.79
C ARG A 51 -1.24 -1.30 4.41
N ARG A 52 -0.18 -1.13 3.63
CA ARG A 52 -0.28 -0.83 2.22
C ARG A 52 0.21 -2.03 1.42
N ARG A 53 0.81 -2.95 2.17
CA ARG A 53 1.36 -4.17 1.60
C ARG A 53 0.28 -5.25 1.52
N CYS A 54 -0.10 -5.62 0.30
CA CYS A 54 -1.08 -6.68 0.10
C CYS A 54 -0.66 -7.94 0.86
N LEU A 55 -1.60 -8.51 1.59
CA LEU A 55 -1.32 -9.63 2.48
C LEU A 55 -1.13 -10.93 1.69
N ARG A 56 -1.91 -11.12 0.64
CA ARG A 56 -1.79 -12.32 -0.18
C ARG A 56 -1.15 -12.00 -1.53
N ILE A 57 -0.86 -10.72 -1.73
CA ILE A 57 -0.26 -10.21 -2.96
C ILE A 57 -0.99 -10.74 -4.20
N VAL A 58 -2.32 -10.71 -4.15
CA VAL A 58 -3.13 -11.18 -5.26
C VAL A 58 -3.24 -10.08 -6.33
N GLU A 59 -2.13 -9.82 -6.98
CA GLU A 59 -2.09 -8.87 -8.08
C GLU A 59 -1.77 -9.61 -9.37
N ARG A 60 -1.99 -10.92 -9.35
CA ARG A 60 -1.68 -11.78 -10.48
C ARG A 60 -2.48 -11.38 -11.71
N SER A 61 -1.81 -10.82 -12.69
CA SER A 61 -2.45 -10.44 -13.95
C SER A 61 -2.49 -11.63 -14.90
N GLY A 1 7.47 2.21 -17.31
CA GLY A 1 8.62 3.07 -17.67
C GLY A 1 9.94 2.35 -17.48
N PRO A 2 10.83 2.38 -18.49
CA PRO A 2 12.15 1.77 -18.39
C PRO A 2 13.06 2.49 -17.39
N LEU A 3 13.88 1.72 -16.69
CA LEU A 3 14.76 2.26 -15.65
C LEU A 3 13.95 2.88 -14.51
N GLY A 4 13.04 2.08 -13.96
CA GLY A 4 12.21 2.55 -12.87
C GLY A 4 11.22 1.50 -12.44
N SER A 5 10.34 1.87 -11.53
CA SER A 5 9.31 0.96 -11.06
C SER A 5 7.97 1.32 -11.66
N GLU A 6 7.57 2.58 -11.49
CA GLU A 6 6.31 3.09 -12.03
C GLU A 6 5.13 2.25 -11.56
N GLN A 7 4.79 2.37 -10.28
CA GLN A 7 3.66 1.63 -9.73
C GLN A 7 2.52 2.57 -9.44
N ARG A 8 2.76 3.55 -8.57
CA ARG A 8 1.77 4.55 -8.19
C ARG A 8 0.54 3.89 -7.55
N MET A 9 0.57 3.78 -6.23
CA MET A 9 -0.52 3.18 -5.46
C MET A 9 -0.61 1.69 -5.77
N PHE A 10 -1.80 1.12 -5.62
CA PHE A 10 -1.99 -0.29 -5.94
C PHE A 10 -2.09 -0.48 -7.43
N LYS A 11 -1.41 -1.49 -7.93
CA LYS A 11 -1.36 -1.77 -9.35
C LYS A 11 -1.17 -3.27 -9.56
N ARG A 12 -2.25 -3.94 -9.96
CA ARG A 12 -2.28 -5.39 -10.18
C ARG A 12 -2.18 -6.18 -8.89
N VAL A 13 -1.55 -5.60 -7.88
CA VAL A 13 -1.50 -6.20 -6.55
C VAL A 13 -2.65 -5.71 -5.69
N GLY A 14 -3.46 -4.82 -6.26
CA GLY A 14 -4.62 -4.32 -5.56
C GLY A 14 -5.75 -5.33 -5.59
N CYS A 15 -5.66 -6.33 -4.72
CA CYS A 15 -6.62 -7.42 -4.70
C CYS A 15 -8.01 -6.92 -4.32
N GLY A 16 -8.06 -5.83 -3.58
CA GLY A 16 -9.32 -5.26 -3.13
C GLY A 16 -10.00 -6.12 -2.07
N GLU A 17 -9.30 -7.13 -1.58
CA GLU A 17 -9.87 -8.04 -0.61
C GLU A 17 -9.15 -7.93 0.74
N CYS A 18 -7.84 -7.81 0.71
CA CYS A 18 -7.06 -7.71 1.95
C CYS A 18 -7.13 -6.29 2.49
N ALA A 19 -6.98 -6.17 3.81
CA ALA A 19 -7.11 -4.88 4.50
C ALA A 19 -6.35 -3.76 3.78
N ALA A 20 -5.06 -3.97 3.55
CA ALA A 20 -4.18 -2.99 2.93
C ALA A 20 -4.77 -2.40 1.65
N CYS A 21 -5.37 -3.23 0.82
CA CYS A 21 -5.90 -2.78 -0.46
C CYS A 21 -7.18 -1.95 -0.29
N GLN A 22 -7.78 -2.03 0.89
CA GLN A 22 -8.98 -1.27 1.21
C GLN A 22 -8.59 0.09 1.79
N VAL A 23 -7.36 0.16 2.28
CA VAL A 23 -6.82 1.34 2.90
C VAL A 23 -6.41 2.36 1.82
N THR A 24 -6.33 3.64 2.18
CA THR A 24 -5.85 4.65 1.26
C THR A 24 -4.96 5.67 1.95
N GLU A 25 -4.70 5.45 3.24
CA GLU A 25 -3.89 6.36 4.04
C GLU A 25 -2.93 5.58 4.93
N ASP A 26 -2.09 6.31 5.66
CA ASP A 26 -1.32 5.70 6.73
C ASP A 26 -2.28 5.30 7.85
N CYS A 27 -2.34 4.01 8.12
CA CYS A 27 -3.37 3.44 8.99
C CYS A 27 -3.34 4.03 10.42
N GLY A 28 -2.17 4.46 10.87
CA GLY A 28 -2.04 4.97 12.21
C GLY A 28 -1.88 3.87 13.25
N ALA A 29 -1.48 2.68 12.81
CA ALA A 29 -1.28 1.56 13.73
C ALA A 29 0.12 0.93 13.62
N CYS A 30 0.93 1.36 12.65
CA CYS A 30 2.27 0.81 12.52
C CYS A 30 3.26 1.72 13.19
N SER A 31 4.11 1.16 14.04
CA SER A 31 5.20 1.91 14.64
C SER A 31 6.03 2.64 13.57
N THR A 32 5.96 2.12 12.34
CA THR A 32 6.61 2.76 11.20
C THR A 32 5.79 3.96 10.69
N CYS A 33 4.50 3.73 10.35
CA CYS A 33 3.70 4.80 9.76
C CYS A 33 3.39 5.91 10.78
N LEU A 34 3.59 5.61 12.07
CA LEU A 34 3.39 6.60 13.13
C LEU A 34 4.56 7.57 13.22
N LEU A 35 5.68 7.24 12.58
CA LEU A 35 6.89 8.06 12.66
C LEU A 35 6.79 9.28 11.76
N GLN A 36 5.75 9.32 10.93
CA GLN A 36 5.50 10.44 10.03
C GLN A 36 6.67 10.68 9.08
N LEU A 37 7.31 9.60 8.68
CA LEU A 37 8.47 9.69 7.79
C LEU A 37 8.03 9.86 6.34
N PRO A 38 8.49 10.94 5.69
CA PRO A 38 8.24 11.17 4.26
C PRO A 38 8.97 10.15 3.41
N HIS A 39 8.38 9.80 2.27
CA HIS A 39 9.00 8.83 1.37
C HIS A 39 9.71 9.54 0.25
N ASP A 40 10.98 9.86 0.47
CA ASP A 40 11.79 10.56 -0.51
C ASP A 40 12.49 9.55 -1.40
N VAL A 41 12.97 8.48 -0.78
CA VAL A 41 13.68 7.44 -1.50
C VAL A 41 13.14 6.07 -1.13
N ALA A 42 13.55 5.06 -1.87
CA ALA A 42 13.20 3.69 -1.58
C ALA A 42 14.45 2.82 -1.58
N SER A 43 15.58 3.44 -1.26
CA SER A 43 16.85 2.76 -1.25
C SER A 43 17.36 2.63 0.19
N GLY A 44 17.68 1.40 0.57
CA GLY A 44 18.22 1.17 1.90
C GLY A 44 17.15 0.78 2.89
N LEU A 45 16.09 1.56 2.95
CA LEU A 45 14.99 1.33 3.89
C LEU A 45 13.65 1.36 3.18
N PHE A 46 12.63 0.85 3.85
CA PHE A 46 11.28 0.86 3.34
C PHE A 46 10.31 1.19 4.45
N CYS A 47 10.18 2.47 4.75
CA CYS A 47 9.38 2.92 5.88
C CYS A 47 7.92 3.10 5.46
N LYS A 48 7.35 2.06 4.87
CA LYS A 48 5.97 2.08 4.44
C LYS A 48 5.04 1.53 5.51
N CYS A 49 3.85 2.12 5.62
CA CYS A 49 2.80 1.58 6.45
C CYS A 49 2.52 0.12 6.07
N GLU A 50 2.47 -0.75 7.06
CA GLU A 50 2.33 -2.19 6.83
C GLU A 50 0.99 -2.54 6.20
N ARG A 51 0.06 -1.59 6.22
CA ARG A 51 -1.22 -1.78 5.57
C ARG A 51 -1.24 -1.09 4.21
N ARG A 52 -0.09 -1.08 3.55
CA ARG A 52 0.02 -0.59 2.19
C ARG A 52 0.47 -1.73 1.27
N ARG A 53 1.10 -2.72 1.89
CA ARG A 53 1.53 -3.91 1.17
C ARG A 53 0.43 -4.95 1.16
N CYS A 54 0.02 -5.37 -0.03
CA CYS A 54 -1.00 -6.42 -0.18
C CYS A 54 -0.58 -7.67 0.60
N LEU A 55 -1.36 -8.02 1.63
CA LEU A 55 -1.05 -9.18 2.47
C LEU A 55 -1.43 -10.48 1.77
N ARG A 56 -2.17 -10.36 0.68
CA ARG A 56 -2.62 -11.52 -0.07
C ARG A 56 -2.51 -11.22 -1.56
N ILE A 57 -1.28 -11.08 -2.03
CA ILE A 57 -1.01 -10.77 -3.42
C ILE A 57 -1.62 -11.83 -4.34
N VAL A 58 -2.55 -11.40 -5.17
CA VAL A 58 -3.16 -12.27 -6.15
C VAL A 58 -2.45 -12.10 -7.49
N GLU A 59 -2.44 -13.16 -8.29
CA GLU A 59 -1.78 -13.16 -9.59
C GLU A 59 -0.29 -12.91 -9.43
N ARG A 60 0.43 -13.94 -8.98
CA ARG A 60 1.86 -13.84 -8.78
C ARG A 60 2.56 -15.10 -9.25
N SER A 61 3.83 -14.98 -9.58
CA SER A 61 4.62 -16.12 -10.03
C SER A 61 5.93 -16.19 -9.25
N GLY A 1 14.61 1.00 -17.17
CA GLY A 1 13.81 1.57 -18.29
C GLY A 1 13.93 3.07 -18.34
N PRO A 2 13.41 3.71 -19.40
CA PRO A 2 13.51 5.17 -19.59
C PRO A 2 12.71 5.96 -18.56
N LEU A 3 11.96 5.23 -17.75
CA LEU A 3 11.17 5.83 -16.69
C LEU A 3 11.59 5.22 -15.35
N GLY A 4 12.84 4.79 -15.28
CA GLY A 4 13.33 4.12 -14.10
C GLY A 4 12.87 2.69 -14.04
N SER A 5 12.26 2.30 -12.94
CA SER A 5 11.74 0.96 -12.77
C SER A 5 10.27 1.00 -12.39
N GLU A 6 9.92 1.88 -11.47
CA GLU A 6 8.53 2.08 -11.05
C GLU A 6 7.89 0.76 -10.62
N GLN A 7 8.49 0.14 -9.62
CA GLN A 7 8.01 -1.14 -9.11
C GLN A 7 7.16 -0.91 -7.88
N ARG A 8 5.84 -0.98 -8.04
CA ARG A 8 4.94 -0.74 -6.92
C ARG A 8 4.85 -1.98 -6.02
N MET A 9 5.20 -3.14 -6.60
CA MET A 9 5.36 -4.40 -5.86
C MET A 9 4.12 -4.77 -5.05
N PHE A 10 2.95 -4.35 -5.52
CA PHE A 10 1.69 -4.58 -4.80
C PHE A 10 1.72 -3.97 -3.39
N LYS A 11 2.54 -2.93 -3.22
CA LYS A 11 2.64 -2.25 -1.94
C LYS A 11 1.57 -1.17 -1.82
N ARG A 12 0.64 -1.15 -2.77
CA ARG A 12 -0.45 -0.18 -2.79
C ARG A 12 -1.68 -0.79 -3.44
N VAL A 13 -1.60 -0.98 -4.75
CA VAL A 13 -2.69 -1.59 -5.50
C VAL A 13 -2.45 -3.10 -5.63
N GLY A 14 -3.52 -3.88 -5.47
CA GLY A 14 -3.39 -5.31 -5.58
C GLY A 14 -4.72 -6.02 -5.74
N CYS A 15 -4.96 -6.99 -4.87
CA CYS A 15 -6.16 -7.83 -4.96
C CYS A 15 -7.45 -7.03 -4.87
N GLY A 16 -7.44 -5.96 -4.09
CA GLY A 16 -8.63 -5.16 -3.89
C GLY A 16 -9.54 -5.72 -2.82
N GLU A 17 -9.15 -6.83 -2.21
CA GLU A 17 -9.97 -7.47 -1.18
C GLU A 17 -9.35 -7.34 0.20
N CYS A 18 -8.03 -7.44 0.29
CA CYS A 18 -7.36 -7.48 1.59
C CYS A 18 -7.28 -6.08 2.20
N ALA A 19 -7.15 -6.04 3.52
CA ALA A 19 -7.14 -4.80 4.29
C ALA A 19 -6.29 -3.71 3.64
N ALA A 20 -5.02 -4.01 3.40
CA ALA A 20 -4.08 -3.04 2.84
C ALA A 20 -4.56 -2.47 1.50
N CYS A 21 -5.28 -3.28 0.72
CA CYS A 21 -5.83 -2.81 -0.55
C CYS A 21 -7.00 -1.85 -0.33
N GLN A 22 -7.64 -1.95 0.83
CA GLN A 22 -8.76 -1.09 1.17
C GLN A 22 -8.28 0.18 1.86
N VAL A 23 -7.15 0.07 2.55
CA VAL A 23 -6.53 1.20 3.21
C VAL A 23 -5.90 2.13 2.17
N THR A 24 -6.16 3.42 2.29
CA THR A 24 -5.68 4.39 1.31
C THR A 24 -4.62 5.32 1.88
N GLU A 25 -4.68 5.54 3.19
CA GLU A 25 -3.77 6.46 3.85
C GLU A 25 -3.14 5.80 5.06
N ASP A 26 -2.35 6.56 5.79
CA ASP A 26 -1.72 6.06 7.01
C ASP A 26 -2.78 5.78 8.07
N CYS A 27 -2.82 4.53 8.51
CA CYS A 27 -3.73 4.08 9.54
C CYS A 27 -3.40 4.74 10.89
N GLY A 28 -2.14 5.12 11.05
CA GLY A 28 -1.73 5.87 12.23
C GLY A 28 -1.44 5.00 13.45
N ALA A 29 -1.49 3.68 13.30
CA ALA A 29 -1.24 2.78 14.44
C ALA A 29 -0.26 1.66 14.10
N CYS A 30 0.60 1.89 13.13
CA CYS A 30 1.60 0.90 12.74
C CYS A 30 2.99 1.43 13.01
N SER A 31 3.97 0.56 13.14
CA SER A 31 5.34 0.98 13.40
C SER A 31 5.75 2.11 12.44
N THR A 32 5.52 1.90 11.15
CA THR A 32 5.86 2.86 10.14
C THR A 32 4.86 4.01 10.10
N CYS A 33 3.61 3.71 10.40
CA CYS A 33 2.56 4.72 10.44
C CYS A 33 2.80 5.74 11.55
N LEU A 34 3.49 5.32 12.61
CA LEU A 34 3.84 6.23 13.70
C LEU A 34 5.02 7.10 13.30
N LEU A 35 5.71 6.69 12.25
CA LEU A 35 6.81 7.47 11.68
C LEU A 35 6.26 8.52 10.72
N GLN A 36 4.94 8.64 10.67
CA GLN A 36 4.28 9.62 9.82
C GLN A 36 4.31 10.99 10.49
N LEU A 37 5.38 11.71 10.24
CA LEU A 37 5.54 13.04 10.79
C LEU A 37 4.76 14.06 9.97
N PRO A 38 4.10 15.03 10.62
CA PRO A 38 3.31 16.06 9.95
C PRO A 38 4.19 17.13 9.29
N HIS A 39 5.26 16.68 8.65
CA HIS A 39 6.19 17.56 7.96
C HIS A 39 7.18 16.72 7.14
N ASP A 40 6.76 16.37 5.93
CA ASP A 40 7.61 15.59 5.03
C ASP A 40 8.89 16.33 4.73
N VAL A 41 10.02 15.67 4.97
CA VAL A 41 11.32 16.30 4.76
C VAL A 41 11.76 16.17 3.30
N ALA A 42 11.04 15.32 2.56
CA ALA A 42 11.28 15.09 1.13
C ALA A 42 12.56 14.28 0.88
N SER A 43 13.60 14.57 1.65
CA SER A 43 14.87 13.88 1.53
C SER A 43 14.82 12.53 2.24
N GLY A 44 13.91 11.67 1.82
CA GLY A 44 13.82 10.35 2.40
C GLY A 44 12.78 10.27 3.49
N LEU A 45 13.22 9.90 4.69
CA LEU A 45 12.35 9.66 5.84
C LEU A 45 11.39 8.51 5.53
N PHE A 46 11.84 7.30 5.82
CA PHE A 46 11.06 6.11 5.50
C PHE A 46 9.92 5.94 6.49
N CYS A 47 8.70 6.02 5.99
CA CYS A 47 7.53 5.87 6.82
C CYS A 47 6.41 5.23 6.01
N LYS A 48 6.78 4.25 5.20
CA LYS A 48 5.82 3.54 4.36
C LYS A 48 5.19 2.40 5.13
N CYS A 49 3.93 2.59 5.49
CA CYS A 49 3.18 1.62 6.28
C CYS A 49 3.29 0.21 5.71
N GLU A 50 3.54 -0.73 6.60
CA GLU A 50 3.63 -2.15 6.24
C GLU A 50 2.26 -2.74 5.94
N ARG A 51 1.22 -2.04 6.38
CA ARG A 51 -0.15 -2.45 6.13
C ARG A 51 -0.67 -1.79 4.87
N ARG A 52 0.25 -1.52 3.94
CA ARG A 52 -0.11 -1.03 2.62
C ARG A 52 0.17 -2.11 1.60
N ARG A 53 0.97 -3.08 2.01
CA ARG A 53 1.36 -4.19 1.15
C ARG A 53 0.26 -5.24 1.13
N CYS A 54 -0.16 -5.59 -0.08
CA CYS A 54 -1.23 -6.56 -0.28
C CYS A 54 -0.98 -7.84 0.51
N LEU A 55 -1.90 -8.14 1.45
CA LEU A 55 -1.79 -9.34 2.29
C LEU A 55 -2.23 -10.57 1.51
N ARG A 56 -2.80 -10.34 0.33
CA ARG A 56 -3.35 -11.41 -0.48
C ARG A 56 -3.04 -11.15 -1.94
N ILE A 57 -1.76 -11.19 -2.28
CA ILE A 57 -1.34 -10.98 -3.65
C ILE A 57 -1.72 -12.16 -4.53
N VAL A 58 -2.84 -12.03 -5.21
CA VAL A 58 -3.34 -13.08 -6.07
C VAL A 58 -3.06 -12.72 -7.54
N GLU A 59 -1.78 -12.49 -7.82
CA GLU A 59 -1.37 -12.08 -9.16
C GLU A 59 -1.25 -13.28 -10.07
N ARG A 60 -1.10 -13.03 -11.36
CA ARG A 60 -0.91 -14.09 -12.34
C ARG A 60 0.27 -13.76 -13.25
N SER A 61 1.48 -14.07 -12.78
CA SER A 61 2.69 -13.81 -13.54
C SER A 61 2.71 -14.66 -14.81
N GLY A 1 -8.79 3.14 -23.43
CA GLY A 1 -9.66 2.00 -23.84
C GLY A 1 -9.34 0.75 -23.06
N PRO A 2 -9.48 -0.43 -23.68
CA PRO A 2 -9.21 -1.72 -23.03
C PRO A 2 -7.75 -1.88 -22.61
N LEU A 3 -6.87 -1.14 -23.27
CA LEU A 3 -5.46 -1.18 -22.94
C LEU A 3 -5.19 -0.40 -21.66
N GLY A 4 -4.62 -1.07 -20.67
CA GLY A 4 -4.35 -0.44 -19.40
C GLY A 4 -5.51 -0.59 -18.45
N SER A 5 -6.40 -1.53 -18.74
CA SER A 5 -7.54 -1.79 -17.87
C SER A 5 -7.05 -2.51 -16.61
N GLU A 6 -6.16 -3.48 -16.83
CA GLU A 6 -5.55 -4.21 -15.73
C GLU A 6 -4.03 -4.09 -15.83
N GLN A 7 -3.44 -3.34 -14.91
CA GLN A 7 -2.00 -3.12 -14.92
C GLN A 7 -1.26 -4.37 -14.42
N ARG A 8 -0.62 -5.05 -15.35
CA ARG A 8 0.16 -6.25 -15.04
C ARG A 8 1.34 -5.90 -14.15
N MET A 9 1.73 -6.83 -13.29
CA MET A 9 2.83 -6.65 -12.34
C MET A 9 2.41 -5.74 -11.18
N PHE A 10 1.25 -5.11 -11.32
CA PHE A 10 0.60 -4.36 -10.24
C PHE A 10 1.54 -3.38 -9.54
N LYS A 11 1.87 -2.30 -10.24
CA LYS A 11 2.68 -1.24 -9.65
C LYS A 11 1.77 -0.27 -8.89
N ARG A 12 2.00 -0.17 -7.57
CA ARG A 12 1.14 0.60 -6.68
C ARG A 12 -0.29 0.06 -6.74
N VAL A 13 -0.39 -1.25 -6.95
CA VAL A 13 -1.66 -1.94 -7.05
C VAL A 13 -1.55 -3.30 -6.40
N GLY A 14 -2.63 -3.74 -5.76
CA GLY A 14 -2.63 -5.05 -5.15
C GLY A 14 -3.75 -5.93 -5.67
N CYS A 15 -4.11 -6.93 -4.88
CA CYS A 15 -5.21 -7.82 -5.22
C CYS A 15 -6.54 -7.08 -5.34
N GLY A 16 -6.69 -6.02 -4.54
CA GLY A 16 -7.94 -5.27 -4.52
C GLY A 16 -8.89 -5.72 -3.43
N GLU A 17 -8.71 -6.95 -2.94
CA GLU A 17 -9.69 -7.54 -2.04
C GLU A 17 -9.23 -7.54 -0.58
N CYS A 18 -7.91 -7.55 -0.35
CA CYS A 18 -7.41 -7.61 1.01
C CYS A 18 -7.49 -6.25 1.70
N ALA A 19 -7.50 -6.27 3.02
CA ALA A 19 -7.63 -5.06 3.84
C ALA A 19 -6.76 -3.92 3.33
N ALA A 20 -5.45 -4.17 3.23
CA ALA A 20 -4.50 -3.14 2.83
C ALA A 20 -4.83 -2.53 1.47
N CYS A 21 -5.44 -3.31 0.59
CA CYS A 21 -5.83 -2.82 -0.73
C CYS A 21 -7.01 -1.87 -0.64
N GLN A 22 -7.86 -2.09 0.35
CA GLN A 22 -9.05 -1.26 0.54
C GLN A 22 -8.72 -0.06 1.42
N VAL A 23 -7.52 -0.06 1.98
CA VAL A 23 -7.00 1.05 2.76
C VAL A 23 -6.57 2.17 1.82
N THR A 24 -6.70 3.42 2.25
CA THR A 24 -6.32 4.56 1.43
C THR A 24 -5.08 5.26 1.95
N GLU A 25 -5.00 5.44 3.26
CA GLU A 25 -3.88 6.15 3.88
C GLU A 25 -3.10 5.26 4.82
N ASP A 26 -2.10 5.82 5.48
CA ASP A 26 -1.38 5.08 6.52
C ASP A 26 -2.33 4.80 7.67
N CYS A 27 -2.24 3.59 8.21
CA CYS A 27 -3.17 3.12 9.23
C CYS A 27 -3.06 3.91 10.54
N GLY A 28 -1.93 4.57 10.75
CA GLY A 28 -1.69 5.28 11.99
C GLY A 28 -1.45 4.36 13.17
N ALA A 29 -1.10 3.10 12.92
CA ALA A 29 -0.86 2.14 13.99
C ALA A 29 0.42 1.30 13.81
N CYS A 30 1.32 1.71 12.92
CA CYS A 30 2.63 1.03 12.82
C CYS A 30 3.67 1.91 13.48
N SER A 31 4.61 1.31 14.19
CA SER A 31 5.76 2.04 14.72
C SER A 31 6.43 2.84 13.60
N THR A 32 6.30 2.34 12.38
CA THR A 32 6.84 3.00 11.21
C THR A 32 5.97 4.18 10.76
N CYS A 33 4.69 3.94 10.48
CA CYS A 33 3.82 4.99 9.93
C CYS A 33 3.53 6.08 10.97
N LEU A 34 3.92 5.84 12.22
CA LEU A 34 3.80 6.84 13.28
C LEU A 34 4.94 7.85 13.26
N LEU A 35 5.89 7.67 12.35
CA LEU A 35 7.06 8.54 12.29
C LEU A 35 6.71 9.90 11.68
N GLN A 36 5.55 9.93 11.02
CA GLN A 36 5.00 11.16 10.43
C GLN A 36 5.97 11.73 9.40
N LEU A 37 6.45 10.86 8.52
CA LEU A 37 7.45 11.26 7.53
C LEU A 37 6.78 11.99 6.36
N PRO A 38 7.11 13.27 6.19
CA PRO A 38 6.57 14.09 5.11
C PRO A 38 7.28 13.85 3.79
N HIS A 39 7.36 12.57 3.41
CA HIS A 39 8.06 12.18 2.20
C HIS A 39 7.15 11.38 1.28
N ASP A 40 6.01 11.97 0.91
CA ASP A 40 5.09 11.32 -0.01
C ASP A 40 5.57 11.53 -1.44
N VAL A 41 5.92 12.76 -1.76
CA VAL A 41 6.43 13.08 -3.08
C VAL A 41 7.88 12.63 -3.21
N ALA A 42 8.57 12.63 -2.08
CA ALA A 42 9.93 12.11 -2.00
C ALA A 42 9.91 10.75 -1.32
N SER A 43 9.17 9.82 -1.92
CA SER A 43 8.97 8.51 -1.34
C SER A 43 10.21 7.61 -1.52
N GLY A 44 11.31 8.01 -0.92
CA GLY A 44 12.50 7.19 -0.92
C GLY A 44 12.55 6.28 0.28
N LEU A 45 11.55 6.40 1.13
CA LEU A 45 11.44 5.57 2.32
C LEU A 45 10.61 4.33 2.00
N PHE A 46 11.28 3.20 1.88
CA PHE A 46 10.61 1.95 1.53
C PHE A 46 10.05 1.29 2.79
N CYS A 47 10.33 1.87 3.94
CA CYS A 47 9.75 1.43 5.20
C CYS A 47 8.45 2.18 5.44
N LYS A 48 7.40 1.74 4.77
CA LYS A 48 6.11 2.41 4.84
C LYS A 48 5.16 1.72 5.82
N CYS A 49 3.96 2.26 5.93
CA CYS A 49 2.90 1.64 6.72
C CYS A 49 2.67 0.19 6.28
N GLU A 50 2.66 -0.72 7.24
CA GLU A 50 2.49 -2.14 6.98
C GLU A 50 1.15 -2.46 6.33
N ARG A 51 0.17 -1.57 6.50
CA ARG A 51 -1.16 -1.80 5.95
C ARG A 51 -1.30 -1.16 4.58
N ARG A 52 -0.17 -0.98 3.91
CA ARG A 52 -0.16 -0.53 2.53
C ARG A 52 0.40 -1.65 1.66
N ARG A 53 0.94 -2.64 2.33
CA ARG A 53 1.47 -3.82 1.68
C ARG A 53 0.37 -4.85 1.49
N CYS A 54 0.01 -5.12 0.24
CA CYS A 54 -1.02 -6.10 -0.09
C CYS A 54 -0.77 -7.43 0.62
N LEU A 55 -1.80 -7.93 1.30
CA LEU A 55 -1.72 -9.20 2.01
C LEU A 55 -1.83 -10.38 1.04
N ARG A 56 -2.09 -10.07 -0.22
CA ARG A 56 -2.30 -11.10 -1.24
C ARG A 56 -1.58 -10.71 -2.53
N ILE A 57 -0.26 -10.58 -2.44
CA ILE A 57 0.54 -10.15 -3.58
C ILE A 57 0.52 -11.20 -4.68
N VAL A 58 -0.07 -10.85 -5.82
CA VAL A 58 -0.25 -11.75 -6.94
C VAL A 58 -1.05 -12.98 -6.50
N GLU A 59 -2.29 -12.74 -6.13
CA GLU A 59 -3.18 -13.80 -5.67
C GLU A 59 -4.15 -14.19 -6.77
N ARG A 60 -3.92 -15.35 -7.38
CA ARG A 60 -4.79 -15.83 -8.43
C ARG A 60 -6.13 -16.27 -7.83
N SER A 61 -7.13 -15.42 -8.00
CA SER A 61 -8.44 -15.68 -7.42
C SER A 61 -9.40 -16.18 -8.48
N GLY A 1 1.60 0.28 -26.81
CA GLY A 1 1.85 1.04 -25.57
C GLY A 1 2.38 0.14 -24.47
N PRO A 2 2.89 0.74 -23.37
CA PRO A 2 3.44 -0.03 -22.25
C PRO A 2 2.43 -0.97 -21.61
N LEU A 3 1.19 -0.50 -21.48
CA LEU A 3 0.13 -1.31 -20.90
C LEU A 3 -0.83 -1.75 -21.99
N GLY A 4 -0.54 -2.90 -22.58
CA GLY A 4 -1.42 -3.46 -23.59
C GLY A 4 -2.70 -3.98 -22.97
N SER A 5 -2.56 -4.82 -21.97
CA SER A 5 -3.70 -5.33 -21.23
C SER A 5 -4.07 -4.38 -20.11
N GLU A 6 -5.01 -3.48 -20.38
CA GLU A 6 -5.37 -2.44 -19.42
C GLU A 6 -6.65 -2.81 -18.66
N GLN A 7 -6.94 -4.11 -18.59
CA GLN A 7 -8.05 -4.59 -17.77
C GLN A 7 -7.49 -5.24 -16.51
N ARG A 8 -6.55 -4.56 -15.87
CA ARG A 8 -5.94 -5.05 -14.65
C ARG A 8 -6.40 -4.20 -13.47
N MET A 9 -7.64 -4.40 -13.06
CA MET A 9 -8.18 -3.66 -11.92
C MET A 9 -7.61 -4.25 -10.64
N PHE A 10 -7.01 -3.39 -9.82
CA PHE A 10 -6.33 -3.79 -8.60
C PHE A 10 -5.10 -4.63 -8.93
N LYS A 11 -3.99 -3.95 -9.21
CA LYS A 11 -2.72 -4.63 -9.48
C LYS A 11 -1.55 -3.76 -9.07
N ARG A 12 -1.69 -2.45 -9.23
CA ARG A 12 -0.64 -1.53 -8.84
C ARG A 12 -0.74 -1.24 -7.35
N VAL A 13 -1.90 -1.53 -6.78
CA VAL A 13 -2.09 -1.46 -5.35
C VAL A 13 -1.83 -2.83 -4.71
N GLY A 14 -1.87 -3.87 -5.54
CA GLY A 14 -1.64 -5.21 -5.06
C GLY A 14 -2.74 -6.16 -5.48
N CYS A 15 -3.04 -7.12 -4.62
CA CYS A 15 -4.05 -8.15 -4.90
C CYS A 15 -5.45 -7.58 -5.08
N GLY A 16 -5.75 -6.49 -4.37
CA GLY A 16 -7.08 -5.91 -4.43
C GLY A 16 -8.06 -6.56 -3.45
N GLU A 17 -7.62 -7.60 -2.75
CA GLU A 17 -8.53 -8.34 -1.86
C GLU A 17 -8.11 -8.25 -0.40
N CYS A 18 -6.83 -7.96 -0.13
CA CYS A 18 -6.37 -7.87 1.26
C CYS A 18 -6.70 -6.51 1.83
N ALA A 19 -6.69 -6.41 3.16
CA ALA A 19 -6.99 -5.18 3.87
C ALA A 19 -6.26 -3.98 3.26
N ALA A 20 -4.93 -4.07 3.21
CA ALA A 20 -4.09 -2.98 2.71
C ALA A 20 -4.55 -2.47 1.35
N CYS A 21 -5.05 -3.35 0.51
CA CYS A 21 -5.48 -3.00 -0.84
C CYS A 21 -6.76 -2.18 -0.83
N GLN A 22 -7.57 -2.35 0.19
CA GLN A 22 -8.83 -1.61 0.31
C GLN A 22 -8.63 -0.31 1.09
N VAL A 23 -7.48 -0.22 1.75
CA VAL A 23 -7.16 0.94 2.56
C VAL A 23 -6.78 2.12 1.67
N THR A 24 -7.24 3.31 2.06
CA THR A 24 -6.93 4.52 1.31
C THR A 24 -5.84 5.33 1.98
N GLU A 25 -5.91 5.45 3.30
CA GLU A 25 -4.92 6.20 4.07
C GLU A 25 -4.28 5.28 5.09
N ASP A 26 -2.98 5.47 5.31
CA ASP A 26 -2.25 4.63 6.25
C ASP A 26 -2.74 4.89 7.67
N CYS A 27 -2.51 3.90 8.54
CA CYS A 27 -3.08 3.88 9.87
C CYS A 27 -2.56 5.01 10.76
N GLY A 28 -1.34 5.47 10.49
CA GLY A 28 -0.73 6.53 11.28
C GLY A 28 -0.40 6.14 12.71
N ALA A 29 -0.54 4.86 13.05
CA ALA A 29 -0.35 4.43 14.44
C ALA A 29 0.57 3.21 14.61
N CYS A 30 1.06 2.62 13.52
CA CYS A 30 1.87 1.41 13.65
C CYS A 30 3.34 1.74 13.49
N SER A 31 4.17 1.03 14.26
CA SER A 31 5.60 1.33 14.40
C SER A 31 6.31 1.53 13.06
N THR A 32 5.75 0.98 11.99
CA THR A 32 6.33 1.13 10.67
C THR A 32 6.09 2.53 10.10
N CYS A 33 4.84 2.94 10.00
CA CYS A 33 4.51 4.25 9.44
C CYS A 33 4.93 5.38 10.38
N LEU A 34 5.22 5.02 11.63
CA LEU A 34 5.67 5.99 12.63
C LEU A 34 7.14 6.34 12.44
N LEU A 35 7.78 5.73 11.43
CA LEU A 35 9.17 6.04 11.12
C LEU A 35 9.25 7.39 10.43
N GLN A 36 8.20 7.74 9.69
CA GLN A 36 8.07 9.08 9.11
C GLN A 36 9.30 9.43 8.27
N LEU A 37 9.64 8.53 7.36
CA LEU A 37 10.78 8.74 6.47
C LEU A 37 10.37 9.62 5.30
N PRO A 38 11.15 10.67 5.02
CA PRO A 38 10.87 11.61 3.91
C PRO A 38 11.00 10.93 2.56
N HIS A 39 11.80 9.88 2.49
CA HIS A 39 11.99 9.13 1.26
C HIS A 39 11.21 7.83 1.31
N ASP A 40 10.10 7.77 0.58
CA ASP A 40 9.30 6.56 0.50
C ASP A 40 9.99 5.54 -0.38
N VAL A 41 10.52 4.50 0.23
CA VAL A 41 11.20 3.45 -0.51
C VAL A 41 10.28 2.24 -0.69
N ALA A 42 10.03 1.89 -1.94
CA ALA A 42 9.21 0.74 -2.26
C ALA A 42 10.00 -0.33 -3.01
N SER A 43 11.19 0.05 -3.48
CA SER A 43 12.06 -0.87 -4.18
C SER A 43 13.28 -1.15 -3.29
N GLY A 44 12.99 -1.50 -2.06
CA GLY A 44 14.01 -1.68 -1.05
C GLY A 44 13.52 -1.20 0.28
N LEU A 45 13.78 -1.99 1.32
CA LEU A 45 13.27 -1.69 2.67
C LEU A 45 11.75 -1.82 2.71
N PHE A 46 11.18 -1.62 3.90
CA PHE A 46 9.74 -1.68 4.08
C PHE A 46 9.32 -0.70 5.18
N CYS A 47 9.38 0.58 4.86
CA CYS A 47 9.00 1.62 5.81
C CYS A 47 7.55 2.02 5.61
N LYS A 48 6.83 1.20 4.85
CA LYS A 48 5.43 1.47 4.54
C LYS A 48 4.51 0.90 5.61
N CYS A 49 3.49 1.67 5.96
CA CYS A 49 2.47 1.26 6.91
C CYS A 49 1.95 -0.15 6.57
N GLU A 50 1.69 -0.93 7.62
CA GLU A 50 1.20 -2.29 7.46
C GLU A 50 -0.13 -2.33 6.71
N ARG A 51 -0.84 -1.21 6.72
CA ARG A 51 -2.09 -1.10 5.99
C ARG A 51 -1.89 -0.44 4.63
N ARG A 52 -0.65 -0.49 4.14
CA ARG A 52 -0.34 0.03 2.82
C ARG A 52 0.34 -1.03 1.98
N ARG A 53 1.15 -1.84 2.62
CA ARG A 53 1.83 -2.93 1.93
C ARG A 53 0.89 -4.13 1.77
N CYS A 54 0.62 -4.49 0.51
CA CYS A 54 -0.23 -5.62 0.19
C CYS A 54 0.26 -6.89 0.88
N LEU A 55 -0.62 -7.53 1.64
CA LEU A 55 -0.30 -8.76 2.36
C LEU A 55 -0.30 -9.96 1.42
N ARG A 56 -0.66 -9.72 0.17
CA ARG A 56 -0.80 -10.78 -0.82
C ARG A 56 -0.29 -10.28 -2.17
N ILE A 57 1.01 -10.06 -2.28
CA ILE A 57 1.60 -9.58 -3.53
C ILE A 57 1.47 -10.64 -4.62
N VAL A 58 0.37 -10.56 -5.36
CA VAL A 58 0.07 -11.54 -6.39
C VAL A 58 0.60 -11.10 -7.75
N GLU A 59 1.90 -11.25 -7.93
CA GLU A 59 2.53 -10.89 -9.19
C GLU A 59 2.51 -12.06 -10.16
N ARG A 60 1.70 -13.07 -9.83
CA ARG A 60 1.51 -14.26 -10.65
C ARG A 60 2.76 -15.14 -10.65
N SER A 61 3.70 -14.81 -9.76
CA SER A 61 4.94 -15.55 -9.60
C SER A 61 5.72 -15.61 -10.92
N GLY A 1 -9.14 -11.89 -15.86
CA GLY A 1 -9.51 -10.80 -14.93
C GLY A 1 -10.50 -11.26 -13.88
N PRO A 2 -11.00 -10.35 -13.04
CA PRO A 2 -11.94 -10.68 -11.97
C PRO A 2 -13.35 -10.97 -12.49
N LEU A 3 -13.50 -12.10 -13.17
CA LEU A 3 -14.79 -12.50 -13.71
C LEU A 3 -15.76 -12.83 -12.59
N GLY A 4 -16.86 -12.09 -12.54
CA GLY A 4 -17.84 -12.28 -11.50
C GLY A 4 -17.63 -11.34 -10.34
N SER A 5 -16.62 -10.50 -10.45
CA SER A 5 -16.29 -9.55 -9.40
C SER A 5 -16.31 -8.12 -9.93
N GLU A 6 -17.35 -7.39 -9.58
CA GLU A 6 -17.50 -6.00 -10.01
C GLU A 6 -16.43 -5.14 -9.34
N GLN A 7 -15.35 -4.89 -10.04
CA GLN A 7 -14.23 -4.12 -9.51
C GLN A 7 -13.68 -3.15 -10.54
N ARG A 8 -14.38 -2.05 -10.76
CA ARG A 8 -13.87 -1.01 -11.62
C ARG A 8 -12.89 -0.14 -10.83
N MET A 9 -13.13 -0.10 -9.51
CA MET A 9 -12.19 0.53 -8.59
C MET A 9 -11.01 -0.39 -8.34
N PHE A 10 -9.86 0.19 -8.06
CA PHE A 10 -8.65 -0.57 -7.79
C PHE A 10 -8.33 -1.54 -8.93
N LYS A 11 -8.05 -0.97 -10.10
CA LYS A 11 -7.64 -1.78 -11.24
C LYS A 11 -6.14 -2.01 -11.17
N ARG A 12 -5.45 -1.06 -10.54
CA ARG A 12 -4.01 -1.12 -10.39
C ARG A 12 -3.63 -0.54 -9.04
N VAL A 13 -2.56 -1.06 -8.45
CA VAL A 13 -2.10 -0.64 -7.12
C VAL A 13 -3.19 -0.90 -6.09
N GLY A 14 -3.46 -2.18 -5.85
CA GLY A 14 -4.51 -2.56 -4.93
C GLY A 14 -5.52 -3.47 -5.59
N CYS A 15 -5.59 -4.70 -5.13
CA CYS A 15 -6.55 -5.68 -5.66
C CYS A 15 -7.97 -5.29 -5.29
N GLY A 16 -8.12 -4.47 -4.25
CA GLY A 16 -9.43 -3.98 -3.86
C GLY A 16 -10.02 -4.70 -2.66
N GLU A 17 -9.70 -5.99 -2.50
CA GLU A 17 -10.37 -6.80 -1.48
C GLU A 17 -9.48 -7.10 -0.27
N CYS A 18 -8.19 -6.84 -0.36
CA CYS A 18 -7.29 -7.08 0.77
C CYS A 18 -7.38 -5.91 1.74
N ALA A 19 -7.17 -6.17 3.03
CA ALA A 19 -7.19 -5.10 4.04
C ALA A 19 -6.38 -3.90 3.58
N ALA A 20 -5.08 -4.11 3.42
CA ALA A 20 -4.17 -3.08 2.94
C ALA A 20 -4.60 -2.51 1.58
N CYS A 21 -5.22 -3.34 0.75
CA CYS A 21 -5.67 -2.90 -0.56
C CYS A 21 -6.98 -2.11 -0.48
N GLN A 22 -7.61 -2.11 0.68
CA GLN A 22 -8.78 -1.27 0.94
C GLN A 22 -8.34 0.03 1.57
N VAL A 23 -7.27 -0.05 2.35
CA VAL A 23 -6.68 1.10 3.01
C VAL A 23 -5.88 1.93 2.01
N THR A 24 -5.96 3.24 2.11
CA THR A 24 -5.19 4.11 1.23
C THR A 24 -4.54 5.24 2.02
N GLU A 25 -4.68 5.18 3.33
CA GLU A 25 -4.13 6.18 4.23
C GLU A 25 -3.17 5.53 5.20
N ASP A 26 -2.25 6.33 5.74
CA ASP A 26 -1.40 5.85 6.82
C ASP A 26 -2.25 5.62 8.05
N CYS A 27 -2.48 4.35 8.37
CA CYS A 27 -3.44 3.96 9.39
C CYS A 27 -3.17 4.59 10.76
N GLY A 28 -1.92 4.96 11.02
CA GLY A 28 -1.56 5.54 12.29
C GLY A 28 -1.45 4.51 13.41
N ALA A 29 -1.30 3.24 13.05
CA ALA A 29 -1.17 2.19 14.04
C ALA A 29 0.06 1.30 13.83
N CYS A 30 0.89 1.60 12.83
CA CYS A 30 2.11 0.83 12.62
C CYS A 30 3.29 1.64 13.12
N SER A 31 4.19 1.02 13.87
CA SER A 31 5.44 1.67 14.26
C SER A 31 6.15 2.25 13.04
N THR A 32 5.81 1.73 11.86
CA THR A 32 6.37 2.20 10.60
C THR A 32 5.66 3.46 10.09
N CYS A 33 4.33 3.41 9.91
CA CYS A 33 3.60 4.54 9.32
C CYS A 33 3.58 5.75 10.27
N LEU A 34 3.95 5.53 11.52
CA LEU A 34 4.06 6.62 12.50
C LEU A 34 5.35 7.39 12.31
N LEU A 35 6.25 6.84 11.50
CA LEU A 35 7.54 7.47 11.23
C LEU A 35 7.43 8.47 10.09
N GLN A 36 6.21 8.75 9.66
CA GLN A 36 5.98 9.67 8.56
C GLN A 36 5.99 11.11 9.08
N LEU A 37 7.12 11.49 9.66
CA LEU A 37 7.29 12.82 10.23
C LEU A 37 7.66 13.81 9.12
N PRO A 38 7.20 15.06 9.23
CA PRO A 38 7.48 16.10 8.24
C PRO A 38 8.88 16.70 8.38
N HIS A 39 9.78 15.94 8.98
CA HIS A 39 11.16 16.37 9.14
C HIS A 39 12.10 15.18 8.99
N ASP A 40 11.82 14.35 7.98
CA ASP A 40 12.65 13.19 7.70
C ASP A 40 13.99 13.63 7.12
N VAL A 41 15.05 13.26 7.80
CA VAL A 41 16.39 13.64 7.37
C VAL A 41 17.18 12.41 6.90
N ALA A 42 16.67 11.23 7.24
CA ALA A 42 17.32 9.99 6.84
C ALA A 42 16.89 9.60 5.43
N SER A 43 17.85 9.53 4.53
CA SER A 43 17.58 9.15 3.15
C SER A 43 17.22 7.68 3.08
N GLY A 44 15.97 7.41 2.71
CA GLY A 44 15.50 6.04 2.64
C GLY A 44 14.83 5.61 3.93
N LEU A 45 14.36 6.58 4.70
CA LEU A 45 13.65 6.31 5.94
C LEU A 45 12.38 5.53 5.65
N PHE A 46 12.33 4.29 6.13
CA PHE A 46 11.21 3.41 5.85
C PHE A 46 10.04 3.75 6.77
N CYS A 47 8.98 4.27 6.19
CA CYS A 47 7.81 4.69 6.95
C CYS A 47 6.52 4.33 6.21
N LYS A 48 6.56 3.20 5.53
CA LYS A 48 5.39 2.74 4.79
C LYS A 48 4.48 1.91 5.69
N CYS A 49 3.23 2.33 5.77
CA CYS A 49 2.22 1.65 6.56
C CYS A 49 2.16 0.17 6.20
N GLU A 50 2.29 -0.66 7.22
CA GLU A 50 2.31 -2.11 7.06
C GLU A 50 0.97 -2.63 6.55
N ARG A 51 -0.09 -1.84 6.72
CA ARG A 51 -1.37 -2.18 6.13
C ARG A 51 -1.63 -1.34 4.88
N ARG A 52 -0.56 -1.04 4.17
CA ARG A 52 -0.65 -0.47 2.83
C ARG A 52 -0.07 -1.45 1.82
N ARG A 53 0.79 -2.32 2.32
CA ARG A 53 1.41 -3.36 1.52
C ARG A 53 0.49 -4.56 1.42
N CYS A 54 0.11 -4.92 0.20
CA CYS A 54 -0.75 -6.06 -0.04
C CYS A 54 -0.19 -7.33 0.57
N LEU A 55 -1.04 -8.03 1.32
CA LEU A 55 -0.66 -9.27 1.97
C LEU A 55 -0.73 -10.45 1.01
N ARG A 56 -1.57 -10.33 0.00
CA ARG A 56 -1.83 -11.40 -0.95
C ARG A 56 -1.99 -10.83 -2.36
N ILE A 57 -0.89 -10.39 -2.92
CA ILE A 57 -0.85 -9.79 -4.24
C ILE A 57 -1.36 -10.76 -5.31
N VAL A 58 -2.29 -10.30 -6.13
CA VAL A 58 -2.83 -11.12 -7.22
C VAL A 58 -2.26 -10.67 -8.56
N GLU A 59 -1.56 -9.55 -8.54
CA GLU A 59 -0.95 -8.99 -9.74
C GLU A 59 0.57 -9.22 -9.71
N ARG A 60 0.99 -10.41 -10.15
CA ARG A 60 2.40 -10.78 -10.13
C ARG A 60 2.84 -11.26 -11.51
N SER A 61 4.03 -10.84 -11.93
CA SER A 61 4.56 -11.21 -13.23
C SER A 61 6.08 -11.40 -13.14
N GLY A 1 13.66 -12.62 -18.19
CA GLY A 1 14.06 -11.24 -17.84
C GLY A 1 12.87 -10.30 -17.81
N PRO A 2 13.00 -9.09 -18.40
CA PRO A 2 11.93 -8.09 -18.40
C PRO A 2 10.76 -8.46 -19.31
N LEU A 3 10.97 -9.43 -20.18
CA LEU A 3 9.92 -9.86 -21.11
C LEU A 3 8.79 -10.56 -20.37
N GLY A 4 7.58 -10.10 -20.62
CA GLY A 4 6.41 -10.70 -19.98
C GLY A 4 5.31 -9.68 -19.77
N SER A 5 4.20 -10.13 -19.23
CA SER A 5 3.09 -9.24 -18.94
C SER A 5 3.39 -8.40 -17.70
N GLU A 6 3.90 -7.20 -17.93
CA GLU A 6 4.28 -6.32 -16.84
C GLU A 6 3.09 -5.51 -16.35
N GLN A 7 3.18 -5.02 -15.13
CA GLN A 7 2.15 -4.17 -14.56
C GLN A 7 2.78 -3.02 -13.79
N ARG A 8 2.04 -1.92 -13.68
CA ARG A 8 2.49 -0.76 -12.93
C ARG A 8 2.20 -0.93 -11.45
N MET A 9 2.64 -2.06 -10.90
CA MET A 9 2.43 -2.43 -9.50
C MET A 9 0.96 -2.64 -9.19
N PHE A 10 0.25 -1.56 -8.90
CA PHE A 10 -1.15 -1.64 -8.52
C PHE A 10 -1.89 -0.38 -8.95
N LYS A 11 -3.12 -0.23 -8.50
CA LYS A 11 -3.91 0.95 -8.81
C LYS A 11 -3.58 2.07 -7.83
N ARG A 12 -3.81 1.81 -6.56
CA ARG A 12 -3.54 2.77 -5.50
C ARG A 12 -2.81 2.06 -4.37
N VAL A 13 -1.82 1.24 -4.73
CA VAL A 13 -1.10 0.41 -3.78
C VAL A 13 -2.06 -0.55 -3.07
N GLY A 14 -2.39 -1.64 -3.74
CA GLY A 14 -3.29 -2.62 -3.19
C GLY A 14 -4.32 -3.10 -4.19
N CYS A 15 -4.66 -4.39 -4.12
CA CYS A 15 -5.64 -4.97 -5.03
C CYS A 15 -7.04 -4.41 -4.77
N GLY A 16 -7.54 -4.60 -3.56
CA GLY A 16 -8.83 -4.05 -3.20
C GLY A 16 -9.46 -4.71 -1.98
N GLU A 17 -9.21 -6.00 -1.76
CA GLU A 17 -9.96 -6.75 -0.74
C GLU A 17 -9.17 -7.01 0.55
N CYS A 18 -7.86 -6.81 0.54
CA CYS A 18 -7.07 -7.02 1.75
C CYS A 18 -7.18 -5.81 2.66
N ALA A 19 -6.90 -5.98 3.95
CA ALA A 19 -6.90 -4.86 4.89
C ALA A 19 -6.09 -3.69 4.32
N ALA A 20 -4.81 -3.94 4.09
CA ALA A 20 -3.92 -2.99 3.44
C ALA A 20 -4.52 -2.40 2.17
N CYS A 21 -5.17 -3.25 1.39
CA CYS A 21 -5.73 -2.85 0.11
C CYS A 21 -7.05 -2.06 0.27
N GLN A 22 -7.57 -2.04 1.49
CA GLN A 22 -8.69 -1.19 1.84
C GLN A 22 -8.18 0.17 2.27
N VAL A 23 -6.95 0.16 2.77
CA VAL A 23 -6.30 1.35 3.28
C VAL A 23 -5.79 2.22 2.13
N THR A 24 -5.95 3.53 2.26
CA THR A 24 -5.54 4.46 1.22
C THR A 24 -4.53 5.47 1.75
N GLU A 25 -4.49 5.66 3.06
CA GLU A 25 -3.60 6.63 3.68
C GLU A 25 -2.88 6.02 4.87
N ASP A 26 -2.22 6.87 5.63
CA ASP A 26 -1.62 6.46 6.89
C ASP A 26 -2.73 6.09 7.88
N CYS A 27 -2.79 4.80 8.21
CA CYS A 27 -3.79 4.29 9.12
C CYS A 27 -3.62 4.90 10.52
N GLY A 28 -2.36 5.21 10.85
CA GLY A 28 -2.07 5.89 12.11
C GLY A 28 -1.90 4.95 13.30
N ALA A 29 -1.91 3.65 13.05
CA ALA A 29 -1.79 2.68 14.14
C ALA A 29 -0.83 1.55 13.79
N CYS A 30 0.19 1.86 13.00
CA CYS A 30 1.16 0.86 12.60
C CYS A 30 2.57 1.31 12.97
N SER A 31 3.48 0.38 13.15
CA SER A 31 4.87 0.70 13.47
C SER A 31 5.41 1.81 12.55
N THR A 32 5.24 1.62 11.25
CA THR A 32 5.71 2.59 10.27
C THR A 32 4.78 3.80 10.20
N CYS A 33 3.49 3.60 10.46
CA CYS A 33 2.52 4.68 10.42
C CYS A 33 2.73 5.67 11.57
N LEU A 34 3.28 5.20 12.68
CA LEU A 34 3.54 6.05 13.83
C LEU A 34 4.78 6.92 13.59
N LEU A 35 5.54 6.58 12.56
CA LEU A 35 6.68 7.38 12.16
C LEU A 35 6.23 8.53 11.27
N GLN A 36 4.95 8.51 10.89
CA GLN A 36 4.40 9.52 10.00
C GLN A 36 3.97 10.73 10.82
N LEU A 37 4.93 11.57 11.16
CA LEU A 37 4.67 12.75 11.96
C LEU A 37 4.13 13.88 11.08
N PRO A 38 3.07 14.57 11.56
CA PRO A 38 2.33 15.55 10.76
C PRO A 38 3.19 16.61 10.07
N HIS A 39 3.83 17.46 10.86
CA HIS A 39 4.58 18.59 10.29
C HIS A 39 5.85 18.90 11.08
N ASP A 40 6.12 18.16 12.14
CA ASP A 40 7.23 18.48 13.03
C ASP A 40 8.53 17.81 12.60
N VAL A 41 8.53 17.30 11.37
CA VAL A 41 9.74 16.71 10.80
C VAL A 41 10.13 17.43 9.51
N ALA A 42 11.30 18.03 9.52
CA ALA A 42 11.79 18.79 8.37
C ALA A 42 12.62 17.89 7.47
N SER A 43 12.04 16.81 6.99
CA SER A 43 12.73 15.85 6.15
C SER A 43 11.72 15.07 5.33
N GLY A 44 12.18 14.54 4.20
CA GLY A 44 11.31 13.77 3.32
C GLY A 44 11.11 12.36 3.81
N LEU A 45 10.48 12.22 4.97
CA LEU A 45 10.26 10.93 5.59
C LEU A 45 9.04 10.27 4.94
N PHE A 46 9.29 9.31 4.05
CA PHE A 46 8.22 8.55 3.45
C PHE A 46 7.92 7.32 4.30
N CYS A 47 8.72 6.26 4.09
CA CYS A 47 8.51 4.98 4.79
C CYS A 47 7.13 4.40 4.53
N LYS A 48 7.06 3.32 3.77
CA LYS A 48 5.77 2.74 3.40
C LYS A 48 5.24 1.83 4.52
N CYS A 49 4.03 2.13 4.95
CA CYS A 49 3.34 1.34 5.95
C CYS A 49 3.23 -0.12 5.53
N GLU A 50 3.54 -1.01 6.47
CA GLU A 50 3.49 -2.45 6.23
C GLU A 50 2.07 -2.91 5.92
N ARG A 51 1.10 -2.11 6.34
CA ARG A 51 -0.30 -2.41 6.08
C ARG A 51 -0.76 -1.65 4.84
N ARG A 52 0.12 -1.56 3.85
CA ARG A 52 -0.24 -0.97 2.56
C ARG A 52 0.02 -1.96 1.43
N ARG A 53 0.92 -2.89 1.68
CA ARG A 53 1.28 -3.90 0.71
C ARG A 53 0.24 -5.01 0.69
N CYS A 54 -0.19 -5.39 -0.50
CA CYS A 54 -1.13 -6.47 -0.68
C CYS A 54 -0.61 -7.76 -0.02
N LEU A 55 -1.22 -8.15 1.11
CA LEU A 55 -0.81 -9.35 1.84
C LEU A 55 -1.31 -10.61 1.13
N ARG A 56 -2.26 -10.41 0.22
CA ARG A 56 -2.91 -11.50 -0.47
C ARG A 56 -3.11 -11.09 -1.92
N ILE A 57 -2.02 -11.09 -2.67
CA ILE A 57 -2.06 -10.72 -4.07
C ILE A 57 -2.74 -11.81 -4.90
N VAL A 58 -4.08 -11.85 -4.82
CA VAL A 58 -4.87 -12.84 -5.53
C VAL A 58 -4.94 -12.55 -7.02
N GLU A 59 -4.27 -11.48 -7.43
CA GLU A 59 -4.17 -11.12 -8.83
C GLU A 59 -3.08 -11.96 -9.49
N ARG A 60 -2.01 -12.23 -8.73
CA ARG A 60 -0.88 -12.99 -9.23
C ARG A 60 0.16 -13.17 -8.13
N SER A 61 0.11 -14.30 -7.45
CA SER A 61 1.10 -14.62 -6.44
C SER A 61 2.24 -15.40 -7.08
N GLY A 1 -13.03 9.10 -22.36
CA GLY A 1 -13.53 9.89 -21.20
C GLY A 1 -12.54 9.86 -20.04
N PRO A 2 -13.03 9.96 -18.80
CA PRO A 2 -12.18 9.93 -17.60
C PRO A 2 -11.70 8.52 -17.25
N LEU A 3 -11.09 7.87 -18.22
CA LEU A 3 -10.60 6.51 -18.04
C LEU A 3 -9.26 6.52 -17.33
N GLY A 4 -9.27 6.20 -16.05
CA GLY A 4 -8.04 6.15 -15.30
C GLY A 4 -7.35 4.80 -15.46
N SER A 5 -8.15 3.78 -15.71
CA SER A 5 -7.66 2.41 -15.92
C SER A 5 -6.70 1.99 -14.81
N GLU A 6 -7.25 1.73 -13.62
CA GLU A 6 -6.48 1.26 -12.47
C GLU A 6 -5.45 2.31 -12.04
N GLN A 7 -5.95 3.44 -11.54
CA GLN A 7 -5.09 4.51 -11.06
C GLN A 7 -4.43 4.12 -9.75
N ARG A 8 -5.05 3.16 -9.07
CA ARG A 8 -4.48 2.61 -7.85
C ARG A 8 -4.14 1.13 -8.06
N MET A 9 -2.88 0.89 -8.43
CA MET A 9 -2.41 -0.44 -8.75
C MET A 9 -0.89 -0.50 -8.64
N PHE A 10 -0.41 -1.48 -7.91
CA PHE A 10 1.03 -1.66 -7.70
C PHE A 10 1.64 -2.43 -8.86
N LYS A 11 2.81 -3.01 -8.65
CA LYS A 11 3.49 -3.74 -9.71
C LYS A 11 2.93 -5.15 -9.83
N ARG A 12 2.74 -5.82 -8.71
CA ARG A 12 2.19 -7.17 -8.71
C ARG A 12 1.37 -7.46 -7.46
N VAL A 13 1.54 -6.64 -6.43
CA VAL A 13 0.83 -6.86 -5.17
C VAL A 13 -0.51 -6.12 -5.16
N GLY A 14 -0.91 -5.60 -6.31
CA GLY A 14 -2.17 -4.88 -6.38
C GLY A 14 -3.34 -5.81 -6.61
N CYS A 15 -3.68 -6.59 -5.59
CA CYS A 15 -4.77 -7.55 -5.69
C CYS A 15 -6.11 -6.83 -5.83
N GLY A 16 -6.22 -5.67 -5.19
CA GLY A 16 -7.44 -4.88 -5.25
C GLY A 16 -8.55 -5.44 -4.39
N GLU A 17 -8.28 -6.54 -3.68
CA GLU A 17 -9.31 -7.21 -2.90
C GLU A 17 -9.05 -7.11 -1.39
N CYS A 18 -7.78 -7.19 -0.99
CA CYS A 18 -7.46 -7.23 0.43
C CYS A 18 -7.56 -5.85 1.05
N ALA A 19 -7.72 -5.82 2.38
CA ALA A 19 -7.91 -4.58 3.13
C ALA A 19 -6.93 -3.50 2.69
N ALA A 20 -5.64 -3.80 2.78
CA ALA A 20 -4.58 -2.84 2.46
C ALA A 20 -4.76 -2.20 1.08
N CYS A 21 -5.16 -3.00 0.09
CA CYS A 21 -5.36 -2.49 -1.27
C CYS A 21 -6.63 -1.63 -1.34
N GLN A 22 -7.53 -1.82 -0.38
CA GLN A 22 -8.77 -1.04 -0.32
C GLN A 22 -8.57 0.23 0.49
N VAL A 23 -7.68 0.17 1.48
CA VAL A 23 -7.38 1.31 2.34
C VAL A 23 -6.48 2.31 1.61
N THR A 24 -6.69 3.59 1.86
CA THR A 24 -5.91 4.63 1.20
C THR A 24 -4.94 5.30 2.17
N GLU A 25 -5.27 5.27 3.46
CA GLU A 25 -4.46 5.97 4.46
C GLU A 25 -3.69 4.99 5.33
N ASP A 26 -2.62 5.48 5.93
CA ASP A 26 -1.85 4.69 6.87
C ASP A 26 -2.65 4.46 8.16
N CYS A 27 -2.50 3.27 8.71
CA CYS A 27 -3.29 2.85 9.87
C CYS A 27 -3.01 3.68 11.12
N GLY A 28 -1.85 4.33 11.16
CA GLY A 28 -1.46 5.09 12.33
C GLY A 28 -1.07 4.23 13.52
N ALA A 29 -0.70 2.97 13.28
CA ALA A 29 -0.29 2.07 14.36
C ALA A 29 1.00 1.30 14.06
N CYS A 30 1.76 1.71 13.05
CA CYS A 30 3.06 1.10 12.79
C CYS A 30 4.16 2.09 13.15
N SER A 31 5.23 1.60 13.73
CA SER A 31 6.42 2.42 13.99
C SER A 31 6.84 3.18 12.72
N THR A 32 6.48 2.62 11.56
CA THR A 32 6.73 3.23 10.28
C THR A 32 5.75 4.35 9.97
N CYS A 33 4.45 4.04 9.98
CA CYS A 33 3.45 5.03 9.59
C CYS A 33 3.32 6.14 10.65
N LEU A 34 3.88 5.91 11.84
CA LEU A 34 3.91 6.93 12.89
C LEU A 34 4.94 8.01 12.59
N LEU A 35 5.80 7.76 11.61
CA LEU A 35 6.84 8.71 11.25
C LEU A 35 6.26 9.85 10.43
N GLN A 36 5.17 9.57 9.70
CA GLN A 36 4.47 10.59 8.92
C GLN A 36 5.43 11.40 8.06
N LEU A 37 6.03 10.73 7.08
CA LEU A 37 6.95 11.39 6.17
C LEU A 37 6.17 12.09 5.05
N PRO A 38 6.35 13.40 4.90
CA PRO A 38 5.67 14.18 3.86
C PRO A 38 6.36 14.07 2.51
N HIS A 39 6.79 12.87 2.17
CA HIS A 39 7.49 12.63 0.91
C HIS A 39 7.03 11.32 0.29
N ASP A 40 7.23 11.19 -1.01
CA ASP A 40 6.80 10.01 -1.75
C ASP A 40 7.99 9.15 -2.16
N VAL A 41 9.03 9.17 -1.34
CA VAL A 41 10.23 8.41 -1.60
C VAL A 41 10.05 6.97 -1.12
N ALA A 42 9.93 6.04 -2.06
CA ALA A 42 9.76 4.64 -1.74
C ALA A 42 11.00 3.83 -2.12
N SER A 43 11.90 4.46 -2.85
CA SER A 43 13.14 3.82 -3.23
C SER A 43 14.14 3.93 -2.10
N GLY A 44 14.57 2.79 -1.57
CA GLY A 44 15.46 2.78 -0.43
C GLY A 44 14.73 3.00 0.87
N LEU A 45 13.95 4.07 0.93
CA LEU A 45 13.17 4.39 2.11
C LEU A 45 11.82 3.67 2.08
N PHE A 46 11.82 2.43 2.52
CA PHE A 46 10.59 1.64 2.60
C PHE A 46 9.87 1.93 3.90
N CYS A 47 9.84 3.20 4.27
CA CYS A 47 9.23 3.63 5.51
C CYS A 47 7.76 3.94 5.28
N LYS A 48 6.95 2.89 5.24
CA LYS A 48 5.52 3.03 5.02
C LYS A 48 4.74 2.10 5.92
N CYS A 49 3.48 2.42 6.11
CA CYS A 49 2.55 1.61 6.88
C CYS A 49 2.57 0.17 6.39
N GLU A 50 3.10 -0.73 7.20
CA GLU A 50 3.23 -2.15 6.83
C GLU A 50 1.86 -2.80 6.64
N ARG A 51 0.82 -2.11 7.07
CA ARG A 51 -0.53 -2.60 6.92
C ARG A 51 -1.12 -2.21 5.58
N ARG A 52 -0.34 -1.48 4.79
CA ARG A 52 -0.77 -1.10 3.46
C ARG A 52 -0.05 -1.96 2.44
N ARG A 53 0.77 -2.88 2.95
CA ARG A 53 1.37 -3.91 2.14
C ARG A 53 0.34 -5.01 1.95
N CYS A 54 0.11 -5.36 0.69
CA CYS A 54 -0.92 -6.32 0.30
C CYS A 54 -0.91 -7.56 1.20
N LEU A 55 -2.01 -7.75 1.93
CA LEU A 55 -2.16 -8.87 2.87
C LEU A 55 -2.41 -10.16 2.10
N ARG A 56 -2.93 -10.02 0.90
CA ARG A 56 -3.28 -11.15 0.07
C ARG A 56 -2.66 -10.99 -1.30
N ILE A 57 -1.34 -11.05 -1.36
CA ILE A 57 -0.61 -11.01 -2.61
C ILE A 57 -0.99 -12.22 -3.46
N VAL A 58 -1.97 -12.02 -4.33
CA VAL A 58 -2.44 -13.09 -5.18
C VAL A 58 -2.27 -12.73 -6.66
N GLU A 59 -1.37 -13.44 -7.31
CA GLU A 59 -1.17 -13.29 -8.74
C GLU A 59 -1.01 -14.66 -9.37
N ARG A 60 -1.97 -15.03 -10.20
CA ARG A 60 -1.94 -16.33 -10.85
C ARG A 60 -1.70 -16.20 -12.34
N SER A 61 -0.68 -16.89 -12.82
CA SER A 61 -0.32 -16.86 -14.22
C SER A 61 0.17 -18.24 -14.65
N GLY A 1 14.82 -17.04 -19.64
CA GLY A 1 14.92 -17.29 -18.19
C GLY A 1 14.34 -16.14 -17.38
N PRO A 2 14.21 -16.31 -16.05
CA PRO A 2 13.67 -15.27 -15.16
C PRO A 2 14.65 -14.12 -14.92
N LEU A 3 15.23 -13.60 -16.00
CA LEU A 3 16.17 -12.49 -15.90
C LEU A 3 15.39 -11.18 -15.82
N GLY A 4 14.72 -10.98 -14.70
CA GLY A 4 13.88 -9.82 -14.53
C GLY A 4 12.42 -10.18 -14.66
N SER A 5 11.73 -9.53 -15.59
CA SER A 5 10.31 -9.79 -15.82
C SER A 5 9.51 -9.56 -14.54
N GLU A 6 9.59 -8.35 -14.02
CA GLU A 6 8.88 -8.01 -12.79
C GLU A 6 7.45 -7.58 -13.12
N GLN A 7 7.31 -6.90 -14.26
CA GLN A 7 6.02 -6.43 -14.77
C GLN A 7 5.40 -5.38 -13.85
N ARG A 8 4.83 -5.84 -12.74
CA ARG A 8 4.10 -4.96 -11.84
C ARG A 8 4.24 -5.47 -10.41
N MET A 9 3.98 -4.58 -9.45
CA MET A 9 4.04 -4.92 -8.02
C MET A 9 3.14 -3.98 -7.26
N PHE A 10 2.59 -4.47 -6.15
CA PHE A 10 1.71 -3.66 -5.32
C PHE A 10 2.53 -2.80 -4.38
N LYS A 11 2.37 -1.49 -4.51
CA LYS A 11 3.17 -0.54 -3.76
C LYS A 11 2.35 0.70 -3.40
N ARG A 12 1.73 1.31 -4.41
CA ARG A 12 0.83 2.43 -4.17
C ARG A 12 -0.62 2.02 -4.40
N VAL A 13 -0.81 1.00 -5.22
CA VAL A 13 -2.14 0.48 -5.53
C VAL A 13 -2.09 -1.05 -5.60
N GLY A 14 -3.25 -1.67 -5.77
CA GLY A 14 -3.28 -3.12 -5.89
C GLY A 14 -4.67 -3.69 -5.82
N CYS A 15 -4.74 -4.95 -5.40
CA CYS A 15 -5.98 -5.68 -5.25
C CYS A 15 -6.76 -5.15 -4.07
N GLY A 16 -7.35 -3.99 -4.28
CA GLY A 16 -8.15 -3.27 -3.28
C GLY A 16 -9.35 -4.04 -2.73
N GLU A 17 -9.19 -5.33 -2.53
CA GLU A 17 -10.18 -6.14 -1.83
C GLU A 17 -9.60 -6.65 -0.52
N CYS A 18 -8.28 -6.60 -0.41
CA CYS A 18 -7.60 -6.98 0.82
C CYS A 18 -7.63 -5.81 1.80
N ALA A 19 -7.59 -6.10 3.09
CA ALA A 19 -7.62 -5.07 4.12
C ALA A 19 -6.68 -3.89 3.80
N ALA A 20 -5.38 -4.19 3.76
CA ALA A 20 -4.36 -3.19 3.47
C ALA A 20 -4.57 -2.56 2.09
N CYS A 21 -5.04 -3.37 1.14
CA CYS A 21 -5.26 -2.89 -0.22
C CYS A 21 -6.50 -1.99 -0.29
N GLN A 22 -7.37 -2.06 0.71
CA GLN A 22 -8.52 -1.17 0.80
C GLN A 22 -8.10 0.14 1.44
N VAL A 23 -7.09 0.04 2.29
CA VAL A 23 -6.52 1.19 2.97
C VAL A 23 -5.71 2.01 1.96
N THR A 24 -5.75 3.32 2.09
CA THR A 24 -5.07 4.18 1.14
C THR A 24 -4.19 5.21 1.86
N GLU A 25 -4.34 5.31 3.18
CA GLU A 25 -3.56 6.25 3.97
C GLU A 25 -2.82 5.53 5.08
N ASP A 26 -2.05 6.29 5.86
CA ASP A 26 -1.37 5.74 7.02
C ASP A 26 -2.37 5.29 8.07
N CYS A 27 -2.47 3.98 8.28
CA CYS A 27 -3.43 3.43 9.23
C CYS A 27 -3.19 3.94 10.65
N GLY A 28 -1.97 4.38 10.93
CA GLY A 28 -1.64 4.87 12.26
C GLY A 28 -1.40 3.76 13.26
N ALA A 29 -1.29 2.53 12.78
CA ALA A 29 -1.07 1.40 13.68
C ALA A 29 0.22 0.64 13.38
N CYS A 30 1.06 1.17 12.48
CA CYS A 30 2.38 0.58 12.26
C CYS A 30 3.43 1.48 12.87
N SER A 31 4.45 0.90 13.48
CA SER A 31 5.56 1.66 14.02
C SER A 31 6.12 2.60 12.97
N THR A 32 6.02 2.19 11.71
CA THR A 32 6.48 2.98 10.59
C THR A 32 5.52 4.13 10.27
N CYS A 33 4.24 3.81 10.04
CA CYS A 33 3.28 4.83 9.63
C CYS A 33 2.92 5.76 10.79
N LEU A 34 3.45 5.48 11.98
CA LEU A 34 3.22 6.34 13.15
C LEU A 34 4.11 7.58 13.10
N LEU A 35 4.93 7.67 12.07
CA LEU A 35 5.79 8.83 11.87
C LEU A 35 4.97 9.99 11.33
N GLN A 36 4.17 9.74 10.29
CA GLN A 36 3.27 10.76 9.73
C GLN A 36 4.02 12.06 9.45
N LEU A 37 5.13 11.93 8.74
CA LEU A 37 6.05 13.04 8.53
C LEU A 37 5.57 13.93 7.39
N PRO A 38 5.36 15.22 7.69
CA PRO A 38 5.04 16.23 6.68
C PRO A 38 6.24 16.50 5.77
N HIS A 39 7.34 16.92 6.38
CA HIS A 39 8.58 17.15 5.65
C HIS A 39 9.76 16.96 6.60
N ASP A 40 9.53 16.21 7.66
CA ASP A 40 10.55 15.96 8.66
C ASP A 40 11.32 14.69 8.32
N VAL A 41 12.57 14.85 7.92
CA VAL A 41 13.40 13.72 7.53
C VAL A 41 14.66 13.61 8.38
N ALA A 42 14.67 12.65 9.29
CA ALA A 42 15.83 12.38 10.12
C ALA A 42 16.98 11.90 9.27
N SER A 43 16.65 11.18 8.21
CA SER A 43 17.63 10.73 7.23
C SER A 43 17.00 10.76 5.84
N GLY A 44 15.80 10.23 5.74
CA GLY A 44 15.08 10.24 4.48
C GLY A 44 13.60 10.01 4.68
N LEU A 45 12.81 10.20 3.63
CA LEU A 45 11.38 9.98 3.72
C LEU A 45 11.04 8.63 3.13
N PHE A 46 10.95 7.63 3.99
CA PHE A 46 10.57 6.30 3.57
C PHE A 46 9.92 5.57 4.73
N CYS A 47 8.60 5.67 4.79
CA CYS A 47 7.83 5.11 5.90
C CYS A 47 6.56 4.45 5.38
N LYS A 48 6.68 3.18 5.00
CA LYS A 48 5.58 2.47 4.40
C LYS A 48 4.70 1.78 5.44
N CYS A 49 3.49 2.27 5.57
CA CYS A 49 2.46 1.64 6.37
C CYS A 49 2.28 0.18 5.94
N GLU A 50 2.42 -0.74 6.88
CA GLU A 50 2.30 -2.16 6.57
C GLU A 50 0.87 -2.51 6.18
N ARG A 51 -0.04 -1.61 6.48
CA ARG A 51 -1.43 -1.79 6.10
C ARG A 51 -1.72 -1.04 4.79
N ARG A 52 -0.68 -0.93 3.97
CA ARG A 52 -0.81 -0.38 2.63
C ARG A 52 -0.41 -1.41 1.60
N ARG A 53 0.69 -2.08 1.85
CA ARG A 53 1.16 -3.15 1.00
C ARG A 53 0.34 -4.41 1.26
N CYS A 54 0.03 -5.12 0.19
CA CYS A 54 -0.81 -6.32 0.25
C CYS A 54 -0.31 -7.31 1.29
N LEU A 55 -1.23 -8.06 1.85
CA LEU A 55 -0.92 -9.02 2.90
C LEU A 55 -0.26 -10.27 2.31
N ARG A 56 -0.98 -10.99 1.47
CA ARG A 56 -0.46 -12.20 0.87
C ARG A 56 -0.02 -11.95 -0.57
N ILE A 57 -0.25 -10.72 -1.03
CA ILE A 57 0.00 -10.32 -2.41
C ILE A 57 -0.74 -11.25 -3.37
N VAL A 58 -2.05 -11.10 -3.41
CA VAL A 58 -2.88 -11.91 -4.29
C VAL A 58 -2.91 -11.35 -5.71
N GLU A 59 -1.83 -11.61 -6.45
CA GLU A 59 -1.72 -11.17 -7.84
C GLU A 59 -2.60 -12.05 -8.73
N ARG A 60 -2.97 -13.20 -8.17
CA ARG A 60 -3.82 -14.18 -8.84
C ARG A 60 -3.11 -14.80 -10.02
N SER A 61 -1.81 -14.99 -9.88
CA SER A 61 -0.99 -15.60 -10.91
C SER A 61 0.08 -16.48 -10.26
N GLY A 1 -17.75 18.71 -11.00
CA GLY A 1 -17.49 18.22 -12.36
C GLY A 1 -17.53 16.71 -12.45
N PRO A 2 -17.48 16.15 -13.66
CA PRO A 2 -17.46 14.69 -13.87
C PRO A 2 -16.20 14.05 -13.31
N LEU A 3 -16.36 12.82 -12.81
CA LEU A 3 -15.25 12.08 -12.19
C LEU A 3 -14.71 12.83 -10.97
N GLY A 4 -15.59 13.54 -10.29
CA GLY A 4 -15.19 14.33 -9.14
C GLY A 4 -15.55 13.67 -7.84
N SER A 5 -16.65 12.94 -7.84
CA SER A 5 -17.10 12.24 -6.64
C SER A 5 -17.45 10.80 -6.96
N GLU A 6 -16.60 10.16 -7.76
CA GLU A 6 -16.78 8.78 -8.12
C GLU A 6 -15.94 7.89 -7.21
N GLN A 7 -16.59 7.19 -6.30
CA GLN A 7 -15.88 6.33 -5.37
C GLN A 7 -15.31 5.13 -6.12
N ARG A 8 -14.01 4.95 -6.03
CA ARG A 8 -13.35 3.86 -6.72
C ARG A 8 -12.87 2.82 -5.73
N MET A 9 -12.15 1.83 -6.23
CA MET A 9 -11.66 0.73 -5.40
C MET A 9 -10.48 0.07 -6.07
N PHE A 10 -9.39 -0.06 -5.33
CA PHE A 10 -8.20 -0.72 -5.84
C PHE A 10 -8.39 -2.22 -5.79
N LYS A 11 -8.98 -2.76 -6.84
CA LYS A 11 -9.26 -4.19 -6.93
C LYS A 11 -8.04 -4.95 -7.46
N ARG A 12 -6.87 -4.34 -7.30
CA ARG A 12 -5.61 -4.92 -7.70
C ARG A 12 -4.54 -4.54 -6.68
N VAL A 13 -3.37 -4.07 -7.15
CA VAL A 13 -2.30 -3.60 -6.26
C VAL A 13 -1.89 -4.71 -5.29
N GLY A 14 -1.94 -5.95 -5.78
CA GLY A 14 -1.60 -7.07 -4.95
C GLY A 14 -2.70 -8.12 -4.93
N CYS A 15 -3.94 -7.67 -4.82
CA CYS A 15 -5.08 -8.57 -4.80
C CYS A 15 -6.42 -7.82 -4.85
N GLY A 16 -6.44 -6.63 -4.26
CA GLY A 16 -7.67 -5.86 -4.21
C GLY A 16 -8.63 -6.31 -3.12
N GLU A 17 -8.36 -7.44 -2.50
CA GLU A 17 -9.29 -8.03 -1.54
C GLU A 17 -8.82 -7.83 -0.10
N CYS A 18 -7.52 -7.79 0.11
CA CYS A 18 -7.00 -7.66 1.47
C CYS A 18 -7.15 -6.22 1.94
N ALA A 19 -7.38 -6.04 3.24
CA ALA A 19 -7.60 -4.71 3.80
C ALA A 19 -6.57 -3.71 3.27
N ALA A 20 -5.31 -4.12 3.29
CA ALA A 20 -4.19 -3.26 2.87
C ALA A 20 -4.39 -2.68 1.48
N CYS A 21 -5.00 -3.45 0.57
CA CYS A 21 -5.23 -3.00 -0.79
C CYS A 21 -6.29 -1.90 -0.84
N GLN A 22 -7.21 -1.94 0.11
CA GLN A 22 -8.32 -1.00 0.14
C GLN A 22 -8.03 0.16 1.10
N VAL A 23 -6.95 0.05 1.86
CA VAL A 23 -6.52 1.11 2.76
C VAL A 23 -5.89 2.24 1.96
N THR A 24 -6.39 3.45 2.15
CA THR A 24 -5.88 4.60 1.42
C THR A 24 -5.16 5.57 2.36
N GLU A 25 -5.35 5.39 3.65
CA GLU A 25 -4.78 6.28 4.64
C GLU A 25 -3.68 5.58 5.43
N ASP A 26 -2.74 6.35 5.95
CA ASP A 26 -1.80 5.82 6.92
C ASP A 26 -2.56 5.46 8.18
N CYS A 27 -2.62 4.16 8.47
CA CYS A 27 -3.47 3.64 9.54
C CYS A 27 -3.11 4.23 10.91
N GLY A 28 -1.89 4.71 11.05
CA GLY A 28 -1.46 5.31 12.30
C GLY A 28 -1.19 4.30 13.40
N ALA A 29 -1.03 3.04 13.03
CA ALA A 29 -0.75 2.00 14.01
C ALA A 29 0.37 1.05 13.56
N CYS A 30 1.33 1.56 12.79
CA CYS A 30 2.54 0.81 12.49
C CYS A 30 3.74 1.61 12.95
N SER A 31 4.74 0.93 13.49
CA SER A 31 6.01 1.57 13.83
C SER A 31 6.55 2.36 12.63
N THR A 32 6.14 1.95 11.43
CA THR A 32 6.51 2.60 10.21
C THR A 32 5.68 3.84 9.92
N CYS A 33 4.35 3.69 9.86
CA CYS A 33 3.48 4.80 9.50
C CYS A 33 3.37 5.83 10.64
N LEU A 34 3.97 5.53 11.78
CA LEU A 34 4.09 6.52 12.85
C LEU A 34 5.25 7.47 12.55
N LEU A 35 6.24 6.96 11.81
CA LEU A 35 7.41 7.74 11.44
C LEU A 35 7.09 8.62 10.24
N GLN A 36 6.48 8.02 9.22
CA GLN A 36 6.13 8.72 7.98
C GLN A 36 7.36 9.31 7.31
N LEU A 37 7.92 8.57 6.38
CA LEU A 37 9.14 9.00 5.69
C LEU A 37 8.80 9.99 4.60
N PRO A 38 9.53 11.12 4.55
CA PRO A 38 9.32 12.14 3.54
C PRO A 38 9.82 11.70 2.17
N HIS A 39 9.10 12.08 1.12
CA HIS A 39 9.44 11.73 -0.25
C HIS A 39 9.41 10.21 -0.44
N ASP A 40 8.46 9.58 0.25
CA ASP A 40 8.28 8.14 0.19
C ASP A 40 7.60 7.73 -1.11
N VAL A 41 7.19 8.74 -1.87
CA VAL A 41 6.59 8.53 -3.18
C VAL A 41 7.57 7.80 -4.11
N ALA A 42 7.05 6.85 -4.89
CA ALA A 42 7.86 6.04 -5.81
C ALA A 42 8.79 5.11 -5.04
N SER A 43 8.23 4.46 -4.01
CA SER A 43 8.95 3.49 -3.20
C SER A 43 10.15 4.13 -2.50
N GLY A 44 9.90 5.20 -1.78
CA GLY A 44 10.95 5.83 -1.00
C GLY A 44 11.20 5.06 0.29
N LEU A 45 12.25 4.23 0.28
CA LEU A 45 12.57 3.34 1.40
C LEU A 45 11.53 2.23 1.54
N PHE A 46 12.00 1.02 1.78
CA PHE A 46 11.09 -0.10 2.00
C PHE A 46 10.63 -0.13 3.45
N CYS A 47 10.01 0.97 3.84
CA CYS A 47 9.47 1.13 5.18
C CYS A 47 8.21 1.97 5.12
N LYS A 48 7.06 1.30 5.13
CA LYS A 48 5.79 1.99 4.98
C LYS A 48 4.73 1.35 5.87
N CYS A 49 3.56 1.98 5.95
CA CYS A 49 2.44 1.45 6.70
C CYS A 49 2.18 0.00 6.30
N GLU A 50 2.14 -0.88 7.31
CA GLU A 50 1.91 -2.30 7.07
C GLU A 50 0.47 -2.56 6.60
N ARG A 51 -0.31 -1.50 6.46
CA ARG A 51 -1.64 -1.59 5.90
C ARG A 51 -1.65 -1.07 4.47
N ARG A 52 -0.46 -0.94 3.90
CA ARG A 52 -0.33 -0.56 2.49
C ARG A 52 0.33 -1.67 1.70
N ARG A 53 0.96 -2.57 2.44
CA ARG A 53 1.57 -3.76 1.87
C ARG A 53 0.53 -4.86 1.73
N CYS A 54 0.29 -5.31 0.50
CA CYS A 54 -0.68 -6.35 0.24
C CYS A 54 -0.42 -7.58 1.10
N LEU A 55 -1.37 -7.91 1.96
CA LEU A 55 -1.24 -9.05 2.86
C LEU A 55 -1.59 -10.36 2.15
N ARG A 56 -1.97 -10.24 0.89
CA ARG A 56 -2.32 -11.40 0.08
C ARG A 56 -1.87 -11.16 -1.36
N ILE A 57 -0.57 -11.14 -1.56
CA ILE A 57 -0.01 -10.91 -2.89
C ILE A 57 -0.30 -12.10 -3.80
N VAL A 58 -1.51 -12.15 -4.34
CA VAL A 58 -1.93 -13.25 -5.21
C VAL A 58 -2.06 -12.77 -6.65
N GLU A 59 -1.86 -11.48 -6.85
CA GLU A 59 -1.84 -10.90 -8.18
C GLU A 59 -0.41 -10.83 -8.70
N ARG A 60 0.45 -10.18 -7.93
CA ARG A 60 1.84 -10.03 -8.31
C ARG A 60 2.67 -11.16 -7.74
N SER A 61 3.92 -11.25 -8.15
CA SER A 61 4.80 -12.30 -7.69
C SER A 61 6.18 -11.74 -7.35
N GLY A 1 -13.89 -4.35 -16.21
CA GLY A 1 -13.13 -4.62 -17.46
C GLY A 1 -11.70 -4.16 -17.36
N PRO A 2 -11.18 -3.48 -18.40
CA PRO A 2 -9.82 -2.98 -18.41
C PRO A 2 -9.69 -1.66 -17.65
N LEU A 3 -10.20 -1.65 -16.42
CA LEU A 3 -10.15 -0.45 -15.58
C LEU A 3 -8.71 -0.18 -15.15
N GLY A 4 -8.15 0.90 -15.66
CA GLY A 4 -6.79 1.25 -15.32
C GLY A 4 -6.63 2.75 -15.20
N SER A 5 -5.94 3.34 -16.19
CA SER A 5 -5.66 4.79 -16.21
C SER A 5 -4.65 5.17 -15.12
N GLU A 6 -5.03 4.96 -13.87
CA GLU A 6 -4.16 5.28 -12.74
C GLU A 6 -3.20 4.13 -12.48
N GLN A 7 -1.99 4.26 -13.01
CA GLN A 7 -0.97 3.23 -12.84
C GLN A 7 -0.29 3.37 -11.49
N ARG A 8 -0.55 4.49 -10.82
CA ARG A 8 0.02 4.76 -9.51
C ARG A 8 -0.86 4.19 -8.41
N MET A 9 -1.77 3.31 -8.80
CA MET A 9 -2.62 2.62 -7.85
C MET A 9 -1.82 1.54 -7.15
N PHE A 10 -1.01 0.85 -7.93
CA PHE A 10 -0.16 -0.21 -7.40
C PHE A 10 1.17 0.36 -6.92
N LYS A 11 1.14 1.05 -5.78
CA LYS A 11 2.34 1.58 -5.17
C LYS A 11 3.01 0.48 -4.35
N ARG A 12 2.17 -0.41 -3.84
CA ARG A 12 2.62 -1.59 -3.12
C ARG A 12 1.65 -2.73 -3.38
N VAL A 13 1.39 -2.94 -4.67
CA VAL A 13 0.43 -3.94 -5.14
C VAL A 13 -0.97 -3.62 -4.60
N GLY A 14 -1.41 -2.40 -4.83
CA GLY A 14 -2.73 -1.97 -4.39
C GLY A 14 -3.83 -2.51 -5.29
N CYS A 15 -4.14 -3.79 -5.12
CA CYS A 15 -5.20 -4.44 -5.89
C CYS A 15 -6.57 -3.82 -5.62
N GLY A 16 -6.68 -3.09 -4.52
CA GLY A 16 -7.95 -2.49 -4.14
C GLY A 16 -8.92 -3.47 -3.50
N GLU A 17 -8.57 -4.75 -3.46
CA GLU A 17 -9.48 -5.78 -2.95
C GLU A 17 -9.03 -6.33 -1.60
N CYS A 18 -7.72 -6.38 -1.37
CA CYS A 18 -7.19 -6.90 -0.11
C CYS A 18 -7.39 -5.87 0.99
N ALA A 19 -7.41 -6.31 2.24
CA ALA A 19 -7.62 -5.42 3.38
C ALA A 19 -6.78 -4.14 3.26
N ALA A 20 -5.47 -4.29 3.32
CA ALA A 20 -4.53 -3.17 3.18
C ALA A 20 -4.67 -2.50 1.81
N CYS A 21 -5.10 -3.27 0.82
CA CYS A 21 -5.28 -2.76 -0.53
C CYS A 21 -6.55 -1.92 -0.67
N GLN A 22 -7.48 -2.06 0.28
CA GLN A 22 -8.68 -1.24 0.33
C GLN A 22 -8.40 0.03 1.12
N VAL A 23 -7.40 -0.05 1.98
CA VAL A 23 -6.96 1.09 2.78
C VAL A 23 -6.26 2.11 1.89
N THR A 24 -6.50 3.38 2.12
CA THR A 24 -5.96 4.42 1.25
C THR A 24 -4.85 5.22 1.92
N GLU A 25 -4.96 5.43 3.23
CA GLU A 25 -3.98 6.22 3.95
C GLU A 25 -3.28 5.37 4.99
N ASP A 26 -2.26 5.92 5.63
CA ASP A 26 -1.55 5.20 6.68
C ASP A 26 -2.46 5.02 7.89
N CYS A 27 -2.47 3.80 8.42
CA CYS A 27 -3.35 3.43 9.51
C CYS A 27 -3.09 4.22 10.79
N GLY A 28 -1.87 4.71 10.94
CA GLY A 28 -1.49 5.43 12.15
C GLY A 28 -1.25 4.51 13.34
N ALA A 29 -0.99 3.23 13.08
CA ALA A 29 -0.72 2.28 14.16
C ALA A 29 0.54 1.42 13.93
N CYS A 30 1.32 1.72 12.90
CA CYS A 30 2.59 1.01 12.71
C CYS A 30 3.72 1.92 13.14
N SER A 31 4.63 1.40 13.93
CA SER A 31 5.83 2.16 14.32
C SER A 31 6.53 2.71 13.08
N THR A 32 6.27 2.08 11.94
CA THR A 32 6.78 2.52 10.66
C THR A 32 5.96 3.71 10.12
N CYS A 33 4.63 3.55 10.05
CA CYS A 33 3.78 4.61 9.48
C CYS A 33 3.64 5.81 10.42
N LEU A 34 4.07 5.65 11.67
CA LEU A 34 4.07 6.76 12.62
C LEU A 34 5.22 7.72 12.35
N LEU A 35 6.10 7.33 11.43
CA LEU A 35 7.22 8.18 11.05
C LEU A 35 6.75 9.25 10.08
N GLN A 36 6.13 8.83 8.98
CA GLN A 36 5.65 9.75 7.94
C GLN A 36 6.77 10.66 7.46
N LEU A 37 7.73 10.08 6.78
CA LEU A 37 8.90 10.80 6.30
C LEU A 37 8.57 11.57 5.03
N PRO A 38 9.30 12.68 4.77
CA PRO A 38 9.05 13.56 3.62
C PRO A 38 9.10 12.82 2.28
N HIS A 39 7.93 12.39 1.81
CA HIS A 39 7.78 11.70 0.53
C HIS A 39 8.47 10.33 0.56
N ASP A 40 7.77 9.34 1.10
CA ASP A 40 8.28 7.98 1.10
C ASP A 40 8.34 7.46 -0.34
N VAL A 41 9.50 6.98 -0.75
CA VAL A 41 9.69 6.55 -2.14
C VAL A 41 9.80 5.03 -2.24
N ALA A 42 9.92 4.53 -3.46
CA ALA A 42 10.00 3.10 -3.70
C ALA A 42 11.44 2.61 -3.64
N SER A 43 12.36 3.46 -4.09
CA SER A 43 13.77 3.11 -4.11
C SER A 43 14.31 2.93 -2.69
N GLY A 44 14.31 4.01 -1.92
CA GLY A 44 14.73 3.93 -0.54
C GLY A 44 13.60 4.29 0.40
N LEU A 45 13.96 4.66 1.63
CA LEU A 45 12.98 5.06 2.65
C LEU A 45 12.13 3.88 3.12
N PHE A 46 11.73 3.90 4.38
CA PHE A 46 10.91 2.85 4.92
C PHE A 46 10.03 3.39 6.05
N CYS A 47 9.08 4.22 5.68
CA CYS A 47 8.05 4.67 6.60
C CYS A 47 6.70 4.17 6.10
N LYS A 48 6.75 3.00 5.47
CA LYS A 48 5.61 2.44 4.78
C LYS A 48 4.70 1.68 5.74
N CYS A 49 3.47 2.16 5.88
CA CYS A 49 2.46 1.51 6.69
C CYS A 49 2.29 0.04 6.29
N GLU A 50 2.47 -0.85 7.25
CA GLU A 50 2.35 -2.27 7.02
C GLU A 50 0.91 -2.65 6.66
N ARG A 51 -0.02 -1.78 7.01
CA ARG A 51 -1.42 -1.98 6.67
C ARG A 51 -1.75 -1.29 5.35
N ARG A 52 -0.73 -1.04 4.55
CA ARG A 52 -0.90 -0.50 3.21
C ARG A 52 -0.26 -1.41 2.18
N ARG A 53 0.56 -2.32 2.64
CA ARG A 53 1.22 -3.28 1.77
C ARG A 53 0.30 -4.46 1.52
N CYS A 54 0.24 -4.90 0.28
CA CYS A 54 -0.59 -6.03 -0.10
C CYS A 54 -0.27 -7.25 0.77
N LEU A 55 -1.28 -7.73 1.48
CA LEU A 55 -1.16 -8.89 2.33
C LEU A 55 -1.19 -10.17 1.52
N ARG A 56 -1.77 -10.09 0.32
CA ARG A 56 -1.99 -11.23 -0.53
C ARG A 56 -1.88 -10.82 -1.98
N ILE A 57 -0.64 -10.66 -2.44
CA ILE A 57 -0.38 -10.28 -3.82
C ILE A 57 -0.96 -11.31 -4.80
N VAL A 58 -2.13 -11.00 -5.32
CA VAL A 58 -2.82 -11.89 -6.25
C VAL A 58 -2.91 -11.25 -7.63
N GLU A 59 -3.28 -12.07 -8.62
CA GLU A 59 -3.38 -11.65 -10.01
C GLU A 59 -2.11 -10.95 -10.45
N ARG A 60 -1.00 -11.68 -10.42
CA ARG A 60 0.31 -11.12 -10.71
C ARG A 60 0.58 -11.18 -12.21
N SER A 61 1.43 -10.28 -12.68
CA SER A 61 1.83 -10.27 -14.07
C SER A 61 3.26 -10.79 -14.19
#